data_1GTT
#
_entry.id   1GTT
#
_cell.length_a   126.084
_cell.length_b   138.201
_cell.length_c   103.973
_cell.angle_alpha   90.00
_cell.angle_beta   90.00
_cell.angle_gamma   90.00
#
_symmetry.space_group_name_H-M   'P 21 21 21'
#
loop_
_entity.id
_entity.type
_entity.pdbx_description
1 polymer '4-HYDROXYPHENYLACETATE DEGRADATION BIFUNCTIONAL ISOMERASE/DECARBOXYLASE'
2 non-polymer 'CALCIUM ION'
3 water water
#
_entity_poly.entity_id   1
_entity_poly.type   'polypeptide(L)'
_entity_poly.pdbx_seq_one_letter_code
;MKGTIFAVALNHRSQLDAWQEAFQQSPYKAPPKTAVWFIKPRNTVIGCGEPIPFPQGEKVLSGATVALIVGKTATKVREE
DAAEYIAGYALANDVSLPEESFYRPAIKAKCRDGFCPIGETVALSNVDNLTIYTEINGRPADHWNTADLQRNAAQLLSAL
SEFATLNPGDAILLGTPQARVEIQPGDRVRVLAEGFPPLENPVVDEREVTTRKSFPTLPHPHGTLFALGLNYADHASELE
FKPPEEPLVFLKAPNTLTGDNQTSVRPNNIEYMHYEAELVVVIGKQARNVSEADAMDYVAGYTVCNDYAIRDYLENYYRP
NLRVKSRDGLTPMLSTIVPKEAIPDPHNLTLRTFVNGELRQQGTTADLIFSVPFLIAYLSEFMTLNPGDMIATGTPKGLS
DVVPGDEVVVEVEGVGRLVNRIVSEETAK
;
_entity_poly.pdbx_strand_id   A,B,C,D
#
loop_
_chem_comp.id
_chem_comp.type
_chem_comp.name
_chem_comp.formula
CA non-polymer 'CALCIUM ION' 'Ca 2'
#
# COMPACT_ATOMS: atom_id res chain seq x y z
N MET A 1 -22.54 -19.59 9.33
CA MET A 1 -21.47 -18.76 8.72
C MET A 1 -21.67 -18.71 7.20
N LYS A 2 -21.25 -19.81 6.62
CA LYS A 2 -20.95 -19.98 5.22
C LYS A 2 -20.88 -21.51 5.00
N GLY A 3 -20.61 -22.27 6.07
CA GLY A 3 -20.74 -23.70 5.98
C GLY A 3 -22.14 -24.17 6.38
N THR A 4 -22.34 -25.50 6.42
CA THR A 4 -23.65 -26.07 6.87
C THR A 4 -23.82 -25.85 8.34
N ILE A 5 -25.02 -25.47 8.77
CA ILE A 5 -25.30 -25.29 10.16
C ILE A 5 -26.16 -26.47 10.55
N PHE A 6 -25.57 -27.38 11.28
CA PHE A 6 -26.31 -28.46 11.95
C PHE A 6 -26.74 -27.97 13.34
N ALA A 7 -27.69 -28.65 13.93
CA ALA A 7 -28.21 -28.30 15.25
C ALA A 7 -28.75 -29.56 15.93
N VAL A 8 -28.66 -29.61 17.25
CA VAL A 8 -29.30 -30.68 18.02
C VAL A 8 -30.55 -30.23 18.78
N ALA A 9 -31.57 -31.08 18.64
CA ALA A 9 -32.84 -30.96 19.36
C ALA A 9 -32.84 -31.94 20.50
N LEU A 10 -33.66 -31.63 21.51
CA LEU A 10 -33.87 -32.49 22.66
C LEU A 10 -32.54 -32.76 23.44
N ASN A 11 -31.62 -31.81 23.44
CA ASN A 11 -30.35 -32.00 24.14
C ASN A 11 -30.31 -31.37 25.52
N HIS A 12 -31.38 -30.70 25.95
CA HIS A 12 -31.37 -29.97 27.22
C HIS A 12 -32.26 -30.74 28.21
N ARG A 13 -31.71 -31.06 29.39
CA ARG A 13 -32.38 -31.95 30.34
C ARG A 13 -33.77 -31.43 30.76
N SER A 14 -33.95 -30.13 30.79
CA SER A 14 -35.28 -29.51 31.07
C SER A 14 -36.35 -29.95 30.08
N GLN A 15 -35.97 -30.10 28.82
CA GLN A 15 -36.92 -30.53 27.78
C GLN A 15 -37.16 -32.03 27.81
N LEU A 16 -36.10 -32.78 28.09
CA LEU A 16 -36.21 -34.19 28.19
C LEU A 16 -37.15 -34.48 29.37
N ASP A 17 -37.03 -33.70 30.42
CA ASP A 17 -37.84 -33.90 31.64
C ASP A 17 -39.29 -33.58 31.28
N ALA A 18 -39.50 -32.42 30.67
CA ALA A 18 -40.84 -31.96 30.28
C ALA A 18 -41.58 -32.93 29.36
N TRP A 19 -40.84 -33.58 28.45
CA TRP A 19 -41.41 -34.47 27.44
C TRP A 19 -41.41 -35.98 27.81
N GLN A 20 -40.93 -36.33 29.00
CA GLN A 20 -40.81 -37.73 29.42
C GLN A 20 -42.07 -38.62 29.21
N GLU A 21 -43.21 -38.11 29.67
CA GLU A 21 -44.52 -38.76 29.60
C GLU A 21 -45.00 -38.86 28.14
N ALA A 22 -44.74 -37.83 27.34
CA ALA A 22 -45.17 -37.82 25.94
C ALA A 22 -44.35 -38.82 25.15
N PHE A 23 -43.06 -38.94 25.50
CA PHE A 23 -42.14 -39.81 24.76
C PHE A 23 -42.40 -41.32 24.96
N GLN A 24 -43.26 -41.67 25.93
CA GLN A 24 -43.68 -43.07 26.13
C GLN A 24 -44.86 -43.46 25.24
N GLN A 25 -45.46 -42.48 24.58
CA GLN A 25 -46.71 -42.69 23.86
C GLN A 25 -46.63 -42.36 22.39
N SER A 26 -47.57 -42.88 21.62
CA SER A 26 -47.67 -42.54 20.21
C SER A 26 -47.69 -41.02 20.05
N PRO A 27 -47.03 -40.49 19.01
CA PRO A 27 -46.34 -41.29 17.99
C PRO A 27 -44.88 -41.64 18.28
N TYR A 28 -44.36 -41.25 19.45
CA TYR A 28 -42.95 -41.42 19.81
C TYR A 28 -42.63 -42.82 20.27
N LYS A 29 -43.56 -43.42 21.00
CA LYS A 29 -43.49 -44.81 21.53
C LYS A 29 -42.46 -44.94 22.63
N ALA A 30 -41.24 -44.54 22.31
CA ALA A 30 -40.10 -44.60 23.20
C ALA A 30 -39.25 -43.31 23.09
N PRO A 31 -38.53 -42.95 24.17
CA PRO A 31 -37.61 -41.79 24.14
C PRO A 31 -36.47 -41.93 23.09
N PRO A 32 -35.87 -40.79 22.70
CA PRO A 32 -34.83 -40.83 21.67
C PRO A 32 -33.71 -41.79 22.07
N LYS A 33 -33.24 -42.67 21.22
CA LYS A 33 -32.05 -43.41 21.63
C LYS A 33 -30.83 -42.57 21.20
N THR A 34 -30.82 -42.16 19.96
CA THR A 34 -29.72 -41.36 19.46
C THR A 34 -30.06 -39.87 19.39
N ALA A 35 -29.06 -39.09 18.97
CA ALA A 35 -29.20 -37.65 18.93
C ALA A 35 -30.19 -37.27 17.83
N VAL A 36 -30.95 -36.24 18.10
CA VAL A 36 -31.96 -35.73 17.20
C VAL A 36 -31.42 -34.51 16.53
N TRP A 37 -31.16 -34.61 15.24
CA TRP A 37 -30.52 -33.53 14.47
C TRP A 37 -31.49 -32.76 13.59
N PHE A 38 -31.12 -31.50 13.34
CA PHE A 38 -31.75 -30.69 12.32
C PHE A 38 -30.71 -29.79 11.67
N ILE A 39 -31.13 -29.14 10.60
CA ILE A 39 -30.28 -28.23 9.79
C ILE A 39 -30.93 -26.87 9.64
N LYS A 40 -30.13 -25.82 9.75
CA LYS A 40 -30.58 -24.44 9.52
C LYS A 40 -30.00 -24.06 8.14
N PRO A 41 -30.80 -24.11 7.09
CA PRO A 41 -30.29 -23.97 5.73
C PRO A 41 -29.92 -22.53 5.41
N ARG A 42 -29.23 -22.31 4.29
CA ARG A 42 -28.58 -21.03 4.04
C ARG A 42 -29.47 -19.79 4.06
N ASN A 43 -30.78 -19.93 3.82
CA ASN A 43 -31.66 -18.78 3.84
C ASN A 43 -31.83 -18.25 5.25
N THR A 44 -31.52 -19.07 6.23
CA THR A 44 -31.68 -18.73 7.63
C THR A 44 -30.51 -17.96 8.15
N VAL A 45 -29.35 -18.14 7.56
CA VAL A 45 -28.15 -17.73 8.23
C VAL A 45 -27.88 -16.24 8.06
N ILE A 46 -27.83 -15.50 9.17
CA ILE A 46 -27.48 -14.07 9.15
C ILE A 46 -26.44 -13.73 10.21
N GLY A 47 -25.78 -12.59 10.02
CA GLY A 47 -24.81 -12.11 10.98
C GLY A 47 -25.42 -11.14 11.98
N CYS A 48 -24.58 -10.66 12.86
CA CYS A 48 -24.96 -9.61 13.77
C CYS A 48 -25.50 -8.36 13.05
N GLY A 49 -26.58 -7.81 13.62
CA GLY A 49 -27.22 -6.59 13.15
C GLY A 49 -28.24 -6.77 12.04
N GLU A 50 -28.32 -7.98 11.49
CA GLU A 50 -29.20 -8.23 10.41
C GLU A 50 -30.54 -8.56 11.05
N PRO A 51 -31.63 -8.20 10.37
CA PRO A 51 -32.96 -8.42 10.95
C PRO A 51 -33.45 -9.83 10.90
N ILE A 52 -34.31 -10.16 11.83
CA ILE A 52 -35.02 -11.40 11.84
C ILE A 52 -36.37 -11.03 11.26
N PRO A 53 -36.73 -11.46 10.06
CA PRO A 53 -38.07 -11.12 9.54
C PRO A 53 -39.16 -11.89 10.23
N PHE A 54 -40.18 -11.17 10.69
CA PHE A 54 -41.23 -11.75 11.53
C PHE A 54 -42.45 -12.13 10.70
N PRO A 55 -42.86 -13.39 10.70
CA PRO A 55 -44.03 -13.78 9.91
C PRO A 55 -45.33 -13.42 10.60
N GLN A 56 -46.13 -12.61 9.90
CA GLN A 56 -47.33 -12.07 10.54
C GLN A 56 -48.23 -13.22 10.97
N GLY A 57 -48.89 -13.06 12.11
CA GLY A 57 -49.80 -14.10 12.61
C GLY A 57 -49.20 -15.14 13.54
N GLU A 58 -47.90 -15.36 13.44
CA GLU A 58 -47.23 -16.48 14.06
C GLU A 58 -46.73 -16.05 15.44
N LYS A 59 -46.45 -17.00 16.31
CA LYS A 59 -45.72 -16.73 17.53
C LYS A 59 -44.26 -17.18 17.26
N VAL A 60 -43.32 -16.29 17.54
CA VAL A 60 -41.89 -16.54 17.35
C VAL A 60 -41.11 -16.48 18.65
N LEU A 61 -40.17 -17.42 18.82
CA LEU A 61 -39.39 -17.57 20.02
C LEU A 61 -37.92 -17.44 19.66
N SER A 62 -37.22 -16.64 20.45
CA SER A 62 -35.77 -16.62 20.45
C SER A 62 -35.23 -17.96 20.94
N GLY A 63 -34.00 -18.27 20.56
CA GLY A 63 -33.37 -19.54 20.90
C GLY A 63 -31.89 -19.35 21.06
N ALA A 64 -31.51 -18.47 21.99
CA ALA A 64 -30.09 -18.28 22.30
C ALA A 64 -29.37 -19.59 22.59
N THR A 65 -28.22 -19.74 21.97
CA THR A 65 -27.42 -20.93 22.10
C THR A 65 -25.97 -20.62 21.70
N VAL A 66 -25.14 -21.66 21.72
CA VAL A 66 -23.77 -21.49 21.17
C VAL A 66 -23.52 -22.57 20.16
N ALA A 67 -22.63 -22.30 19.22
CA ALA A 67 -22.33 -23.29 18.23
C ALA A 67 -20.85 -23.59 18.21
N LEU A 68 -20.48 -24.88 18.06
CA LEU A 68 -19.09 -25.28 17.78
C LEU A 68 -18.86 -25.04 16.30
N ILE A 69 -17.68 -24.49 15.96
CA ILE A 69 -17.28 -24.24 14.59
C ILE A 69 -16.11 -25.17 14.24
N VAL A 70 -16.30 -25.98 13.20
CA VAL A 70 -15.34 -27.01 12.80
C VAL A 70 -14.11 -26.30 12.11
N GLY A 71 -12.93 -26.72 12.49
CA GLY A 71 -11.71 -26.13 11.98
C GLY A 71 -10.93 -26.98 10.96
N LYS A 72 -11.24 -28.27 10.89
CA LYS A 72 -10.71 -29.15 9.81
C LYS A 72 -11.63 -30.34 9.62
N THR A 73 -11.49 -30.96 8.46
CA THR A 73 -12.40 -32.03 8.05
C THR A 73 -12.59 -33.03 9.17
N ALA A 74 -13.86 -33.23 9.55
CA ALA A 74 -14.21 -34.01 10.69
C ALA A 74 -15.02 -35.22 10.23
N THR A 75 -14.36 -36.36 10.22
CA THR A 75 -14.98 -37.64 9.87
C THR A 75 -14.62 -38.63 10.99
N LYS A 76 -15.64 -39.14 11.67
CA LYS A 76 -15.43 -40.11 12.76
C LYS A 76 -14.48 -39.62 13.82
N VAL A 77 -14.75 -38.40 14.25
CA VAL A 77 -13.94 -37.74 15.24
C VAL A 77 -14.08 -38.48 16.56
N ARG A 78 -12.96 -38.82 17.18
CA ARG A 78 -13.01 -39.42 18.53
C ARG A 78 -13.31 -38.40 19.59
N GLU A 79 -14.17 -38.77 20.52
CA GLU A 79 -14.60 -37.81 21.51
C GLU A 79 -13.40 -37.06 22.13
N GLU A 80 -12.40 -37.81 22.64
CA GLU A 80 -11.25 -37.24 23.36
C GLU A 80 -10.37 -36.28 22.53
N ASP A 81 -10.51 -36.37 21.22
CA ASP A 81 -9.73 -35.53 20.31
C ASP A 81 -10.56 -34.40 19.66
N ALA A 82 -11.76 -34.14 20.14
CA ALA A 82 -12.62 -33.17 19.50
C ALA A 82 -12.04 -31.75 19.38
N ALA A 83 -11.32 -31.30 20.41
CA ALA A 83 -10.87 -29.90 20.50
C ALA A 83 -9.99 -29.63 19.33
N GLU A 84 -9.29 -30.66 18.85
CA GLU A 84 -8.35 -30.39 17.75
C GLU A 84 -9.06 -30.14 16.39
N TYR A 85 -10.35 -30.54 16.29
CA TYR A 85 -11.18 -30.30 15.12
C TYR A 85 -12.07 -29.07 15.26
N ILE A 86 -12.05 -28.41 16.42
CA ILE A 86 -12.93 -27.26 16.68
C ILE A 86 -12.09 -25.98 16.61
N ALA A 87 -12.36 -25.13 15.61
CA ALA A 87 -11.71 -23.83 15.47
C ALA A 87 -12.07 -22.88 16.62
N GLY A 88 -13.25 -23.06 17.21
CA GLY A 88 -13.78 -22.20 18.23
C GLY A 88 -15.29 -22.31 18.32
N TYR A 89 -15.88 -21.29 18.91
CA TYR A 89 -17.32 -21.28 19.24
C TYR A 89 -17.93 -19.91 18.91
N ALA A 90 -19.22 -19.93 18.59
CA ALA A 90 -19.94 -18.72 18.26
C ALA A 90 -21.33 -18.73 18.90
N LEU A 91 -21.72 -17.54 19.37
CA LEU A 91 -23.06 -17.32 19.86
C LEU A 91 -23.95 -17.50 18.64
N ALA A 92 -25.17 -18.01 18.84
CA ALA A 92 -26.10 -18.21 17.78
C ALA A 92 -27.51 -18.12 18.35
N ASN A 93 -28.47 -18.15 17.45
CA ASN A 93 -29.87 -17.99 17.80
C ASN A 93 -30.71 -18.86 16.97
N ASP A 94 -31.22 -19.97 17.56
CA ASP A 94 -32.14 -20.84 16.86
C ASP A 94 -33.52 -20.23 16.95
N VAL A 95 -33.78 -19.24 16.12
CA VAL A 95 -35.11 -18.60 16.12
C VAL A 95 -36.16 -19.61 15.64
N SER A 96 -37.32 -19.70 16.31
CA SER A 96 -38.25 -20.80 15.99
C SER A 96 -39.70 -20.45 16.36
N LEU A 97 -40.62 -20.98 15.57
CA LEU A 97 -42.01 -21.13 16.03
C LEU A 97 -42.01 -22.17 17.12
N PRO A 98 -43.10 -22.23 17.93
CA PRO A 98 -43.17 -23.19 19.02
C PRO A 98 -42.82 -24.65 18.65
N GLU A 99 -42.13 -25.28 19.58
CA GLU A 99 -41.76 -26.68 19.46
C GLU A 99 -42.91 -27.52 20.05
N GLU A 100 -43.98 -27.62 19.29
CA GLU A 100 -45.19 -28.35 19.71
C GLU A 100 -45.11 -29.84 19.38
N SER A 101 -44.26 -30.26 18.43
CA SER A 101 -44.12 -31.67 18.10
C SER A 101 -42.66 -31.92 17.70
N PHE A 102 -42.17 -33.09 18.03
CA PHE A 102 -40.84 -33.53 17.60
C PHE A 102 -40.92 -34.73 16.64
N TYR A 103 -42.11 -35.08 16.12
CA TYR A 103 -42.28 -36.27 15.33
C TYR A 103 -41.82 -36.08 13.90
N ARG A 104 -42.43 -35.14 13.22
CA ARG A 104 -42.06 -34.72 11.87
C ARG A 104 -41.04 -33.59 11.89
N PRO A 105 -40.20 -33.49 10.87
CA PRO A 105 -39.24 -32.37 10.86
C PRO A 105 -39.92 -31.02 10.92
N ALA A 106 -39.27 -30.12 11.62
CA ALA A 106 -39.83 -28.82 11.95
C ALA A 106 -39.35 -27.72 10.97
N ILE A 107 -39.75 -27.87 9.73
CA ILE A 107 -39.26 -27.02 8.65
C ILE A 107 -39.92 -25.67 8.68
N LYS A 108 -41.23 -25.60 8.75
CA LYS A 108 -41.88 -24.30 8.94
C LYS A 108 -41.43 -23.55 10.19
N ALA A 109 -41.10 -24.30 11.23
CA ALA A 109 -40.83 -23.68 12.51
C ALA A 109 -39.47 -23.07 12.56
N LYS A 110 -38.54 -23.67 11.83
CA LYS A 110 -37.12 -23.42 12.04
C LYS A 110 -36.37 -22.95 10.83
N CYS A 111 -36.92 -23.10 9.63
CA CYS A 111 -36.13 -22.84 8.38
C CYS A 111 -36.59 -21.59 7.64
N ARG A 112 -37.29 -20.71 8.33
CA ARG A 112 -37.73 -19.39 7.80
C ARG A 112 -36.53 -18.46 7.60
N ASP A 113 -36.66 -17.50 6.68
CA ASP A 113 -35.58 -16.57 6.36
C ASP A 113 -35.12 -15.87 7.64
N GLY A 114 -33.80 -15.75 7.82
CA GLY A 114 -33.21 -15.05 8.94
C GLY A 114 -33.41 -15.69 10.28
N PHE A 115 -33.82 -16.95 10.32
CA PHE A 115 -34.02 -17.62 11.59
C PHE A 115 -32.80 -18.24 12.23
N CYS A 116 -31.60 -17.91 11.77
CA CYS A 116 -30.38 -18.37 12.39
C CYS A 116 -29.27 -17.29 12.42
N PRO A 117 -29.44 -16.25 13.25
CA PRO A 117 -28.31 -15.40 13.62
C PRO A 117 -27.14 -16.23 14.14
N ILE A 118 -25.95 -15.93 13.66
CA ILE A 118 -24.75 -16.51 14.23
C ILE A 118 -23.65 -15.44 14.26
N GLY A 119 -22.92 -15.41 15.37
CA GLY A 119 -21.90 -14.39 15.53
C GLY A 119 -20.49 -14.86 15.27
N GLU A 120 -19.58 -14.13 15.93
CA GLU A 120 -18.11 -14.22 15.76
C GLU A 120 -17.59 -15.52 16.36
N THR A 121 -16.73 -16.23 15.63
CA THR A 121 -16.01 -17.36 16.19
C THR A 121 -14.94 -16.90 17.17
N VAL A 122 -14.98 -17.46 18.36
CA VAL A 122 -14.03 -17.19 19.41
C VAL A 122 -13.29 -18.47 19.72
N ALA A 123 -11.96 -18.39 19.81
CA ALA A 123 -11.12 -19.54 20.11
C ALA A 123 -11.02 -19.95 21.56
N LEU A 124 -12.09 -20.38 22.16
CA LEU A 124 -12.06 -20.91 23.50
C LEU A 124 -11.74 -22.40 23.56
N SER A 125 -11.29 -22.85 24.72
CA SER A 125 -10.89 -24.22 24.94
C SER A 125 -12.07 -25.16 25.09
N ASN A 126 -13.13 -24.63 25.68
CA ASN A 126 -14.36 -25.37 25.86
C ASN A 126 -15.48 -24.36 26.10
N VAL A 127 -16.71 -24.84 26.20
CA VAL A 127 -17.85 -24.05 26.63
C VAL A 127 -18.58 -24.80 27.77
N ASP A 128 -17.79 -25.39 28.67
CA ASP A 128 -18.32 -26.09 29.83
C ASP A 128 -18.90 -25.07 30.80
N ASN A 129 -20.04 -25.37 31.39
CA ASN A 129 -20.56 -24.55 32.49
C ASN A 129 -20.71 -23.10 32.05
N LEU A 130 -21.18 -22.92 30.82
CA LEU A 130 -21.36 -21.59 30.27
C LEU A 130 -22.83 -21.14 30.37
N THR A 131 -23.06 -19.97 30.97
CA THR A 131 -24.37 -19.36 31.01
C THR A 131 -24.58 -18.51 29.76
N ILE A 132 -25.63 -18.86 29.02
CA ILE A 132 -26.03 -18.15 27.85
C ILE A 132 -27.23 -17.29 28.19
N TYR A 133 -27.08 -15.99 27.96
CA TYR A 133 -28.08 -14.95 28.29
C TYR A 133 -28.82 -14.38 27.10
N THR A 134 -30.10 -14.07 27.27
CA THR A 134 -30.86 -13.33 26.31
C THR A 134 -31.37 -12.05 26.93
N GLU A 135 -31.22 -10.93 26.25
CA GLU A 135 -31.82 -9.63 26.56
C GLU A 135 -32.74 -9.22 25.42
N ILE A 136 -33.86 -8.59 25.77
CA ILE A 136 -34.81 -8.11 24.79
C ILE A 136 -34.97 -6.63 25.10
N ASN A 137 -34.63 -5.77 24.15
CA ASN A 137 -34.76 -4.32 24.33
C ASN A 137 -33.90 -3.89 25.51
N GLY A 138 -32.81 -4.63 25.72
CA GLY A 138 -31.83 -4.32 26.73
C GLY A 138 -32.23 -4.73 28.13
N ARG A 139 -33.34 -5.46 28.27
CA ARG A 139 -33.75 -6.07 29.55
C ARG A 139 -33.41 -7.56 29.59
N PRO A 140 -32.84 -8.04 30.68
CA PRO A 140 -32.61 -9.49 30.87
C PRO A 140 -33.90 -10.28 30.69
N ALA A 141 -33.88 -11.35 29.90
CA ALA A 141 -35.13 -12.09 29.60
C ALA A 141 -34.99 -13.60 29.84
N ASP A 142 -33.78 -14.12 29.70
CA ASP A 142 -33.54 -15.54 29.85
C ASP A 142 -32.06 -15.81 30.11
N HIS A 143 -31.82 -16.88 30.84
CA HIS A 143 -30.51 -17.50 30.95
C HIS A 143 -30.62 -19.02 31.16
N TRP A 144 -29.65 -19.75 30.61
CA TRP A 144 -29.54 -21.17 30.85
C TRP A 144 -28.08 -21.56 30.78
N ASN A 145 -27.76 -22.80 31.12
CA ASN A 145 -26.38 -23.24 31.27
C ASN A 145 -26.09 -24.54 30.53
N THR A 146 -24.99 -24.52 29.77
CA THR A 146 -24.57 -25.71 29.00
C THR A 146 -24.29 -26.98 29.84
N ALA A 147 -24.09 -26.84 31.15
CA ALA A 147 -23.92 -27.99 31.99
C ALA A 147 -25.18 -28.82 32.04
N ASP A 148 -26.33 -28.25 31.65
CA ASP A 148 -27.61 -28.99 31.65
C ASP A 148 -27.92 -29.74 30.32
N LEU A 149 -26.98 -29.69 29.37
CA LEU A 149 -27.09 -30.38 28.11
C LEU A 149 -26.67 -31.86 28.30
N GLN A 150 -27.33 -32.76 27.59
CA GLN A 150 -27.08 -34.19 27.68
C GLN A 150 -25.75 -34.57 27.05
N ARG A 151 -25.56 -34.16 25.81
CA ARG A 151 -24.32 -34.28 25.05
C ARG A 151 -23.61 -32.91 24.99
N ASN A 152 -22.33 -32.91 25.39
CA ASN A 152 -21.50 -31.74 25.30
C ASN A 152 -20.96 -31.58 23.88
N ALA A 153 -20.17 -30.55 23.68
CA ALA A 153 -19.70 -30.19 22.31
C ALA A 153 -18.88 -31.34 21.69
N ALA A 154 -17.93 -31.86 22.44
CA ALA A 154 -17.17 -33.04 22.03
C ALA A 154 -18.01 -34.20 21.60
N GLN A 155 -19.00 -34.52 22.44
CA GLN A 155 -19.85 -35.62 22.16
C GLN A 155 -20.73 -35.41 20.93
N LEU A 156 -21.24 -34.21 20.73
CA LEU A 156 -22.02 -33.86 19.53
C LEU A 156 -21.21 -33.99 18.25
N LEU A 157 -20.01 -33.42 18.24
CA LEU A 157 -19.11 -33.54 17.10
C LEU A 157 -18.78 -34.95 16.72
N SER A 158 -18.45 -35.76 17.72
CA SER A 158 -18.24 -37.19 17.53
C SER A 158 -19.51 -37.92 17.04
N ALA A 159 -20.64 -37.65 17.66
CA ALA A 159 -21.85 -38.31 17.27
C ALA A 159 -22.34 -37.99 15.85
N LEU A 160 -22.20 -36.75 15.42
CA LEU A 160 -22.65 -36.37 14.10
C LEU A 160 -21.64 -36.82 13.02
N SER A 161 -20.38 -36.58 13.26
CA SER A 161 -19.33 -36.97 12.30
C SER A 161 -19.10 -38.43 12.14
N GLU A 162 -19.71 -39.25 12.99
CA GLU A 162 -19.61 -40.70 12.94
C GLU A 162 -20.19 -41.16 11.59
N PHE A 163 -21.19 -40.44 11.06
CA PHE A 163 -21.89 -40.85 9.80
C PHE A 163 -22.01 -39.71 8.82
N ALA A 164 -21.81 -38.45 9.26
CA ALA A 164 -21.85 -37.22 8.42
C ALA A 164 -20.56 -36.38 8.53
N THR A 165 -19.76 -36.35 7.47
CA THR A 165 -18.53 -35.58 7.52
C THR A 165 -18.81 -34.09 7.61
N LEU A 166 -18.09 -33.37 8.46
CA LEU A 166 -18.25 -31.93 8.53
C LEU A 166 -17.02 -31.30 7.90
N ASN A 167 -17.23 -30.23 7.19
CA ASN A 167 -16.11 -29.49 6.57
C ASN A 167 -15.69 -28.31 7.45
N PRO A 168 -14.49 -27.77 7.26
CA PRO A 168 -14.09 -26.55 7.95
C PRO A 168 -15.12 -25.46 7.69
N GLY A 169 -15.57 -24.84 8.77
CA GLY A 169 -16.51 -23.77 8.71
C GLY A 169 -17.94 -24.19 8.96
N ASP A 170 -18.19 -25.50 9.00
CA ASP A 170 -19.51 -26.00 9.37
C ASP A 170 -19.69 -25.79 10.85
N ALA A 171 -20.94 -25.84 11.32
CA ALA A 171 -21.19 -25.56 12.70
C ALA A 171 -22.16 -26.59 13.25
N ILE A 172 -22.19 -26.68 14.57
CA ILE A 172 -23.20 -27.44 15.25
C ILE A 172 -23.67 -26.53 16.42
N LEU A 173 -24.99 -26.28 16.43
CA LEU A 173 -25.66 -25.62 17.53
C LEU A 173 -25.87 -26.65 18.69
N LEU A 174 -25.49 -26.28 19.89
CA LEU A 174 -25.31 -27.23 20.99
C LEU A 174 -26.60 -27.54 21.65
N GLY A 175 -27.63 -26.81 21.28
CA GLY A 175 -28.94 -27.06 21.91
C GLY A 175 -29.63 -25.89 22.60
N THR A 176 -30.92 -26.11 22.97
CA THR A 176 -31.77 -25.07 23.61
C THR A 176 -32.68 -25.68 24.66
N PRO A 177 -32.96 -24.91 25.70
CA PRO A 177 -33.86 -25.39 26.77
C PRO A 177 -35.34 -25.42 26.37
N GLN A 178 -36.13 -26.08 27.21
CA GLN A 178 -37.56 -26.09 26.99
C GLN A 178 -38.13 -24.69 27.02
N ALA A 179 -37.68 -23.90 27.98
CA ALA A 179 -38.28 -22.61 28.19
C ALA A 179 -37.61 -21.56 27.31
N ARG A 180 -38.44 -20.86 26.56
CA ARG A 180 -37.95 -19.86 25.67
C ARG A 180 -38.70 -18.55 25.81
N VAL A 181 -38.10 -17.50 25.30
CA VAL A 181 -38.76 -16.21 25.29
C VAL A 181 -39.27 -15.77 23.91
N GLU A 182 -40.39 -15.09 23.94
CA GLU A 182 -41.08 -14.68 22.74
C GLU A 182 -40.51 -13.36 22.30
N ILE A 183 -40.37 -13.22 20.96
CA ILE A 183 -40.04 -11.96 20.33
C ILE A 183 -41.16 -11.49 19.41
N GLN A 184 -41.18 -10.19 19.15
CA GLN A 184 -42.22 -9.52 18.34
C GLN A 184 -41.55 -8.41 17.52
N PRO A 185 -42.16 -8.00 16.41
CA PRO A 185 -41.63 -6.88 15.64
C PRO A 185 -41.33 -5.66 16.50
N GLY A 186 -40.24 -4.97 16.20
CA GLY A 186 -39.69 -3.88 17.00
C GLY A 186 -38.69 -4.27 18.10
N ASP A 187 -38.66 -5.54 18.48
CA ASP A 187 -37.78 -6.01 19.54
C ASP A 187 -36.36 -6.03 19.03
N ARG A 188 -35.45 -5.81 19.94
CA ARG A 188 -34.02 -5.98 19.70
C ARG A 188 -33.62 -7.19 20.57
N VAL A 189 -33.11 -8.27 19.96
CA VAL A 189 -32.78 -9.48 20.69
C VAL A 189 -31.29 -9.70 20.74
N ARG A 190 -30.74 -9.82 21.94
CA ARG A 190 -29.30 -9.84 22.16
C ARG A 190 -28.92 -11.14 22.88
N VAL A 191 -27.95 -11.86 22.31
CA VAL A 191 -27.36 -13.03 22.96
C VAL A 191 -26.00 -12.65 23.54
N LEU A 192 -25.74 -13.12 24.77
CA LEU A 192 -24.57 -12.78 25.54
C LEU A 192 -24.00 -13.97 26.26
N ALA A 193 -22.67 -14.02 26.29
CA ALA A 193 -21.99 -14.97 27.16
C ALA A 193 -20.57 -14.57 27.44
N GLU A 194 -20.10 -14.98 28.62
CA GLU A 194 -18.75 -14.66 29.06
C GLU A 194 -17.77 -15.17 28.01
N GLY A 195 -16.87 -14.31 27.57
CA GLY A 195 -15.87 -14.66 26.59
C GLY A 195 -16.23 -14.41 25.11
N PHE A 196 -17.48 -14.01 24.85
CA PHE A 196 -17.98 -13.77 23.50
C PHE A 196 -18.44 -12.35 23.30
N PRO A 197 -18.29 -11.81 22.10
CA PRO A 197 -18.92 -10.53 21.74
C PRO A 197 -20.41 -10.75 21.60
N PRO A 198 -21.23 -9.88 22.15
CA PRO A 198 -22.68 -10.06 22.05
C PRO A 198 -23.15 -10.15 20.60
N LEU A 199 -24.20 -10.92 20.37
CA LEU A 199 -24.86 -11.02 19.06
C LEU A 199 -26.22 -10.35 19.21
N GLU A 200 -26.47 -9.36 18.37
CA GLU A 200 -27.69 -8.59 18.45
C GLU A 200 -28.40 -8.54 17.10
N ASN A 201 -29.70 -8.76 17.10
CA ASN A 201 -30.53 -8.67 15.91
C ASN A 201 -31.89 -8.02 16.18
N PRO A 202 -32.34 -7.14 15.30
CA PRO A 202 -33.67 -6.56 15.38
C PRO A 202 -34.67 -7.48 14.73
N VAL A 203 -35.87 -7.48 15.28
CA VAL A 203 -36.97 -8.24 14.72
C VAL A 203 -37.84 -7.27 14.00
N VAL A 204 -38.10 -7.55 12.73
CA VAL A 204 -38.81 -6.64 11.85
C VAL A 204 -39.94 -7.35 11.14
N ASP A 205 -41.09 -6.69 11.06
CA ASP A 205 -42.19 -7.19 10.25
C ASP A 205 -41.67 -7.62 8.85
N GLU A 206 -41.94 -8.85 8.43
CA GLU A 206 -41.36 -9.34 7.16
C GLU A 206 -41.74 -8.53 5.93
N ARG A 207 -42.91 -7.92 5.96
CA ARG A 207 -43.41 -7.04 4.89
C ARG A 207 -42.44 -5.88 4.61
N GLU A 208 -41.62 -5.52 5.60
CA GLU A 208 -40.74 -4.36 5.48
C GLU A 208 -39.32 -4.71 5.05
N VAL A 209 -38.95 -5.97 5.13
CA VAL A 209 -37.59 -6.40 4.82
C VAL A 209 -37.36 -6.48 3.32
N THR A 210 -36.29 -5.71 2.91
CA THR A 210 -36.05 -5.52 1.49
C THR A 210 -35.81 -6.84 0.77
N THR A 211 -34.95 -6.77 -0.27
CA THR A 211 -34.64 -7.98 -1.02
C THR A 211 -34.03 -9.06 -0.13
N ARG A 212 -34.19 -10.23 -0.47
CA ARG A 212 -33.68 -11.40 0.22
C ARG A 212 -32.20 -11.66 -0.06
N LYS A 213 -31.52 -12.23 0.92
CA LYS A 213 -30.13 -12.59 0.77
C LYS A 213 -29.94 -13.50 -0.46
N SER A 214 -29.03 -13.09 -1.36
CA SER A 214 -28.70 -13.89 -2.56
C SER A 214 -27.34 -14.57 -2.36
N PHE A 215 -27.04 -15.58 -3.19
CA PHE A 215 -25.77 -16.30 -3.08
C PHE A 215 -25.10 -16.48 -4.43
N PRO A 216 -23.77 -16.57 -4.48
CA PRO A 216 -23.11 -16.85 -5.76
C PRO A 216 -23.47 -18.23 -6.25
N THR A 217 -23.63 -18.38 -7.57
CA THR A 217 -23.97 -19.65 -8.16
C THR A 217 -22.69 -20.45 -8.35
N LEU A 218 -22.79 -21.75 -8.09
CA LEU A 218 -21.69 -22.67 -8.18
C LEU A 218 -22.24 -23.87 -8.93
N PRO A 219 -21.36 -24.71 -9.45
CA PRO A 219 -21.85 -25.80 -10.28
C PRO A 219 -22.75 -26.76 -9.49
N HIS A 220 -23.84 -27.14 -10.11
CA HIS A 220 -24.74 -28.15 -9.58
C HIS A 220 -24.00 -29.45 -9.31
N PRO A 221 -24.27 -30.09 -8.17
CA PRO A 221 -25.21 -29.66 -7.12
C PRO A 221 -24.61 -28.62 -6.15
N HIS A 222 -25.33 -27.53 -5.92
CA HIS A 222 -25.00 -26.62 -4.84
C HIS A 222 -26.22 -25.81 -4.43
N GLY A 223 -26.71 -26.06 -3.22
CA GLY A 223 -27.93 -25.40 -2.77
C GLY A 223 -28.54 -26.23 -1.66
N THR A 224 -29.63 -25.75 -1.11
CA THR A 224 -30.36 -26.52 -0.14
C THR A 224 -30.96 -27.70 -0.84
N LEU A 225 -30.85 -28.87 -0.22
CA LEU A 225 -31.40 -30.09 -0.76
C LEU A 225 -32.66 -30.42 0.06
N PHE A 226 -33.82 -30.13 -0.53
CA PHE A 226 -35.13 -30.49 0.04
C PHE A 226 -35.52 -31.91 -0.42
N ALA A 227 -36.23 -32.69 0.42
CA ALA A 227 -36.63 -34.00 -0.01
C ALA A 227 -38.02 -34.30 0.53
N LEU A 228 -38.82 -34.95 -0.28
CA LEU A 228 -40.20 -35.28 0.06
C LEU A 228 -40.28 -36.65 0.71
N GLY A 229 -41.19 -36.82 1.66
CA GLY A 229 -41.54 -38.13 2.14
C GLY A 229 -42.45 -38.81 1.17
N LEU A 230 -43.59 -39.30 1.65
CA LEU A 230 -44.56 -40.02 0.84
C LEU A 230 -45.12 -39.07 -0.21
N ASN A 231 -44.80 -39.29 -1.46
CA ASN A 231 -45.34 -38.42 -2.49
C ASN A 231 -45.86 -39.09 -3.74
N TYR A 232 -46.13 -40.39 -3.66
CA TYR A 232 -46.64 -41.14 -4.80
C TYR A 232 -47.92 -41.89 -4.41
N ALA A 233 -49.00 -41.70 -5.14
CA ALA A 233 -50.32 -42.28 -4.76
C ALA A 233 -50.30 -43.80 -4.91
N ASP A 234 -49.50 -44.28 -5.83
CA ASP A 234 -49.22 -45.70 -5.96
C ASP A 234 -50.19 -46.66 -5.25
N HIS A 235 -50.91 -46.97 -5.79
CA HIS A 235 -52.27 -46.86 -5.47
C HIS A 235 -52.69 -47.68 -4.30
N PRO A 244 -51.12 -37.19 1.72
CA PRO A 244 -51.58 -36.76 3.04
C PRO A 244 -52.26 -35.39 3.02
N GLU A 245 -52.26 -34.68 4.15
CA GLU A 245 -52.87 -33.36 4.25
C GLU A 245 -51.91 -32.31 3.70
N GLU A 246 -50.70 -32.25 4.27
CA GLU A 246 -49.64 -31.42 3.67
C GLU A 246 -48.36 -32.24 3.45
N PRO A 247 -47.49 -31.75 2.56
CA PRO A 247 -46.24 -32.44 2.26
C PRO A 247 -45.33 -32.64 3.45
N LEU A 248 -44.71 -33.80 3.48
CA LEU A 248 -43.66 -34.05 4.46
C LEU A 248 -42.32 -33.71 3.81
N VAL A 249 -41.67 -32.65 4.29
CA VAL A 249 -40.40 -32.20 3.73
C VAL A 249 -39.32 -32.32 4.77
N PHE A 250 -38.12 -32.75 4.34
CA PHE A 250 -36.97 -32.73 5.19
C PHE A 250 -35.77 -32.25 4.38
N LEU A 251 -34.74 -31.86 5.09
CA LEU A 251 -33.50 -31.44 4.41
C LEU A 251 -32.38 -32.49 4.51
N LYS A 252 -31.48 -32.50 3.49
CA LYS A 252 -30.31 -33.38 3.43
C LYS A 252 -29.03 -32.56 3.38
N ALA A 253 -28.08 -32.88 4.24
CA ALA A 253 -26.77 -32.22 4.29
C ALA A 253 -25.97 -32.50 3.02
N PRO A 254 -25.21 -31.51 2.56
CA PRO A 254 -24.54 -31.70 1.28
C PRO A 254 -23.51 -32.80 1.20
N ASN A 255 -22.91 -33.22 2.29
CA ASN A 255 -21.92 -34.30 2.20
C ASN A 255 -22.60 -35.68 1.92
N THR A 256 -23.92 -35.75 1.92
CA THR A 256 -24.54 -36.99 1.48
C THR A 256 -24.41 -37.26 0.00
N LEU A 257 -24.26 -36.18 -0.80
CA LEU A 257 -24.25 -36.21 -2.26
C LEU A 257 -23.00 -36.84 -2.78
N THR A 258 -23.19 -37.66 -3.79
CA THR A 258 -22.06 -38.14 -4.58
C THR A 258 -22.47 -38.17 -6.05
N GLY A 259 -21.47 -38.27 -6.92
CA GLY A 259 -21.69 -38.24 -8.34
C GLY A 259 -22.07 -39.58 -8.97
N ASP A 260 -22.07 -39.57 -10.32
CA ASP A 260 -22.29 -40.77 -11.11
C ASP A 260 -21.19 -41.77 -11.00
N ASN A 261 -21.57 -43.04 -11.05
CA ASN A 261 -20.66 -44.16 -11.00
C ASN A 261 -19.65 -44.11 -9.86
N GLN A 262 -20.14 -43.76 -8.66
CA GLN A 262 -19.37 -43.82 -7.43
C GLN A 262 -19.91 -45.01 -6.58
N THR A 263 -19.43 -45.09 -5.36
CA THR A 263 -19.80 -46.12 -4.39
C THR A 263 -20.54 -45.49 -3.24
N SER A 264 -21.41 -46.30 -2.63
CA SER A 264 -22.17 -45.93 -1.45
C SER A 264 -22.04 -47.09 -0.47
N VAL A 265 -21.79 -46.79 0.78
CA VAL A 265 -21.38 -47.77 1.75
C VAL A 265 -22.60 -48.31 2.46
N ARG A 266 -22.71 -49.63 2.55
CA ARG A 266 -23.72 -50.26 3.38
C ARG A 266 -23.10 -50.46 4.76
N PRO A 267 -23.71 -49.93 5.82
CA PRO A 267 -23.17 -50.16 7.17
C PRO A 267 -23.06 -51.64 7.52
N ASN A 268 -22.08 -52.03 8.34
CA ASN A 268 -21.99 -53.38 8.85
C ASN A 268 -23.24 -53.70 9.67
N ASN A 269 -23.75 -54.93 9.57
CA ASN A 269 -24.73 -55.43 10.56
C ASN A 269 -26.10 -54.73 10.60
N ILE A 270 -26.64 -54.39 9.44
CA ILE A 270 -27.98 -53.86 9.36
C ILE A 270 -28.82 -54.81 8.52
N GLU A 271 -30.14 -54.72 8.66
CA GLU A 271 -31.03 -55.57 7.94
C GLU A 271 -31.43 -55.05 6.53
N TYR A 272 -31.68 -53.77 6.40
CA TYR A 272 -32.29 -53.27 5.18
C TYR A 272 -31.76 -51.88 4.75
N MET A 273 -31.09 -51.84 3.61
CA MET A 273 -30.73 -50.59 2.95
C MET A 273 -31.39 -50.64 1.55
N HIS A 274 -32.16 -49.61 1.18
CA HIS A 274 -32.85 -49.57 -0.07
C HIS A 274 -32.56 -48.24 -0.84
N TYR A 275 -32.50 -48.34 -2.17
CA TYR A 275 -32.49 -47.22 -3.11
C TYR A 275 -33.81 -46.48 -3.08
N GLU A 276 -33.85 -45.28 -3.64
CA GLU A 276 -35.12 -44.60 -3.96
C GLU A 276 -34.90 -43.75 -5.23
N ALA A 277 -35.47 -44.15 -6.36
CA ALA A 277 -35.33 -43.32 -7.56
C ALA A 277 -36.21 -42.11 -7.46
N GLU A 278 -35.68 -40.92 -7.83
CA GLU A 278 -36.42 -39.70 -7.75
C GLU A 278 -36.17 -38.67 -8.85
N LEU A 279 -37.23 -38.02 -9.30
CA LEU A 279 -37.12 -36.81 -10.11
C LEU A 279 -36.70 -35.73 -9.16
N VAL A 280 -35.61 -35.00 -9.49
CA VAL A 280 -35.17 -33.82 -8.73
C VAL A 280 -35.40 -32.50 -9.50
N VAL A 281 -36.09 -31.52 -8.89
CA VAL A 281 -36.36 -30.20 -9.51
C VAL A 281 -35.24 -29.23 -9.05
N VAL A 282 -34.59 -28.56 -10.01
CA VAL A 282 -33.61 -27.55 -9.63
C VAL A 282 -34.13 -26.13 -9.88
N ILE A 283 -34.02 -25.27 -8.85
CA ILE A 283 -34.50 -23.91 -8.87
C ILE A 283 -33.50 -23.07 -9.69
N GLY A 284 -34.05 -22.23 -10.55
CA GLY A 284 -33.25 -21.34 -11.39
C GLY A 284 -33.30 -19.86 -11.05
N LYS A 285 -34.25 -19.46 -10.20
CA LYS A 285 -34.35 -18.04 -9.90
C LYS A 285 -34.91 -17.88 -8.51
N GLN A 286 -34.44 -16.88 -7.78
CA GLN A 286 -34.84 -16.66 -6.40
C GLN A 286 -36.35 -16.53 -6.32
N ALA A 287 -36.95 -17.27 -5.39
CA ALA A 287 -38.37 -17.39 -5.31
C ALA A 287 -38.92 -17.19 -3.89
N ARG A 288 -39.85 -16.28 -3.75
CA ARG A 288 -40.54 -16.07 -2.48
C ARG A 288 -42.01 -15.74 -2.76
N ASN A 289 -42.93 -16.41 -2.08
CA ASN A 289 -44.36 -16.19 -2.24
C ASN A 289 -44.82 -16.31 -3.70
N VAL A 290 -44.40 -17.42 -4.31
CA VAL A 290 -44.73 -17.73 -5.70
C VAL A 290 -46.02 -18.55 -5.73
N SER A 291 -46.92 -18.17 -6.63
CA SER A 291 -48.12 -18.92 -6.83
C SER A 291 -47.84 -20.22 -7.60
N GLU A 292 -48.71 -21.20 -7.42
CA GLU A 292 -48.66 -22.39 -8.24
C GLU A 292 -48.65 -22.01 -9.73
N ALA A 293 -49.45 -21.02 -10.13
CA ALA A 293 -49.56 -20.66 -11.56
C ALA A 293 -48.23 -20.16 -12.14
N ASP A 294 -47.42 -19.39 -11.41
CA ASP A 294 -46.10 -19.03 -11.97
C ASP A 294 -44.90 -19.83 -11.42
N ALA A 295 -45.14 -20.93 -10.70
CA ALA A 295 -44.02 -21.67 -10.10
C ALA A 295 -43.00 -22.09 -11.12
N MET A 296 -43.46 -22.57 -12.27
CA MET A 296 -42.54 -23.09 -13.26
C MET A 296 -41.55 -22.08 -13.85
N ASP A 297 -41.81 -20.78 -13.74
CA ASP A 297 -40.83 -19.77 -14.21
C ASP A 297 -39.53 -19.75 -13.38
N TYR A 298 -39.61 -20.35 -12.19
CA TYR A 298 -38.48 -20.37 -11.25
C TYR A 298 -37.71 -21.67 -11.31
N VAL A 299 -38.09 -22.59 -12.19
CA VAL A 299 -37.39 -23.83 -12.37
C VAL A 299 -36.37 -23.74 -13.47
N ALA A 300 -35.15 -24.12 -13.15
CA ALA A 300 -34.09 -24.25 -14.15
C ALA A 300 -34.22 -25.54 -14.96
N GLY A 301 -34.58 -26.63 -14.31
CA GLY A 301 -34.75 -27.89 -15.02
C GLY A 301 -34.68 -29.06 -14.07
N TYR A 302 -34.30 -30.23 -14.58
CA TYR A 302 -34.49 -31.48 -13.83
C TYR A 302 -33.23 -32.29 -13.76
N THR A 303 -33.11 -33.09 -12.70
CA THR A 303 -32.05 -34.08 -12.61
C THR A 303 -32.56 -35.31 -11.86
N VAL A 304 -31.67 -36.23 -11.58
CA VAL A 304 -31.99 -37.51 -10.94
C VAL A 304 -31.12 -37.75 -9.70
N CYS A 305 -31.74 -38.31 -8.64
CA CYS A 305 -31.00 -38.77 -7.48
C CYS A 305 -31.45 -40.18 -7.10
N ASN A 306 -30.65 -40.81 -6.27
CA ASN A 306 -30.90 -42.11 -5.68
C ASN A 306 -30.87 -41.80 -4.15
N ASP A 307 -32.04 -41.61 -3.55
CA ASP A 307 -32.17 -41.23 -2.15
C ASP A 307 -32.17 -42.43 -1.22
N TYR A 308 -30.99 -43.02 -1.03
CA TYR A 308 -30.82 -44.21 -0.16
C TYR A 308 -31.40 -43.99 1.25
N ALA A 309 -31.88 -45.09 1.85
CA ALA A 309 -32.22 -45.14 3.28
C ALA A 309 -31.66 -46.37 3.97
N ILE A 310 -31.21 -46.21 5.21
CA ILE A 310 -30.91 -47.34 6.12
C ILE A 310 -32.11 -47.46 7.06
N ARG A 311 -32.99 -48.41 6.79
CA ARG A 311 -34.30 -48.42 7.47
C ARG A 311 -34.08 -48.69 8.96
N ASP A 312 -33.01 -49.44 9.26
CA ASP A 312 -32.67 -49.80 10.63
C ASP A 312 -32.52 -48.62 11.59
N TYR A 313 -32.06 -47.49 11.07
CA TYR A 313 -31.74 -46.35 11.86
C TYR A 313 -32.85 -45.33 12.00
N LEU A 314 -34.03 -45.65 11.45
CA LEU A 314 -35.20 -44.78 11.64
C LEU A 314 -35.62 -44.69 13.12
N GLU A 315 -35.92 -43.47 13.54
CA GLU A 315 -36.59 -43.25 14.84
C GLU A 315 -37.76 -42.28 14.67
N ASN A 316 -38.47 -42.00 15.75
CA ASN A 316 -39.64 -41.18 15.64
C ASN A 316 -39.40 -39.77 16.14
N TYR A 317 -38.22 -39.21 15.82
CA TYR A 317 -37.86 -37.86 16.18
C TYR A 317 -37.32 -37.18 14.95
N TYR A 318 -38.02 -36.17 14.48
CA TYR A 318 -37.66 -35.47 13.21
C TYR A 318 -37.41 -36.52 12.09
N ARG A 319 -38.40 -37.40 11.93
CA ARG A 319 -38.32 -38.55 11.04
C ARG A 319 -38.71 -38.22 9.63
N PRO A 320 -37.95 -38.65 8.61
CA PRO A 320 -36.73 -39.47 8.71
C PRO A 320 -35.54 -38.60 9.05
N ASN A 321 -34.68 -39.12 9.92
CA ASN A 321 -33.73 -38.37 10.65
C ASN A 321 -32.37 -38.39 9.89
N LEU A 322 -31.43 -37.58 10.33
CA LEU A 322 -30.15 -37.47 9.58
C LEU A 322 -29.30 -38.76 9.52
N ARG A 323 -29.36 -39.63 10.55
CA ARG A 323 -28.58 -40.84 10.51
C ARG A 323 -29.06 -41.82 9.42
N VAL A 324 -30.28 -41.61 8.94
CA VAL A 324 -30.85 -42.40 7.87
C VAL A 324 -30.56 -41.73 6.52
N LYS A 325 -30.70 -40.40 6.47
CA LYS A 325 -30.84 -39.64 5.22
C LYS A 325 -29.72 -38.68 4.79
N SER A 326 -28.74 -38.42 5.64
CA SER A 326 -27.61 -37.56 5.36
C SER A 326 -26.25 -38.23 5.54
N ARG A 327 -26.18 -39.52 5.31
CA ARG A 327 -24.93 -40.29 5.46
C ARG A 327 -24.06 -39.91 4.31
N ASP A 328 -22.78 -39.88 4.59
CA ASP A 328 -21.78 -39.61 3.55
C ASP A 328 -21.98 -40.50 2.35
N GLY A 329 -22.05 -39.87 1.17
CA GLY A 329 -22.10 -40.59 -0.10
C GLY A 329 -23.31 -41.47 -0.35
N LEU A 330 -24.37 -41.39 0.46
CA LEU A 330 -25.55 -42.16 0.21
C LEU A 330 -26.62 -41.46 -0.60
N THR A 331 -26.28 -40.39 -1.31
CA THR A 331 -27.20 -39.74 -2.25
C THR A 331 -26.50 -39.45 -3.56
N PRO A 332 -26.37 -40.47 -4.40
CA PRO A 332 -26.02 -40.25 -5.81
C PRO A 332 -26.91 -39.25 -6.47
N MET A 333 -26.35 -38.34 -7.26
CA MET A 333 -27.11 -37.35 -7.95
C MET A 333 -26.36 -37.02 -9.23
N LEU A 334 -27.10 -36.87 -10.32
CA LEU A 334 -26.43 -36.53 -11.61
C LEU A 334 -26.01 -35.05 -11.54
N SER A 335 -24.87 -34.76 -12.17
CA SER A 335 -24.35 -33.37 -12.30
C SER A 335 -24.94 -32.51 -13.43
N THR A 336 -25.75 -33.13 -14.28
CA THR A 336 -26.39 -32.49 -15.41
C THR A 336 -27.79 -32.06 -15.07
N ILE A 337 -28.21 -30.98 -15.66
CA ILE A 337 -29.55 -30.49 -15.50
C ILE A 337 -30.18 -30.43 -16.88
N VAL A 338 -31.30 -31.12 -17.05
CA VAL A 338 -32.06 -30.95 -18.28
C VAL A 338 -32.99 -29.75 -18.19
N PRO A 339 -32.86 -28.78 -19.09
CA PRO A 339 -33.64 -27.57 -18.97
C PRO A 339 -35.09 -27.89 -19.09
N LYS A 340 -35.89 -27.09 -18.44
CA LYS A 340 -37.30 -27.39 -18.31
C LYS A 340 -37.95 -27.39 -19.68
N GLU A 341 -37.42 -26.61 -20.60
CA GLU A 341 -38.00 -26.52 -21.93
C GLU A 341 -37.86 -27.86 -22.74
N ALA A 342 -36.85 -28.68 -22.46
CA ALA A 342 -36.75 -30.05 -23.01
C ALA A 342 -37.79 -31.07 -22.46
N ILE A 343 -38.48 -30.75 -21.37
CA ILE A 343 -39.45 -31.64 -20.73
C ILE A 343 -40.82 -30.96 -20.70
N PRO A 344 -41.67 -31.25 -21.69
CA PRO A 344 -42.97 -30.57 -21.75
C PRO A 344 -43.92 -30.87 -20.59
N ASP A 345 -43.88 -32.09 -20.05
CA ASP A 345 -44.66 -32.44 -18.86
C ASP A 345 -43.87 -33.35 -17.90
N PRO A 346 -43.26 -32.75 -16.87
CA PRO A 346 -42.55 -33.51 -15.80
C PRO A 346 -43.40 -34.42 -14.90
N HIS A 347 -44.73 -34.23 -14.98
CA HIS A 347 -45.78 -35.03 -14.34
C HIS A 347 -46.26 -36.20 -15.24
N ASN A 348 -45.45 -36.53 -16.24
CA ASN A 348 -45.71 -37.66 -17.11
C ASN A 348 -44.42 -38.37 -17.54
N LEU A 349 -43.58 -38.71 -16.56
CA LEU A 349 -42.28 -39.28 -16.82
C LEU A 349 -42.13 -40.58 -16.02
N THR A 350 -41.55 -41.59 -16.65
CA THR A 350 -41.33 -42.89 -16.00
C THR A 350 -40.05 -42.90 -15.18
N LEU A 351 -40.15 -43.46 -13.98
CA LEU A 351 -39.02 -43.69 -13.14
C LEU A 351 -38.84 -45.16 -13.03
N ARG A 352 -37.61 -45.56 -13.21
CA ARG A 352 -37.24 -46.94 -12.93
C ARG A 352 -35.93 -47.09 -12.14
N THR A 353 -35.84 -48.19 -11.36
CA THR A 353 -34.58 -48.70 -10.77
C THR A 353 -34.26 -50.09 -11.22
N PHE A 354 -33.01 -50.34 -11.60
CA PHE A 354 -32.47 -51.70 -11.89
C PHE A 354 -31.42 -52.07 -10.87
N VAL A 355 -31.40 -53.31 -10.39
CA VAL A 355 -30.27 -53.78 -9.60
C VAL A 355 -29.63 -54.95 -10.32
N ASN A 356 -28.34 -54.84 -10.63
CA ASN A 356 -27.64 -55.81 -11.50
C ASN A 356 -28.43 -56.16 -12.73
N GLY A 357 -29.01 -55.14 -13.33
CA GLY A 357 -29.79 -55.35 -14.53
C GLY A 357 -31.22 -55.82 -14.33
N GLU A 358 -31.65 -56.21 -13.12
CA GLU A 358 -33.03 -56.65 -12.83
C GLU A 358 -33.86 -55.41 -12.53
N LEU A 359 -35.02 -55.31 -13.15
CA LEU A 359 -35.95 -54.19 -12.92
C LEU A 359 -36.65 -54.45 -11.60
N ARG A 360 -36.44 -53.54 -10.66
CA ARG A 360 -37.06 -53.65 -9.31
C ARG A 360 -38.07 -52.58 -8.93
N GLN A 361 -37.97 -51.42 -9.53
CA GLN A 361 -38.86 -50.31 -9.26
C GLN A 361 -39.25 -49.66 -10.57
N GLN A 362 -40.55 -49.43 -10.74
CA GLN A 362 -41.06 -48.64 -11.81
C GLN A 362 -42.29 -47.88 -11.35
N GLY A 363 -42.35 -46.62 -11.73
CA GLY A 363 -43.53 -45.80 -11.58
C GLY A 363 -43.49 -44.64 -12.53
N THR A 364 -44.46 -43.76 -12.32
CA THR A 364 -44.62 -42.53 -13.10
C THR A 364 -44.89 -41.33 -12.22
N THR A 365 -44.38 -40.19 -12.66
CA THR A 365 -44.63 -38.92 -12.01
C THR A 365 -46.08 -38.47 -12.15
N ALA A 366 -46.86 -39.16 -12.99
CA ALA A 366 -48.31 -38.98 -13.00
C ALA A 366 -48.94 -39.29 -11.67
N ASP A 367 -48.26 -40.10 -10.86
CA ASP A 367 -48.74 -40.44 -9.53
C ASP A 367 -48.24 -39.53 -8.43
N LEU A 368 -47.54 -38.44 -8.74
CA LEU A 368 -47.19 -37.51 -7.68
C LEU A 368 -48.42 -37.01 -6.94
N ILE A 369 -48.39 -37.03 -5.61
CA ILE A 369 -49.50 -36.52 -4.81
C ILE A 369 -49.44 -34.98 -4.84
N PHE A 370 -48.26 -34.45 -4.54
CA PHE A 370 -47.96 -33.01 -4.59
C PHE A 370 -47.09 -32.69 -5.82
N SER A 371 -47.67 -31.90 -6.70
CA SER A 371 -47.06 -31.54 -7.98
C SER A 371 -45.85 -30.62 -7.79
N VAL A 372 -45.06 -30.45 -8.84
CA VAL A 372 -43.90 -29.62 -8.78
C VAL A 372 -44.31 -28.18 -8.51
N PRO A 373 -45.28 -27.62 -9.23
CA PRO A 373 -45.77 -26.30 -8.85
C PRO A 373 -46.34 -26.20 -7.45
N PHE A 374 -47.05 -27.21 -6.95
CA PHE A 374 -47.59 -27.12 -5.60
C PHE A 374 -46.44 -26.97 -4.61
N LEU A 375 -45.39 -27.76 -4.85
CA LEU A 375 -44.23 -27.82 -3.94
C LEU A 375 -43.45 -26.52 -3.89
N ILE A 376 -43.23 -25.96 -5.06
CA ILE A 376 -42.62 -24.65 -5.15
C ILE A 376 -43.41 -23.56 -4.46
N ALA A 377 -44.73 -23.55 -4.64
CA ALA A 377 -45.60 -22.60 -3.96
C ALA A 377 -45.61 -22.85 -2.45
N TYR A 378 -45.72 -24.12 -2.08
CA TYR A 378 -45.73 -24.49 -0.67
C TYR A 378 -44.49 -24.06 0.13
N LEU A 379 -43.33 -24.30 -0.44
CA LEU A 379 -42.10 -23.92 0.24
C LEU A 379 -41.82 -22.42 0.18
N SER A 380 -41.98 -21.80 -1.00
CA SER A 380 -41.73 -20.38 -1.09
C SER A 380 -42.71 -19.55 -0.30
N GLU A 381 -43.84 -20.12 0.16
CA GLU A 381 -44.78 -19.40 1.01
C GLU A 381 -44.16 -19.08 2.36
N PHE A 382 -43.20 -19.89 2.83
CA PHE A 382 -42.60 -19.66 4.11
C PHE A 382 -41.06 -19.52 4.16
N MET A 383 -40.40 -19.69 3.03
CA MET A 383 -38.94 -19.50 2.94
C MET A 383 -38.51 -19.17 1.55
N THR A 384 -37.37 -18.46 1.43
CA THR A 384 -36.80 -18.15 0.13
C THR A 384 -36.08 -19.34 -0.49
N LEU A 385 -36.50 -19.65 -1.71
CA LEU A 385 -35.78 -20.60 -2.53
C LEU A 385 -34.74 -19.81 -3.36
N ASN A 386 -33.55 -20.36 -3.50
CA ASN A 386 -32.48 -19.69 -4.28
C ASN A 386 -31.99 -20.55 -5.41
N PRO A 387 -31.40 -19.92 -6.43
CA PRO A 387 -30.82 -20.71 -7.51
C PRO A 387 -29.86 -21.77 -7.02
N GLY A 388 -30.10 -22.98 -7.51
CA GLY A 388 -29.30 -24.16 -7.22
C GLY A 388 -29.94 -25.06 -6.14
N ASP A 389 -30.86 -24.51 -5.37
CA ASP A 389 -31.68 -25.39 -4.49
C ASP A 389 -32.31 -26.53 -5.33
N MET A 390 -32.60 -27.67 -4.69
CA MET A 390 -33.02 -28.88 -5.33
C MET A 390 -34.29 -29.47 -4.65
N ILE A 391 -35.21 -30.02 -5.38
CA ILE A 391 -36.30 -30.63 -4.68
C ILE A 391 -36.35 -32.03 -5.18
N ALA A 392 -36.03 -32.99 -4.28
CA ALA A 392 -36.20 -34.44 -4.49
C ALA A 392 -37.68 -34.81 -4.22
N THR A 393 -38.43 -35.14 -5.28
CA THR A 393 -39.91 -35.14 -5.26
C THR A 393 -40.57 -36.44 -4.80
N GLY A 394 -39.73 -37.37 -4.38
CA GLY A 394 -40.20 -38.60 -3.77
C GLY A 394 -39.97 -39.82 -4.62
N THR A 395 -40.52 -40.95 -4.21
CA THR A 395 -40.26 -42.19 -4.91
C THR A 395 -41.48 -43.13 -4.97
N PRO A 396 -41.65 -43.83 -6.08
CA PRO A 396 -42.79 -44.76 -6.17
C PRO A 396 -42.51 -45.99 -5.33
N LYS A 397 -43.54 -46.84 -5.23
CA LYS A 397 -43.38 -48.16 -4.63
C LYS A 397 -42.36 -48.98 -5.38
N GLY A 398 -41.90 -50.03 -4.72
CA GLY A 398 -40.95 -50.97 -5.28
C GLY A 398 -39.57 -50.90 -4.69
N LEU A 399 -39.50 -50.88 -3.37
CA LEU A 399 -38.22 -50.80 -2.70
C LEU A 399 -37.71 -52.22 -2.42
N SER A 400 -36.41 -52.38 -2.34
CA SER A 400 -35.79 -53.61 -1.95
C SER A 400 -34.37 -53.42 -1.41
N ASP A 401 -33.90 -54.45 -0.75
CA ASP A 401 -32.59 -54.48 -0.14
C ASP A 401 -31.46 -54.60 -1.16
N VAL A 402 -30.37 -53.82 -1.00
CA VAL A 402 -29.16 -53.91 -1.82
C VAL A 402 -27.90 -54.10 -0.96
N VAL A 403 -26.93 -54.86 -1.48
CA VAL A 403 -25.80 -55.36 -0.68
C VAL A 403 -24.48 -55.17 -1.46
N PRO A 404 -23.32 -55.21 -0.81
CA PRO A 404 -22.04 -54.97 -1.48
C PRO A 404 -21.91 -55.83 -2.73
N GLY A 405 -21.34 -55.22 -3.75
CA GLY A 405 -21.25 -55.83 -5.09
C GLY A 405 -22.37 -55.40 -6.00
N ASP A 406 -23.49 -54.94 -5.45
CA ASP A 406 -24.66 -54.59 -6.27
C ASP A 406 -24.45 -53.31 -7.08
N GLU A 407 -24.91 -53.32 -8.33
CA GLU A 407 -24.95 -52.14 -9.16
C GLU A 407 -26.40 -51.68 -9.27
N VAL A 408 -26.63 -50.47 -8.79
CA VAL A 408 -27.96 -49.89 -8.75
C VAL A 408 -28.01 -48.71 -9.74
N VAL A 409 -28.94 -48.79 -10.67
CA VAL A 409 -29.12 -47.78 -11.71
C VAL A 409 -30.50 -47.20 -11.60
N VAL A 410 -30.61 -45.89 -11.42
CA VAL A 410 -31.91 -45.27 -11.41
C VAL A 410 -32.00 -44.41 -12.66
N GLU A 411 -33.21 -44.26 -13.16
CA GLU A 411 -33.45 -43.64 -14.47
C GLU A 411 -34.75 -42.90 -14.44
N VAL A 412 -34.76 -41.66 -14.93
CA VAL A 412 -36.00 -40.94 -15.16
C VAL A 412 -36.04 -40.59 -16.66
N GLU A 413 -37.12 -41.01 -17.30
CA GLU A 413 -37.39 -40.82 -18.73
C GLU A 413 -37.14 -39.37 -19.08
N GLY A 414 -36.26 -39.14 -20.06
CA GLY A 414 -35.94 -37.82 -20.55
C GLY A 414 -35.00 -36.99 -19.70
N VAL A 415 -34.60 -37.47 -18.52
CA VAL A 415 -33.88 -36.63 -17.58
C VAL A 415 -32.49 -37.15 -17.34
N GLY A 416 -32.38 -38.45 -17.15
CA GLY A 416 -31.06 -39.06 -16.99
C GLY A 416 -31.03 -40.47 -16.40
N ARG A 417 -29.85 -41.03 -16.47
CA ARG A 417 -29.52 -42.36 -15.97
C ARG A 417 -28.36 -42.24 -14.99
N LEU A 418 -28.54 -42.82 -13.79
CA LEU A 418 -27.61 -42.66 -12.66
C LEU A 418 -27.16 -43.97 -12.05
N VAL A 419 -25.88 -44.24 -12.15
CA VAL A 419 -25.26 -45.45 -11.72
C VAL A 419 -24.58 -45.33 -10.34
N ASN A 420 -24.67 -46.38 -9.55
CA ASN A 420 -24.06 -46.45 -8.25
C ASN A 420 -23.70 -47.91 -7.94
N ARG A 421 -22.68 -48.07 -7.14
CA ARG A 421 -22.22 -49.36 -6.69
C ARG A 421 -22.18 -49.50 -5.17
N ILE A 422 -22.84 -50.49 -4.60
CA ILE A 422 -22.78 -50.65 -3.15
C ILE A 422 -21.50 -51.34 -2.73
N VAL A 423 -20.86 -50.90 -1.66
CA VAL A 423 -19.68 -51.54 -1.10
C VAL A 423 -19.79 -51.72 0.40
N SER A 424 -18.94 -52.56 0.96
CA SER A 424 -18.94 -52.77 2.40
C SER A 424 -18.09 -51.67 3.07
N GLU A 425 -18.21 -51.56 4.38
CA GLU A 425 -17.35 -50.66 5.16
C GLU A 425 -15.90 -51.05 4.94
N GLU A 426 -15.64 -52.35 4.91
CA GLU A 426 -14.26 -52.87 4.77
C GLU A 426 -13.68 -52.44 3.41
N THR A 427 -14.47 -52.51 2.37
CA THR A 427 -13.98 -52.13 1.04
C THR A 427 -13.68 -50.64 0.93
N ALA A 428 -14.52 -49.81 1.56
CA ALA A 428 -14.43 -48.37 1.40
C ALA A 428 -13.25 -47.77 2.18
N LYS A 429 -12.67 -48.52 3.11
CA LYS A 429 -11.77 -47.88 4.06
C LYS A 429 -10.36 -47.64 3.52
N MET B 1 18.40 -2.08 -21.28
CA MET B 1 19.49 -1.14 -21.63
C MET B 1 19.73 -1.04 -23.16
N LYS B 2 18.71 -1.40 -23.94
CA LYS B 2 18.91 -1.90 -25.33
C LYS B 2 19.46 -3.37 -25.36
N GLY B 3 19.59 -3.99 -24.18
CA GLY B 3 19.78 -5.43 -24.05
C GLY B 3 18.37 -5.99 -23.80
N THR B 4 18.16 -7.30 -23.83
CA THR B 4 16.86 -7.86 -23.44
C THR B 4 16.63 -7.64 -21.95
N ILE B 5 15.41 -7.22 -21.56
CA ILE B 5 15.03 -7.03 -20.17
C ILE B 5 14.10 -8.15 -19.71
N PHE B 6 14.70 -9.09 -18.98
CA PHE B 6 13.98 -10.12 -18.26
C PHE B 6 13.56 -9.58 -16.89
N ALA B 7 12.54 -10.23 -16.32
CA ALA B 7 12.04 -9.82 -15.03
C ALA B 7 11.41 -11.04 -14.35
N VAL B 8 11.47 -11.09 -13.02
CA VAL B 8 10.82 -12.17 -12.26
C VAL B 8 9.57 -11.69 -11.59
N ALA B 9 8.53 -12.51 -11.63
CA ALA B 9 7.26 -12.23 -10.98
C ALA B 9 7.13 -13.18 -9.81
N LEU B 10 6.33 -12.80 -8.84
CA LEU B 10 6.09 -13.64 -7.68
C LEU B 10 7.38 -13.97 -6.90
N ASN B 11 8.29 -13.00 -6.81
CA ASN B 11 9.54 -13.19 -6.10
C ASN B 11 9.61 -12.49 -4.74
N HIS B 12 8.55 -11.79 -4.34
CA HIS B 12 8.57 -11.09 -3.07
C HIS B 12 7.65 -11.84 -2.12
N ARG B 13 8.14 -12.10 -0.92
CA ARG B 13 7.39 -12.94 0.06
C ARG B 13 6.02 -12.38 0.41
N SER B 14 5.85 -11.05 0.42
CA SER B 14 4.54 -10.40 0.59
C SER B 14 3.51 -10.88 -0.44
N GLN B 15 3.93 -11.03 -1.70
CA GLN B 15 3.03 -11.45 -2.75
C GLN B 15 2.79 -12.96 -2.67
N LEU B 16 3.80 -13.76 -2.36
CA LEU B 16 3.58 -15.18 -2.17
C LEU B 16 2.57 -15.43 -1.02
N ASP B 17 2.63 -14.61 -0.01
CA ASP B 17 1.76 -14.78 1.15
C ASP B 17 0.36 -14.41 0.73
N ALA B 18 0.21 -13.27 0.06
CA ALA B 18 -1.12 -12.79 -0.33
C ALA B 18 -1.86 -13.78 -1.22
N TRP B 19 -1.11 -14.50 -2.07
CA TRP B 19 -1.67 -15.38 -3.10
C TRP B 19 -1.68 -16.87 -2.73
N GLN B 20 -1.24 -17.18 -1.50
CA GLN B 20 -1.11 -18.53 -0.97
C GLN B 20 -2.33 -19.37 -1.24
N GLU B 21 -3.50 -18.83 -0.85
CA GLU B 21 -4.78 -19.53 -0.93
C GLU B 21 -5.19 -19.66 -2.40
N ALA B 22 -5.01 -18.61 -3.20
CA ALA B 22 -5.34 -18.68 -4.62
C ALA B 22 -4.51 -19.69 -5.43
N PHE B 23 -3.27 -19.97 -4.99
CA PHE B 23 -2.37 -20.88 -5.71
C PHE B 23 -2.79 -22.33 -5.58
N GLN B 24 -3.65 -22.63 -4.62
CA GLN B 24 -4.17 -23.98 -4.40
C GLN B 24 -5.47 -24.28 -5.17
N GLN B 25 -6.04 -23.26 -5.84
CA GLN B 25 -7.27 -23.44 -6.61
C GLN B 25 -7.09 -23.18 -8.09
N SER B 26 -8.10 -23.54 -8.88
CA SER B 26 -8.04 -23.29 -10.33
C SER B 26 -7.95 -21.79 -10.58
N PRO B 27 -7.25 -21.33 -11.63
CA PRO B 27 -6.59 -22.17 -12.64
C PRO B 27 -5.14 -22.58 -12.29
N TYR B 28 -4.68 -22.21 -11.09
CA TYR B 28 -3.30 -22.44 -10.70
C TYR B 28 -3.01 -23.87 -10.17
N LYS B 29 -3.85 -24.34 -9.24
CA LYS B 29 -3.88 -25.75 -8.78
C LYS B 29 -2.81 -26.10 -7.77
N ALA B 30 -1.59 -25.68 -8.07
CA ALA B 30 -0.51 -25.75 -7.10
C ALA B 30 0.36 -24.48 -7.21
N PRO B 31 1.09 -24.11 -6.16
CA PRO B 31 2.03 -22.98 -6.25
C PRO B 31 3.07 -23.15 -7.36
N PRO B 32 3.71 -22.04 -7.74
CA PRO B 32 4.76 -22.14 -8.76
C PRO B 32 5.76 -23.12 -8.28
N LYS B 33 6.25 -23.98 -9.14
CA LYS B 33 7.41 -24.75 -8.71
C LYS B 33 8.70 -24.00 -8.97
N THR B 34 8.84 -23.46 -10.15
CA THR B 34 10.02 -22.73 -10.52
C THR B 34 9.74 -21.26 -10.66
N ALA B 35 10.76 -20.49 -10.91
CA ALA B 35 10.62 -19.06 -11.07
C ALA B 35 9.66 -18.71 -12.22
N VAL B 36 8.91 -17.63 -12.01
CA VAL B 36 7.98 -17.12 -13.00
C VAL B 36 8.59 -15.91 -13.70
N TRP B 37 8.87 -16.06 -14.98
CA TRP B 37 9.56 -15.03 -15.76
C TRP B 37 8.64 -14.24 -16.66
N PHE B 38 9.06 -13.01 -16.93
CA PHE B 38 8.46 -12.21 -18.01
C PHE B 38 9.51 -11.33 -18.66
N ILE B 39 9.13 -10.66 -19.72
CA ILE B 39 10.03 -9.83 -20.49
C ILE B 39 9.37 -8.46 -20.62
N LYS B 40 10.20 -7.43 -20.43
CA LYS B 40 9.81 -6.06 -20.78
C LYS B 40 10.37 -5.69 -22.15
N PRO B 41 9.56 -5.69 -23.22
CA PRO B 41 10.16 -5.56 -24.56
C PRO B 41 10.64 -4.15 -24.96
N ARG B 42 11.24 -4.05 -26.12
CA ARG B 42 12.05 -2.83 -26.42
C ARG B 42 11.24 -1.51 -26.43
N ASN B 43 9.98 -1.56 -26.84
CA ASN B 43 9.11 -0.38 -26.82
C ASN B 43 8.84 0.13 -25.38
N THR B 44 9.03 -0.70 -24.36
CA THR B 44 8.83 -0.27 -22.98
C THR B 44 10.01 0.49 -22.39
N VAL B 45 11.20 0.30 -22.93
CA VAL B 45 12.43 0.69 -22.22
C VAL B 45 12.73 2.15 -22.48
N ILE B 46 12.80 2.93 -21.41
CA ILE B 46 13.12 4.36 -21.49
C ILE B 46 14.15 4.73 -20.42
N GLY B 47 14.78 5.89 -20.58
CA GLY B 47 15.76 6.32 -19.62
C GLY B 47 15.21 7.27 -18.62
N CYS B 48 16.14 7.78 -17.84
CA CYS B 48 15.77 8.72 -16.83
C CYS B 48 15.31 10.03 -17.47
N GLY B 49 14.22 10.52 -16.91
CA GLY B 49 13.65 11.79 -17.31
C GLY B 49 12.65 11.67 -18.45
N GLU B 50 12.60 10.51 -19.10
CA GLU B 50 11.61 10.24 -20.09
C GLU B 50 10.23 10.03 -19.48
N PRO B 51 9.20 10.50 -20.18
CA PRO B 51 7.85 10.34 -19.67
C PRO B 51 7.31 8.93 -19.76
N ILE B 52 6.64 8.55 -18.69
CA ILE B 52 5.78 7.40 -18.68
C ILE B 52 4.45 7.75 -19.37
N PRO B 53 4.16 7.27 -20.58
CA PRO B 53 2.85 7.58 -21.16
C PRO B 53 1.75 6.84 -20.49
N PHE B 54 0.74 7.59 -20.10
CA PHE B 54 -0.37 7.08 -19.31
C PHE B 54 -1.54 6.75 -20.22
N PRO B 55 -2.04 5.53 -20.22
CA PRO B 55 -3.20 5.22 -21.08
C PRO B 55 -4.50 5.61 -20.42
N GLN B 56 -5.27 6.50 -21.05
CA GLN B 56 -6.51 6.99 -20.44
C GLN B 56 -7.43 5.80 -20.20
N GLY B 57 -8.15 5.84 -19.10
CA GLY B 57 -9.15 4.84 -18.84
C GLY B 57 -8.64 3.81 -17.87
N GLU B 58 -7.32 3.78 -17.70
CA GLU B 58 -6.64 2.67 -17.06
C GLU B 58 -6.10 3.07 -15.69
N LYS B 59 -5.80 2.06 -14.86
CA LYS B 59 -5.12 2.26 -13.59
C LYS B 59 -3.67 1.74 -13.68
N VAL B 60 -2.73 2.62 -13.38
CA VAL B 60 -1.31 2.41 -13.53
C VAL B 60 -0.63 2.45 -12.18
N LEU B 61 0.20 1.44 -11.93
CA LEU B 61 1.01 1.31 -10.75
C LEU B 61 2.50 1.41 -11.08
N SER B 62 3.20 2.15 -10.22
CA SER B 62 4.65 2.15 -10.20
C SER B 62 5.14 0.80 -9.66
N GLY B 63 6.37 0.46 -10.04
CA GLY B 63 7.00 -0.82 -9.69
C GLY B 63 8.49 -0.67 -9.52
N ALA B 64 8.88 0.25 -8.63
CA ALA B 64 10.28 0.42 -8.27
C ALA B 64 10.96 -0.91 -7.95
N THR B 65 12.14 -1.08 -8.54
CA THR B 65 12.95 -2.28 -8.40
C THR B 65 14.40 -2.00 -8.81
N VAL B 66 15.22 -3.05 -8.73
CA VAL B 66 16.63 -2.95 -9.14
C VAL B 66 16.81 -3.96 -10.25
N ALA B 67 17.73 -3.73 -11.18
CA ALA B 67 17.96 -4.68 -12.25
C ALA B 67 19.39 -5.12 -12.13
N LEU B 68 19.68 -6.43 -12.17
CA LEU B 68 21.06 -6.82 -12.41
C LEU B 68 21.34 -6.63 -13.91
N ILE B 69 22.57 -6.17 -14.23
CA ILE B 69 23.03 -5.96 -15.59
C ILE B 69 24.18 -6.95 -15.88
N VAL B 70 24.04 -7.77 -16.91
CA VAL B 70 24.97 -8.86 -17.22
C VAL B 70 26.21 -8.25 -17.90
N GLY B 71 27.37 -8.70 -17.45
CA GLY B 71 28.66 -8.21 -17.92
C GLY B 71 29.34 -9.12 -18.94
N LYS B 72 29.00 -10.40 -18.93
CA LYS B 72 29.56 -11.33 -19.88
C LYS B 72 28.63 -12.52 -20.08
N THR B 73 28.81 -13.20 -21.21
CA THR B 73 27.84 -14.20 -21.65
C THR B 73 27.57 -15.16 -20.52
N ALA B 74 26.29 -15.38 -20.26
CA ALA B 74 25.86 -16.14 -19.10
C ALA B 74 25.02 -17.34 -19.51
N THR B 75 25.64 -18.51 -19.38
CA THR B 75 25.03 -19.79 -19.76
C THR B 75 25.31 -20.79 -18.64
N LYS B 76 24.25 -21.25 -17.97
CA LYS B 76 24.41 -22.21 -16.86
C LYS B 76 25.37 -21.68 -15.80
N VAL B 77 25.15 -20.43 -15.42
CA VAL B 77 25.98 -19.82 -14.38
C VAL B 77 25.73 -20.53 -13.04
N ARG B 78 26.83 -20.89 -12.39
CA ARG B 78 26.78 -21.43 -11.06
C ARG B 78 26.50 -20.34 -10.05
N GLU B 79 25.60 -20.62 -9.12
CA GLU B 79 25.13 -19.57 -8.20
C GLU B 79 26.32 -18.90 -7.48
N GLU B 80 27.28 -19.73 -7.06
CA GLU B 80 28.45 -19.24 -6.30
C GLU B 80 29.40 -18.37 -7.15
N ASP B 81 29.29 -18.44 -8.46
CA ASP B 81 30.07 -17.61 -9.38
C ASP B 81 29.31 -16.46 -9.99
N ALA B 82 28.09 -16.16 -9.54
CA ALA B 82 27.27 -15.24 -10.28
C ALA B 82 27.85 -13.84 -10.39
N ALA B 83 28.54 -13.39 -9.36
CA ALA B 83 28.98 -12.00 -9.27
C ALA B 83 29.93 -11.70 -10.45
N GLU B 84 30.66 -12.72 -10.88
CA GLU B 84 31.61 -12.53 -11.97
C GLU B 84 30.95 -12.26 -13.32
N TYR B 85 29.66 -12.58 -13.44
CA TYR B 85 28.86 -12.40 -14.64
C TYR B 85 28.04 -11.09 -14.62
N ILE B 86 28.08 -10.42 -13.48
CA ILE B 86 27.29 -9.21 -13.25
C ILE B 86 28.19 -7.95 -13.32
N ALA B 87 27.91 -7.07 -14.28
CA ALA B 87 28.62 -5.79 -14.42
C ALA B 87 28.22 -4.76 -13.35
N GLY B 88 26.99 -4.84 -12.91
CA GLY B 88 26.47 -3.93 -11.91
C GLY B 88 24.95 -4.04 -11.82
N TYR B 89 24.39 -3.02 -11.22
CA TYR B 89 22.95 -2.92 -10.98
C TYR B 89 22.43 -1.52 -11.37
N ALA B 90 21.16 -1.46 -11.73
CA ALA B 90 20.52 -0.20 -12.06
C ALA B 90 19.13 -0.13 -11.45
N LEU B 91 18.79 1.05 -10.97
CA LEU B 91 17.41 1.24 -10.56
C LEU B 91 16.49 1.06 -11.73
N ALA B 92 15.31 0.49 -11.48
CA ALA B 92 14.36 0.31 -12.59
C ALA B 92 12.97 0.47 -12.09
N ASN B 93 12.00 0.48 -12.98
CA ASN B 93 10.56 0.66 -12.64
C ASN B 93 9.65 -0.20 -13.56
N ASP B 94 9.14 -1.30 -13.00
CA ASP B 94 8.22 -2.18 -13.73
C ASP B 94 6.81 -1.58 -13.66
N VAL B 95 6.61 -0.58 -14.47
CA VAL B 95 5.30 0.10 -14.48
C VAL B 95 4.33 -0.90 -15.03
N SER B 96 3.15 -0.98 -14.41
CA SER B 96 2.20 -2.03 -14.70
C SER B 96 0.75 -1.65 -14.37
N LEU B 97 -0.17 -2.13 -15.18
CA LEU B 97 -1.58 -2.24 -14.79
C LEU B 97 -1.69 -3.26 -13.66
N PRO B 98 -2.82 -3.34 -12.90
CA PRO B 98 -2.85 -4.24 -11.75
C PRO B 98 -2.58 -5.72 -12.05
N GLU B 99 -1.89 -6.33 -11.10
CA GLU B 99 -1.59 -7.77 -11.09
C GLU B 99 -2.78 -8.54 -10.52
N GLU B 100 -3.82 -8.69 -11.33
CA GLU B 100 -5.06 -9.34 -10.89
C GLU B 100 -5.02 -10.82 -11.24
N SER B 101 -4.10 -11.23 -12.14
CA SER B 101 -3.97 -12.64 -12.50
C SER B 101 -2.52 -12.94 -12.90
N PHE B 102 -2.08 -14.13 -12.52
CA PHE B 102 -0.77 -14.63 -12.93
C PHE B 102 -0.86 -15.86 -13.82
N TYR B 103 -2.06 -16.19 -14.30
CA TYR B 103 -2.25 -17.36 -15.14
C TYR B 103 -1.74 -17.16 -16.57
N ARG B 104 -2.35 -16.19 -17.26
CA ARG B 104 -1.97 -15.88 -18.63
C ARG B 104 -0.92 -14.77 -18.63
N PRO B 105 -0.05 -14.75 -19.64
CA PRO B 105 0.95 -13.68 -19.69
C PRO B 105 0.31 -12.29 -19.64
N ALA B 106 0.98 -11.39 -18.93
CA ALA B 106 0.42 -10.08 -18.60
C ALA B 106 0.97 -9.06 -19.60
N ILE B 107 0.57 -9.22 -20.86
CA ILE B 107 1.12 -8.41 -21.94
C ILE B 107 0.54 -6.99 -21.91
N LYS B 108 -0.77 -6.87 -21.80
CA LYS B 108 -1.40 -5.54 -21.72
C LYS B 108 -1.00 -4.81 -20.47
N ALA B 109 -0.75 -5.54 -19.39
CA ALA B 109 -0.44 -4.92 -18.11
C ALA B 109 0.97 -4.40 -18.08
N LYS B 110 1.89 -5.08 -18.76
CA LYS B 110 3.31 -4.76 -18.53
C LYS B 110 4.10 -4.33 -19.75
N CYS B 111 3.55 -4.47 -20.95
CA CYS B 111 4.30 -4.27 -22.20
C CYS B 111 3.93 -2.99 -22.97
N ARG B 112 3.19 -2.08 -22.34
CA ARG B 112 2.86 -0.77 -22.87
C ARG B 112 4.05 0.12 -23.04
N ASP B 113 3.98 1.04 -24.01
CA ASP B 113 5.13 1.85 -24.36
C ASP B 113 5.51 2.65 -23.13
N GLY B 114 6.81 2.83 -22.95
CA GLY B 114 7.41 3.52 -21.83
C GLY B 114 7.15 2.98 -20.44
N PHE B 115 6.71 1.73 -20.36
CA PHE B 115 6.49 1.04 -19.08
C PHE B 115 7.74 0.42 -18.40
N CYS B 116 8.95 0.77 -18.81
CA CYS B 116 10.17 0.22 -18.16
C CYS B 116 11.32 1.24 -18.12
N PRO B 117 11.15 2.29 -17.30
CA PRO B 117 12.28 3.16 -16.98
C PRO B 117 13.44 2.32 -16.40
N ILE B 118 14.65 2.59 -16.87
CA ILE B 118 15.82 2.02 -16.23
C ILE B 118 16.90 3.09 -16.15
N GLY B 119 17.61 3.09 -15.03
CA GLY B 119 18.51 4.14 -14.67
C GLY B 119 19.91 3.75 -15.03
N GLU B 120 20.84 4.52 -14.48
CA GLU B 120 22.28 4.35 -14.67
C GLU B 120 22.77 3.11 -13.93
N THR B 121 23.66 2.38 -14.56
CA THR B 121 24.34 1.26 -13.96
C THR B 121 25.41 1.69 -12.98
N VAL B 122 25.48 1.01 -11.85
CA VAL B 122 26.47 1.20 -10.81
C VAL B 122 27.07 -0.16 -10.41
N ALA B 123 28.37 -0.17 -10.19
CA ALA B 123 29.10 -1.40 -9.92
C ALA B 123 29.14 -1.79 -8.45
N LEU B 124 28.07 -2.34 -7.91
CA LEU B 124 28.05 -2.79 -6.53
C LEU B 124 28.42 -4.27 -6.44
N SER B 125 28.88 -4.68 -5.26
CA SER B 125 29.25 -6.06 -4.99
C SER B 125 27.99 -6.97 -4.85
N ASN B 126 26.93 -6.40 -4.29
CA ASN B 126 25.66 -7.08 -4.10
C ASN B 126 24.58 -6.04 -3.85
N VAL B 127 23.33 -6.47 -3.90
CA VAL B 127 22.20 -5.61 -3.48
C VAL B 127 21.44 -6.35 -2.36
N ASP B 128 22.19 -6.92 -1.42
CA ASP B 128 21.58 -7.59 -0.27
C ASP B 128 21.04 -6.54 0.67
N ASN B 129 19.92 -6.87 1.31
CA ASN B 129 19.36 -6.00 2.34
C ASN B 129 19.15 -4.56 1.92
N LEU B 130 18.83 -4.35 0.64
CA LEU B 130 18.68 -3.01 0.08
C LEU B 130 17.25 -2.50 0.13
N THR B 131 17.07 -1.29 0.67
CA THR B 131 15.75 -0.64 0.67
C THR B 131 15.55 0.17 -0.59
N ILE B 132 14.49 -0.12 -1.32
CA ILE B 132 14.20 0.54 -2.58
C ILE B 132 13.00 1.43 -2.31
N TYR B 133 13.21 2.74 -2.46
CA TYR B 133 12.22 3.78 -2.14
C TYR B 133 11.53 4.33 -3.37
N THR B 134 10.27 4.71 -3.22
CA THR B 134 9.59 5.49 -4.23
C THR B 134 9.06 6.78 -3.60
N GLU B 135 9.30 7.90 -4.29
CA GLU B 135 8.71 9.22 -3.94
C GLU B 135 7.84 9.68 -5.08
N ILE B 136 6.69 10.23 -4.74
CA ILE B 136 5.82 10.83 -5.73
C ILE B 136 5.79 12.37 -5.44
N ASN B 137 6.12 13.19 -6.43
CA ASN B 137 6.16 14.64 -6.26
C ASN B 137 6.95 15.11 -5.02
N GLY B 138 8.12 14.51 -4.83
CA GLY B 138 8.99 14.80 -3.72
C GLY B 138 8.55 14.21 -2.37
N ARG B 139 7.43 13.50 -2.32
CA ARG B 139 6.93 12.92 -1.06
C ARG B 139 7.19 11.39 -0.99
N PRO B 140 7.68 10.89 0.15
CA PRO B 140 7.80 9.43 0.38
C PRO B 140 6.46 8.74 0.13
N ALA B 141 6.52 7.67 -0.64
CA ALA B 141 5.31 6.99 -1.04
C ALA B 141 5.42 5.50 -0.84
N ASP B 142 6.60 4.91 -1.08
CA ASP B 142 6.77 3.46 -0.86
C ASP B 142 8.23 3.13 -0.49
N HIS B 143 8.42 2.03 0.21
CA HIS B 143 9.73 1.40 0.30
C HIS B 143 9.53 -0.10 0.53
N TRP B 144 10.47 -0.88 0.02
CA TRP B 144 10.53 -2.29 0.29
C TRP B 144 12.00 -2.74 0.29
N ASN B 145 12.25 -3.94 0.82
CA ASN B 145 13.61 -4.45 0.98
C ASN B 145 13.91 -5.75 0.20
N THR B 146 15.10 -5.82 -0.41
CA THR B 146 15.47 -7.02 -1.16
C THR B 146 15.62 -8.27 -0.33
N ALA B 147 15.79 -8.13 0.99
CA ALA B 147 15.89 -9.28 1.88
C ALA B 147 14.62 -10.10 1.88
N ASP B 148 13.51 -9.50 1.48
CA ASP B 148 12.23 -10.18 1.40
C ASP B 148 11.98 -10.87 0.05
N LEU B 149 12.95 -10.84 -0.88
CA LEU B 149 12.82 -11.61 -2.08
C LEU B 149 13.19 -13.08 -1.83
N GLN B 150 12.48 -13.98 -2.49
CA GLN B 150 12.67 -15.42 -2.39
C GLN B 150 14.02 -15.81 -2.99
N ARG B 151 14.24 -15.32 -4.20
CA ARG B 151 15.51 -15.57 -4.93
C ARG B 151 16.27 -14.27 -5.00
N ASN B 152 17.55 -14.32 -4.64
CA ASN B 152 18.43 -13.15 -4.79
C ASN B 152 19.00 -13.08 -6.19
N ALA B 153 19.81 -12.04 -6.43
CA ALA B 153 20.22 -11.71 -7.77
C ALA B 153 21.06 -12.88 -8.36
N ALA B 154 21.99 -13.42 -7.57
CA ALA B 154 22.77 -14.59 -8.00
C ALA B 154 21.85 -15.81 -8.30
N GLN B 155 20.85 -16.06 -7.43
CA GLN B 155 19.94 -17.17 -7.66
C GLN B 155 19.12 -17.00 -8.96
N LEU B 156 18.65 -15.77 -9.20
CA LEU B 156 17.93 -15.48 -10.44
C LEU B 156 18.78 -15.67 -11.70
N LEU B 157 19.99 -15.16 -11.67
CA LEU B 157 20.86 -15.27 -12.81
C LEU B 157 21.16 -16.76 -13.12
N SER B 158 21.44 -17.56 -12.09
CA SER B 158 21.68 -18.99 -12.27
C SER B 158 20.40 -19.67 -12.77
N ALA B 159 19.22 -19.37 -12.17
CA ALA B 159 18.00 -20.02 -12.55
C ALA B 159 17.55 -19.76 -13.99
N LEU B 160 17.70 -18.52 -14.48
CA LEU B 160 17.37 -18.17 -15.87
C LEU B 160 18.38 -18.68 -16.89
N SER B 161 19.69 -18.51 -16.62
CA SER B 161 20.76 -18.89 -17.56
C SER B 161 20.87 -20.38 -17.67
N GLU B 162 20.20 -21.09 -16.75
CA GLU B 162 20.21 -22.57 -16.76
C GLU B 162 19.65 -23.08 -18.10
N PHE B 163 18.66 -22.35 -18.63
CA PHE B 163 18.02 -22.67 -19.92
C PHE B 163 18.05 -21.54 -20.99
N ALA B 164 18.23 -20.29 -20.55
CA ALA B 164 18.25 -19.13 -21.46
C ALA B 164 19.53 -18.35 -21.30
N THR B 165 20.37 -18.33 -22.34
CA THR B 165 21.60 -17.59 -22.27
C THR B 165 21.35 -16.07 -22.21
N LEU B 166 22.01 -15.39 -21.27
CA LEU B 166 22.04 -13.90 -21.26
C LEU B 166 23.31 -13.36 -21.86
N ASN B 167 23.19 -12.30 -22.66
CA ASN B 167 24.34 -11.67 -23.32
C ASN B 167 24.74 -10.44 -22.51
N PRO B 168 25.94 -9.90 -22.69
CA PRO B 168 26.31 -8.64 -22.04
C PRO B 168 25.32 -7.56 -22.36
N GLY B 169 24.92 -6.82 -21.31
CA GLY B 169 23.93 -5.81 -21.51
C GLY B 169 22.50 -6.20 -21.15
N ASP B 170 22.22 -7.49 -21.20
CA ASP B 170 20.90 -7.95 -20.80
C ASP B 170 20.72 -7.65 -19.32
N ALA B 171 19.46 -7.64 -18.87
CA ALA B 171 19.15 -7.29 -17.50
C ALA B 171 18.10 -8.25 -16.97
N ILE B 172 18.07 -8.37 -15.66
CA ILE B 172 17.00 -9.06 -14.90
C ILE B 172 16.51 -8.17 -13.74
N LEU B 173 15.23 -7.80 -13.78
CA LEU B 173 14.62 -7.06 -12.70
C LEU B 173 14.35 -8.11 -11.60
N LEU B 174 14.60 -7.74 -10.38
CA LEU B 174 14.80 -8.66 -9.27
C LEU B 174 13.48 -8.94 -8.58
N GLY B 175 12.45 -8.17 -8.94
CA GLY B 175 11.12 -8.42 -8.37
C GLY B 175 10.46 -7.17 -7.76
N THR B 176 9.19 -7.33 -7.38
CA THR B 176 8.41 -6.22 -6.82
C THR B 176 7.45 -6.80 -5.80
N PRO B 177 7.13 -6.03 -4.78
CA PRO B 177 6.19 -6.48 -3.73
C PRO B 177 4.72 -6.44 -4.17
N GLN B 178 3.85 -6.98 -3.32
CA GLN B 178 2.40 -7.02 -3.59
C GLN B 178 1.83 -5.62 -3.60
N ALA B 179 2.25 -4.81 -2.64
CA ALA B 179 1.71 -3.46 -2.50
C ALA B 179 2.46 -2.49 -3.36
N ARG B 180 1.71 -1.83 -4.23
CA ARG B 180 2.25 -0.84 -5.13
C ARG B 180 1.56 0.52 -4.99
N VAL B 181 2.25 1.55 -5.37
CA VAL B 181 1.61 2.87 -5.38
C VAL B 181 1.08 3.27 -6.75
N GLU B 182 -0.14 3.81 -6.74
CA GLU B 182 -0.75 4.27 -7.96
C GLU B 182 -0.15 5.59 -8.46
N ILE B 183 -0.01 5.70 -9.78
CA ILE B 183 0.43 6.92 -10.43
C ILE B 183 -0.62 7.44 -11.45
N GLN B 184 -0.57 8.74 -11.73
CA GLN B 184 -1.52 9.43 -12.61
C GLN B 184 -0.78 10.56 -13.34
N PRO B 185 -1.34 11.06 -14.44
CA PRO B 185 -0.72 12.19 -15.15
C PRO B 185 -0.38 13.34 -14.21
N GLY B 186 0.82 13.89 -14.37
CA GLY B 186 1.32 14.98 -13.56
C GLY B 186 2.27 14.56 -12.47
N ASP B 187 2.25 13.26 -12.18
CA ASP B 187 3.05 12.68 -11.13
C ASP B 187 4.50 12.59 -11.56
N ARG B 188 5.39 12.86 -10.63
CA ARG B 188 6.84 12.69 -10.82
C ARG B 188 7.29 11.53 -9.95
N VAL B 189 7.64 10.42 -10.58
CA VAL B 189 7.91 9.18 -9.87
C VAL B 189 9.41 8.93 -9.79
N ARG B 190 9.90 8.96 -8.57
CA ARG B 190 11.32 8.93 -8.28
C ARG B 190 11.61 7.64 -7.54
N VAL B 191 12.61 6.92 -8.01
CA VAL B 191 13.12 5.74 -7.35
C VAL B 191 14.48 6.02 -6.76
N LEU B 192 14.70 5.56 -5.54
CA LEU B 192 15.95 5.78 -4.84
C LEU B 192 16.40 4.54 -4.10
N ALA B 193 17.71 4.32 -4.05
CA ALA B 193 18.29 3.37 -3.16
C ALA B 193 19.73 3.72 -2.82
N GLU B 194 20.17 3.32 -1.63
CA GLU B 194 21.53 3.62 -1.17
C GLU B 194 22.52 3.10 -2.20
N GLY B 195 23.43 3.97 -2.64
CA GLY B 195 24.48 3.62 -3.60
C GLY B 195 24.15 3.81 -5.08
N PHE B 196 22.91 4.14 -5.39
CA PHE B 196 22.42 4.35 -6.79
C PHE B 196 22.18 5.81 -7.16
N PRO B 197 22.43 6.23 -8.39
CA PRO B 197 21.83 7.50 -8.80
C PRO B 197 20.35 7.35 -8.94
N PRO B 198 19.58 8.26 -8.35
CA PRO B 198 18.13 8.19 -8.42
C PRO B 198 17.65 8.14 -9.86
N LEU B 199 16.48 7.56 -10.06
CA LEU B 199 15.84 7.45 -11.35
C LEU B 199 14.55 8.18 -11.20
N GLU B 200 14.25 9.09 -12.09
CA GLU B 200 13.02 9.82 -11.96
C GLU B 200 12.37 9.99 -13.32
N ASN B 201 11.05 9.83 -13.39
CA ASN B 201 10.30 9.96 -14.65
C ASN B 201 8.96 10.66 -14.40
N PRO B 202 8.59 11.60 -15.29
CA PRO B 202 7.24 12.19 -15.25
C PRO B 202 6.19 11.28 -15.90
N VAL B 203 5.00 11.28 -15.34
CA VAL B 203 3.90 10.60 -15.95
C VAL B 203 3.11 11.61 -16.76
N VAL B 204 2.98 11.37 -18.07
CA VAL B 204 2.27 12.26 -19.01
C VAL B 204 1.19 11.49 -19.72
N ASP B 205 0.01 12.08 -19.76
CA ASP B 205 -1.05 11.65 -20.65
C ASP B 205 -0.48 11.17 -22.03
N GLU B 206 -0.78 9.94 -22.46
CA GLU B 206 -0.14 9.38 -23.69
C GLU B 206 -0.48 10.13 -24.97
N ARG B 207 -1.65 10.80 -24.96
CA ARG B 207 -2.14 11.58 -26.10
C ARG B 207 -1.13 12.67 -26.43
N GLU B 208 -0.34 13.04 -25.42
CA GLU B 208 0.62 14.12 -25.46
C GLU B 208 2.11 13.72 -25.57
N VAL B 209 2.41 12.43 -25.74
CA VAL B 209 3.81 12.00 -25.89
C VAL B 209 4.07 11.72 -27.37
N THR B 210 5.25 12.12 -27.83
CA THR B 210 5.58 12.42 -29.23
C THR B 210 5.54 11.23 -30.23
N THR B 211 6.63 11.00 -30.89
CA THR B 211 6.77 10.39 -32.21
C THR B 211 6.77 8.85 -32.17
N ARG B 212 7.06 8.32 -30.93
CA ARG B 212 7.47 6.94 -30.61
C ARG B 212 8.97 6.62 -30.87
N LYS B 213 9.63 6.05 -29.87
CA LYS B 213 10.96 5.64 -30.17
C LYS B 213 11.08 4.76 -31.43
N SER B 214 12.07 5.09 -32.26
CA SER B 214 12.44 4.27 -33.45
C SER B 214 13.80 3.60 -33.27
N PHE B 215 14.00 2.44 -33.90
CA PHE B 215 15.20 1.67 -33.65
C PHE B 215 15.95 1.40 -34.93
N PRO B 216 17.28 1.38 -34.89
CA PRO B 216 18.05 0.98 -36.06
C PRO B 216 17.56 -0.39 -36.54
N THR B 217 17.36 -0.54 -37.85
CA THR B 217 17.05 -1.84 -38.40
C THR B 217 18.32 -2.68 -38.48
N LEU B 218 18.12 -3.97 -38.31
CA LEU B 218 19.18 -4.94 -38.34
C LEU B 218 18.65 -6.17 -39.07
N PRO B 219 19.54 -6.99 -39.61
CA PRO B 219 19.11 -8.17 -40.36
C PRO B 219 18.16 -9.08 -39.57
N HIS B 220 17.10 -9.49 -40.25
CA HIS B 220 16.09 -10.38 -39.70
C HIS B 220 16.75 -11.72 -39.35
N PRO B 221 16.43 -12.31 -38.21
CA PRO B 221 15.50 -11.81 -37.20
C PRO B 221 16.08 -10.79 -36.22
N HIS B 222 15.40 -9.66 -36.11
CA HIS B 222 15.74 -8.64 -35.12
C HIS B 222 14.51 -7.85 -34.73
N GLY B 223 14.02 -8.05 -33.54
CA GLY B 223 12.83 -7.37 -33.09
C GLY B 223 12.12 -8.13 -31.99
N THR B 224 11.01 -7.61 -31.49
CA THR B 224 10.16 -8.32 -30.51
C THR B 224 9.55 -9.50 -31.19
N LEU B 225 9.60 -10.65 -30.51
CA LEU B 225 9.03 -11.89 -31.04
C LEU B 225 7.78 -12.19 -30.27
N PHE B 226 6.67 -11.85 -30.88
CA PHE B 226 5.36 -12.21 -30.36
C PHE B 226 5.01 -13.63 -30.82
N ALA B 227 4.29 -14.35 -29.98
CA ALA B 227 3.86 -15.70 -30.30
C ALA B 227 2.45 -15.93 -29.78
N LEU B 228 1.62 -16.51 -30.66
CA LEU B 228 0.25 -16.85 -30.33
C LEU B 228 0.18 -18.25 -29.68
N GLY B 229 -0.77 -18.36 -28.75
CA GLY B 229 -1.20 -19.63 -28.23
C GLY B 229 -2.11 -20.32 -29.22
N LEU B 230 -3.22 -20.85 -28.73
CA LEU B 230 -4.23 -21.54 -29.53
C LEU B 230 -4.83 -20.61 -30.59
N ASN B 231 -4.58 -20.87 -31.85
CA ASN B 231 -5.06 -19.97 -32.91
C ASN B 231 -5.48 -20.69 -34.19
N TYR B 232 -5.78 -21.99 -34.09
CA TYR B 232 -6.30 -22.78 -35.21
C TYR B 232 -7.59 -23.47 -34.79
N ALA B 233 -8.63 -23.35 -35.62
CA ALA B 233 -10.03 -23.73 -35.28
C ALA B 233 -10.17 -25.23 -35.30
N ASP B 234 -9.46 -25.83 -36.24
CA ASP B 234 -9.14 -27.25 -36.19
C ASP B 234 -10.09 -28.08 -35.27
N HIS B 235 -10.68 -28.35 -36.18
CA HIS B 235 -12.06 -28.19 -35.88
C HIS B 235 -12.60 -28.88 -34.61
N PRO B 244 -10.65 -18.16 -29.05
CA PRO B 244 -11.27 -17.96 -27.75
C PRO B 244 -12.00 -16.63 -27.68
N GLU B 245 -11.88 -15.87 -26.58
CA GLU B 245 -12.42 -14.49 -26.47
C GLU B 245 -11.42 -13.49 -27.03
N GLU B 246 -10.23 -13.45 -26.42
CA GLU B 246 -9.12 -12.70 -27.00
C GLU B 246 -7.86 -13.55 -27.16
N PRO B 247 -6.97 -13.12 -28.02
CA PRO B 247 -5.80 -13.92 -28.37
C PRO B 247 -4.91 -14.16 -27.16
N LEU B 248 -4.32 -15.35 -27.08
CA LEU B 248 -3.28 -15.59 -26.10
C LEU B 248 -1.96 -15.23 -26.72
N VAL B 249 -1.33 -14.16 -26.24
CA VAL B 249 -0.04 -13.77 -26.81
C VAL B 249 1.06 -13.85 -25.74
N PHE B 250 2.28 -14.22 -26.10
CA PHE B 250 3.41 -14.19 -25.19
C PHE B 250 4.63 -13.81 -25.95
N LEU B 251 5.70 -13.43 -25.25
CA LEU B 251 6.96 -13.06 -25.93
C LEU B 251 8.00 -14.15 -25.75
N LYS B 252 8.84 -14.24 -26.77
CA LYS B 252 9.99 -15.12 -26.75
C LYS B 252 11.30 -14.31 -26.74
N ALA B 253 12.25 -14.66 -25.89
CA ALA B 253 13.57 -14.02 -25.84
C ALA B 253 14.38 -14.35 -27.09
N PRO B 254 15.13 -13.39 -27.60
CA PRO B 254 15.87 -13.63 -28.82
C PRO B 254 16.85 -14.79 -28.81
N ASN B 255 17.35 -15.23 -27.65
CA ASN B 255 18.33 -16.31 -27.65
C ASN B 255 17.68 -17.71 -27.94
N THR B 256 16.34 -17.76 -27.98
CA THR B 256 15.68 -18.97 -28.44
C THR B 256 15.81 -19.24 -29.95
N LEU B 257 16.09 -18.19 -30.72
CA LEU B 257 16.27 -18.29 -32.16
C LEU B 257 17.54 -19.00 -32.63
N THR B 258 17.36 -19.82 -33.65
CA THR B 258 18.48 -20.37 -34.38
C THR B 258 18.12 -20.39 -35.87
N GLY B 259 19.14 -20.58 -36.69
CA GLY B 259 18.93 -20.51 -38.14
C GLY B 259 18.52 -21.86 -38.74
N ASP B 260 18.56 -21.88 -40.07
CA ASP B 260 18.26 -23.08 -40.87
C ASP B 260 19.37 -24.11 -40.75
N ASN B 261 18.97 -25.38 -40.88
CA ASN B 261 19.89 -26.48 -40.81
C ASN B 261 20.83 -26.49 -39.57
N GLN B 262 20.26 -26.14 -38.43
CA GLN B 262 20.92 -26.22 -37.14
C GLN B 262 20.35 -27.38 -36.29
N THR B 263 20.79 -27.43 -35.03
CA THR B 263 20.30 -28.39 -34.07
C THR B 263 19.53 -27.74 -32.95
N SER B 264 18.61 -28.50 -32.38
CA SER B 264 17.94 -28.10 -31.19
C SER B 264 17.98 -29.23 -30.17
N VAL B 265 18.24 -28.90 -28.92
CA VAL B 265 18.51 -29.88 -27.86
C VAL B 265 17.26 -30.34 -27.17
N ARG B 266 17.10 -31.65 -27.04
CA ARG B 266 16.05 -32.20 -26.22
C ARG B 266 16.64 -32.40 -24.83
N PRO B 267 16.03 -31.79 -23.81
CA PRO B 267 16.49 -32.03 -22.45
C PRO B 267 16.45 -33.51 -22.08
N ASN B 268 17.34 -33.88 -21.19
CA ASN B 268 17.44 -35.19 -20.61
C ASN B 268 16.18 -35.40 -19.84
N ASN B 269 15.68 -36.63 -19.90
CA ASN B 269 14.69 -37.08 -18.92
C ASN B 269 13.37 -36.38 -18.99
N ILE B 270 12.91 -36.04 -20.18
CA ILE B 270 11.55 -35.56 -20.33
C ILE B 270 10.76 -36.49 -21.19
N GLU B 271 9.43 -36.34 -21.12
CA GLU B 271 8.54 -37.20 -21.83
C GLU B 271 8.09 -36.67 -23.17
N TYR B 272 7.89 -35.36 -23.36
CA TYR B 272 7.30 -34.91 -24.63
C TYR B 272 7.88 -33.56 -25.08
N MET B 273 8.61 -33.58 -26.18
CA MET B 273 9.08 -32.41 -26.89
C MET B 273 8.40 -32.45 -28.28
N HIS B 274 7.68 -31.39 -28.65
CA HIS B 274 7.07 -31.32 -29.97
C HIS B 274 7.45 -30.03 -30.77
N TYR B 275 7.50 -30.18 -32.09
CA TYR B 275 7.63 -29.11 -33.10
C TYR B 275 6.31 -28.31 -33.12
N GLU B 276 6.30 -27.15 -33.76
CA GLU B 276 5.08 -26.41 -34.04
C GLU B 276 5.37 -25.59 -35.31
N ALA B 277 4.82 -26.04 -36.44
CA ALA B 277 4.97 -25.32 -37.72
C ALA B 277 4.17 -24.01 -37.62
N GLU B 278 4.79 -22.87 -37.91
CA GLU B 278 4.05 -21.60 -37.92
C GLU B 278 4.42 -20.63 -39.05
N LEU B 279 3.42 -19.91 -39.54
CA LEU B 279 3.62 -18.71 -40.36
C LEU B 279 3.99 -17.54 -39.41
N VAL B 280 5.08 -16.88 -39.74
CA VAL B 280 5.53 -15.69 -39.01
C VAL B 280 5.36 -14.44 -39.88
N VAL B 281 4.67 -13.47 -39.31
CA VAL B 281 4.46 -12.18 -39.95
C VAL B 281 5.51 -11.20 -39.46
N VAL B 282 6.21 -10.57 -40.40
CA VAL B 282 7.22 -9.58 -40.03
C VAL B 282 6.73 -8.14 -40.32
N ILE B 283 6.84 -7.28 -39.31
CA ILE B 283 6.38 -5.89 -39.39
C ILE B 283 7.43 -5.07 -40.16
N GLY B 284 6.95 -4.17 -41.03
CA GLY B 284 7.81 -3.37 -41.90
C GLY B 284 7.72 -1.87 -41.64
N LYS B 285 6.68 -1.45 -40.93
CA LYS B 285 6.51 -0.04 -40.63
C LYS B 285 5.98 0.11 -39.23
N GLN B 286 6.48 1.13 -38.54
CA GLN B 286 6.01 1.45 -37.19
C GLN B 286 4.50 1.61 -37.08
N ALA B 287 3.91 0.89 -36.13
CA ALA B 287 2.47 0.75 -36.06
C ALA B 287 1.91 0.96 -34.68
N ARG B 288 0.91 1.84 -34.59
CA ARG B 288 0.28 2.13 -33.32
C ARG B 288 -1.19 2.51 -33.59
N ASN B 289 -2.12 1.86 -32.89
CA ASN B 289 -3.58 2.00 -33.03
C ASN B 289 -4.05 1.79 -34.47
N VAL B 290 -3.56 0.75 -35.11
CA VAL B 290 -3.92 0.50 -36.49
C VAL B 290 -5.21 -0.35 -36.55
N SER B 291 -6.08 -0.01 -37.49
CA SER B 291 -7.33 -0.71 -37.71
C SER B 291 -7.05 -1.99 -38.46
N GLU B 292 -7.91 -2.97 -38.30
CA GLU B 292 -7.86 -4.18 -39.10
C GLU B 292 -7.84 -3.89 -40.60
N ALA B 293 -8.59 -2.89 -41.03
CA ALA B 293 -8.58 -2.42 -42.43
C ALA B 293 -7.22 -1.99 -43.01
N ASP B 294 -6.38 -1.27 -42.28
CA ASP B 294 -5.03 -0.88 -42.76
C ASP B 294 -3.85 -1.70 -42.29
N ALA B 295 -4.10 -2.69 -41.45
CA ALA B 295 -3.02 -3.50 -40.87
C ALA B 295 -2.01 -4.03 -41.88
N MET B 296 -2.47 -4.43 -43.08
CA MET B 296 -1.55 -5.04 -44.06
C MET B 296 -0.49 -4.10 -44.64
N ASP B 297 -0.73 -2.79 -44.58
CA ASP B 297 0.28 -1.81 -45.01
C ASP B 297 1.51 -1.78 -44.10
N TYR B 298 1.41 -2.41 -42.94
CA TYR B 298 2.49 -2.41 -41.97
C TYR B 298 3.33 -3.72 -41.93
N VAL B 299 3.03 -4.64 -42.85
CA VAL B 299 3.69 -5.94 -42.94
C VAL B 299 4.75 -5.85 -44.00
N ALA B 300 6.01 -6.19 -43.66
CA ALA B 300 7.05 -6.36 -44.67
C ALA B 300 6.83 -7.67 -45.42
N GLY B 301 6.37 -8.70 -44.71
CA GLY B 301 6.23 -10.00 -45.34
C GLY B 301 6.31 -11.15 -44.38
N TYR B 302 6.64 -12.33 -44.90
CA TYR B 302 6.42 -13.58 -44.18
C TYR B 302 7.65 -14.43 -44.06
N THR B 303 7.68 -15.22 -42.98
CA THR B 303 8.75 -16.18 -42.84
C THR B 303 8.20 -17.38 -42.10
N VAL B 304 9.08 -18.30 -41.76
CA VAL B 304 8.63 -19.52 -41.07
C VAL B 304 9.46 -19.78 -39.82
N CYS B 305 8.80 -20.26 -38.78
CA CYS B 305 9.52 -20.80 -37.63
C CYS B 305 9.01 -22.16 -37.22
N ASN B 306 9.78 -22.81 -36.36
CA ASN B 306 9.41 -24.05 -35.69
C ASN B 306 9.43 -23.74 -34.19
N ASP B 307 8.25 -23.61 -33.60
CA ASP B 307 8.08 -23.20 -32.19
C ASP B 307 7.95 -24.33 -31.18
N TYR B 308 9.10 -24.96 -30.94
CA TYR B 308 9.24 -26.13 -30.09
C TYR B 308 8.68 -25.85 -28.70
N ALA B 309 8.17 -26.89 -28.07
CA ALA B 309 7.75 -26.84 -26.68
C ALA B 309 8.27 -28.06 -25.94
N ILE B 310 8.68 -27.85 -24.70
CA ILE B 310 8.91 -28.96 -23.76
C ILE B 310 7.70 -29.03 -22.85
N ARG B 311 6.83 -29.99 -23.15
CA ARG B 311 5.56 -30.04 -22.45
C ARG B 311 5.71 -30.21 -20.98
N ASP B 312 6.71 -30.98 -20.58
CA ASP B 312 6.91 -31.33 -19.19
C ASP B 312 7.09 -30.11 -18.31
N TYR B 313 7.61 -29.00 -18.84
CA TYR B 313 7.94 -27.85 -18.02
C TYR B 313 6.84 -26.80 -17.92
N LEU B 314 5.70 -27.07 -18.52
CA LEU B 314 4.55 -26.14 -18.43
C LEU B 314 4.04 -26.03 -16.99
N GLU B 315 3.72 -24.81 -16.59
CA GLU B 315 3.10 -24.53 -15.31
C GLU B 315 1.99 -23.54 -15.54
N ASN B 316 1.19 -23.28 -14.52
CA ASN B 316 0.08 -22.39 -14.64
C ASN B 316 0.39 -20.95 -14.18
N TYR B 317 1.58 -20.46 -14.56
CA TYR B 317 1.99 -19.10 -14.19
C TYR B 317 2.56 -18.48 -15.43
N TYR B 318 1.93 -17.40 -15.92
CA TYR B 318 2.34 -16.77 -17.16
C TYR B 318 2.60 -17.86 -18.24
N ARG B 319 1.64 -18.75 -18.40
CA ARG B 319 1.69 -19.93 -19.29
C ARG B 319 1.35 -19.61 -20.74
N PRO B 320 2.11 -20.11 -21.74
CA PRO B 320 3.29 -21.00 -21.57
C PRO B 320 4.54 -20.20 -21.13
N ASN B 321 5.33 -20.60 -20.12
CA ASN B 321 6.37 -19.71 -19.57
C ASN B 321 7.70 -19.95 -20.25
N LEU B 322 8.72 -19.21 -19.83
CA LEU B 322 9.96 -19.10 -20.52
C LEU B 322 10.69 -20.43 -20.58
N ARG B 323 10.60 -21.26 -19.54
CA ARG B 323 11.36 -22.48 -19.49
C ARG B 323 10.85 -23.50 -20.52
N VAL B 324 9.66 -23.23 -21.06
CA VAL B 324 9.08 -24.03 -22.13
C VAL B 324 9.42 -23.40 -23.51
N LYS B 325 9.34 -22.08 -23.61
CA LYS B 325 9.21 -21.36 -24.87
C LYS B 325 10.36 -20.42 -25.27
N SER B 326 11.28 -20.15 -24.34
CA SER B 326 12.50 -19.36 -24.65
C SER B 326 13.82 -20.10 -24.37
N ARG B 327 13.84 -21.41 -24.54
CA ARG B 327 15.08 -22.17 -24.35
C ARG B 327 16.02 -21.90 -25.50
N ASP B 328 17.31 -21.88 -25.21
CA ASP B 328 18.35 -21.65 -26.22
C ASP B 328 18.17 -22.56 -27.42
N GLY B 329 18.19 -21.94 -28.60
CA GLY B 329 18.11 -22.68 -29.83
C GLY B 329 16.85 -23.47 -30.13
N LEU B 330 15.76 -23.32 -29.36
CA LEU B 330 14.57 -24.12 -29.63
C LEU B 330 13.51 -23.40 -30.52
N THR B 331 13.93 -22.38 -31.27
CA THR B 331 13.01 -21.74 -32.21
C THR B 331 13.74 -21.50 -33.51
N PRO B 332 13.96 -22.54 -34.30
CA PRO B 332 14.47 -22.34 -35.65
C PRO B 332 13.60 -21.35 -36.38
N MET B 333 14.23 -20.51 -37.20
CA MET B 333 13.52 -19.47 -37.92
C MET B 333 14.33 -19.13 -39.15
N LEU B 334 13.64 -19.08 -40.29
CA LEU B 334 14.33 -18.73 -41.52
C LEU B 334 14.82 -17.27 -41.48
N SER B 335 15.96 -17.07 -42.12
CA SER B 335 16.60 -15.78 -42.22
C SER B 335 16.03 -15.00 -43.40
N THR B 336 15.21 -15.63 -44.22
CA THR B 336 14.63 -14.92 -45.36
C THR B 336 13.23 -14.42 -45.02
N ILE B 337 12.84 -13.35 -45.69
CA ILE B 337 11.48 -12.86 -45.66
C ILE B 337 10.97 -12.86 -47.09
N VAL B 338 9.80 -13.44 -47.31
CA VAL B 338 9.08 -13.30 -48.58
C VAL B 338 8.22 -12.04 -48.51
N PRO B 339 8.43 -11.08 -49.42
CA PRO B 339 7.64 -9.85 -49.39
C PRO B 339 6.17 -10.15 -49.48
N LYS B 340 5.36 -9.31 -48.85
CA LYS B 340 3.93 -9.52 -48.77
C LYS B 340 3.27 -9.53 -50.16
N GLU B 341 3.85 -8.79 -51.10
CA GLU B 341 3.27 -8.68 -52.45
C GLU B 341 3.32 -10.01 -53.18
N ALA B 342 4.32 -10.85 -52.89
CA ALA B 342 4.39 -12.18 -53.49
C ALA B 342 3.36 -13.21 -52.94
N ILE B 343 2.59 -12.81 -51.92
CA ILE B 343 1.60 -13.67 -51.25
C ILE B 343 0.23 -12.96 -51.22
N PRO B 344 -0.65 -13.26 -52.18
CA PRO B 344 -1.95 -12.57 -52.30
C PRO B 344 -2.89 -12.74 -51.11
N ASP B 345 -3.03 -13.99 -50.66
CA ASP B 345 -3.78 -14.30 -49.44
C ASP B 345 -2.91 -15.16 -48.51
N PRO B 346 -2.41 -14.58 -47.42
CA PRO B 346 -1.78 -15.35 -46.34
C PRO B 346 -2.75 -16.19 -45.52
N HIS B 347 -4.05 -15.94 -45.67
CA HIS B 347 -5.05 -16.77 -45.03
C HIS B 347 -5.50 -17.99 -45.91
N ASN B 348 -4.69 -18.42 -46.88
CA ASN B 348 -4.95 -19.60 -47.70
C ASN B 348 -3.66 -20.33 -48.06
N LEU B 349 -2.90 -20.73 -47.04
CA LEU B 349 -1.54 -21.25 -47.17
C LEU B 349 -1.54 -22.52 -46.35
N THR B 350 -0.96 -23.59 -46.92
CA THR B 350 -0.84 -24.86 -46.22
C THR B 350 0.46 -24.87 -45.42
N LEU B 351 0.34 -25.30 -44.18
CA LEU B 351 1.49 -25.61 -43.37
C LEU B 351 1.64 -27.11 -43.19
N ARG B 352 2.88 -27.53 -43.17
CA ARG B 352 3.17 -28.95 -42.97
C ARG B 352 4.45 -29.17 -42.16
N THR B 353 4.44 -30.20 -41.31
CA THR B 353 5.68 -30.67 -40.67
C THR B 353 6.02 -32.17 -41.07
N PHE B 354 7.26 -32.36 -41.51
CA PHE B 354 7.81 -33.69 -41.78
C PHE B 354 8.83 -34.07 -40.71
N VAL B 355 8.74 -35.30 -40.22
CA VAL B 355 9.77 -35.84 -39.35
C VAL B 355 10.35 -37.14 -39.96
N ASN B 356 11.64 -37.06 -40.25
CA ASN B 356 12.38 -38.08 -41.03
C ASN B 356 11.69 -38.41 -42.36
N GLY B 357 11.20 -37.39 -43.04
CA GLY B 357 10.44 -37.57 -44.26
C GLY B 357 8.94 -37.93 -44.11
N GLU B 358 8.44 -38.21 -42.89
CA GLU B 358 7.05 -38.71 -42.67
C GLU B 358 6.27 -37.45 -42.45
N LEU B 359 5.13 -37.31 -43.13
CA LEU B 359 4.29 -36.11 -42.96
C LEU B 359 3.56 -36.31 -41.64
N ARG B 360 3.74 -35.39 -40.70
CA ARG B 360 3.11 -35.55 -39.39
C ARG B 360 2.12 -34.46 -39.04
N GLN B 361 2.27 -33.29 -39.63
CA GLN B 361 1.34 -32.20 -39.35
C GLN B 361 1.01 -31.53 -40.66
N GLN B 362 -0.24 -31.22 -40.87
CA GLN B 362 -0.65 -30.41 -42.02
C GLN B 362 -1.89 -29.60 -41.67
N GLY B 363 -1.87 -28.33 -42.02
CA GLY B 363 -3.04 -27.50 -41.82
C GLY B 363 -3.03 -26.39 -42.82
N THR B 364 -3.97 -25.50 -42.64
CA THR B 364 -4.05 -24.31 -43.46
C THR B 364 -4.38 -23.07 -42.63
N THR B 365 -3.78 -21.96 -43.03
CA THR B 365 -3.97 -20.71 -42.36
C THR B 365 -5.36 -20.20 -42.57
N ALA B 366 -6.13 -20.85 -43.46
CA ALA B 366 -7.56 -20.58 -43.56
C ALA B 366 -8.29 -20.89 -42.23
N ASP B 367 -7.69 -21.71 -41.37
CA ASP B 367 -8.26 -21.99 -40.04
C ASP B 367 -7.74 -21.12 -38.90
N LEU B 368 -7.03 -20.03 -39.22
CA LEU B 368 -6.63 -19.11 -38.15
C LEU B 368 -7.86 -18.60 -37.45
N ILE B 369 -7.88 -18.64 -36.14
CA ILE B 369 -8.99 -18.09 -35.36
C ILE B 369 -8.91 -16.56 -35.40
N PHE B 370 -7.74 -16.04 -35.03
CA PHE B 370 -7.40 -14.62 -35.15
C PHE B 370 -6.52 -14.36 -36.35
N SER B 371 -7.04 -13.51 -37.27
CA SER B 371 -6.41 -13.19 -38.52
C SER B 371 -5.18 -12.34 -38.34
N VAL B 372 -4.37 -12.29 -39.37
CA VAL B 372 -3.20 -11.46 -39.39
C VAL B 372 -3.58 -9.98 -39.12
N PRO B 373 -4.55 -9.41 -39.84
CA PRO B 373 -4.95 -8.02 -39.55
C PRO B 373 -5.56 -7.86 -38.17
N PHE B 374 -6.32 -8.83 -37.71
CA PHE B 374 -6.89 -8.76 -36.38
C PHE B 374 -5.77 -8.66 -35.34
N LEU B 375 -4.74 -9.48 -35.51
CA LEU B 375 -3.63 -9.54 -34.56
C LEU B 375 -2.84 -8.26 -34.55
N ILE B 376 -2.51 -7.76 -35.75
CA ILE B 376 -1.85 -6.47 -35.84
C ILE B 376 -2.70 -5.35 -35.17
N ALA B 377 -4.03 -5.40 -35.31
CA ALA B 377 -4.87 -4.36 -34.69
C ALA B 377 -4.90 -4.53 -33.20
N TYR B 378 -4.96 -5.79 -32.80
CA TYR B 378 -5.04 -6.16 -31.41
C TYR B 378 -3.80 -5.70 -30.64
N LEU B 379 -2.60 -5.97 -31.18
CA LEU B 379 -1.37 -5.65 -30.46
C LEU B 379 -1.13 -4.12 -30.52
N SER B 380 -1.33 -3.54 -31.70
CA SER B 380 -1.02 -2.11 -31.86
C SER B 380 -1.98 -1.20 -31.07
N GLU B 381 -3.09 -1.76 -30.61
CA GLU B 381 -4.02 -1.02 -29.79
C GLU B 381 -3.43 -0.63 -28.44
N PHE B 382 -2.45 -1.39 -27.94
CA PHE B 382 -1.92 -1.09 -26.61
C PHE B 382 -0.38 -0.98 -26.58
N MET B 383 0.31 -1.15 -27.72
CA MET B 383 1.75 -1.01 -27.77
C MET B 383 2.20 -0.75 -29.21
N THR B 384 3.31 -0.02 -29.38
CA THR B 384 3.93 0.19 -30.69
C THR B 384 4.62 -1.03 -31.22
N LEU B 385 4.29 -1.40 -32.46
CA LEU B 385 5.05 -2.36 -33.22
C LEU B 385 6.04 -1.63 -34.05
N ASN B 386 7.21 -2.21 -34.20
CA ASN B 386 8.30 -1.58 -34.90
C ASN B 386 8.82 -2.51 -35.98
N PRO B 387 9.39 -1.95 -37.05
CA PRO B 387 10.04 -2.75 -38.09
C PRO B 387 10.99 -3.79 -37.49
N GLY B 388 10.75 -5.04 -37.91
CA GLY B 388 11.57 -6.17 -37.52
C GLY B 388 10.87 -7.06 -36.49
N ASP B 389 9.90 -6.50 -35.79
CA ASP B 389 9.05 -7.29 -34.87
C ASP B 389 8.38 -8.41 -35.69
N MET B 390 8.11 -9.53 -35.02
CA MET B 390 7.66 -10.76 -35.67
C MET B 390 6.46 -11.27 -34.87
N ILE B 391 5.46 -11.80 -35.53
CA ILE B 391 4.30 -12.43 -34.90
C ILE B 391 4.23 -13.89 -35.41
N ALA B 392 4.53 -14.86 -34.54
CA ALA B 392 4.30 -16.28 -34.83
C ALA B 392 2.82 -16.56 -34.57
N THR B 393 2.05 -16.88 -35.62
CA THR B 393 0.61 -16.84 -35.56
C THR B 393 -0.01 -18.13 -35.08
N GLY B 394 0.81 -19.11 -34.72
CA GLY B 394 0.30 -20.35 -34.13
C GLY B 394 0.43 -21.54 -35.03
N THR B 395 -0.18 -22.64 -34.61
CA THR B 395 0.07 -23.90 -35.28
C THR B 395 -1.19 -24.79 -35.31
N PRO B 396 -1.37 -25.51 -36.42
CA PRO B 396 -2.50 -26.44 -36.53
C PRO B 396 -2.34 -27.70 -35.63
N LYS B 397 -3.40 -28.50 -35.60
CA LYS B 397 -3.39 -29.74 -34.87
C LYS B 397 -2.36 -30.62 -35.54
N GLY B 398 -1.97 -31.67 -34.83
CA GLY B 398 -1.10 -32.67 -35.38
C GLY B 398 0.26 -32.66 -34.72
N LEU B 399 0.35 -32.55 -33.41
CA LEU B 399 1.65 -32.45 -32.77
C LEU B 399 2.12 -33.83 -32.37
N SER B 400 3.43 -34.02 -32.34
CA SER B 400 4.03 -35.26 -31.83
C SER B 400 5.51 -35.11 -31.34
N ASP B 401 5.96 -36.15 -30.65
CA ASP B 401 7.22 -36.19 -29.93
C ASP B 401 8.38 -36.37 -30.92
N VAL B 402 9.45 -35.61 -30.72
CA VAL B 402 10.65 -35.72 -31.55
C VAL B 402 11.84 -36.02 -30.62
N VAL B 403 12.77 -36.86 -31.09
CA VAL B 403 13.86 -37.38 -30.28
C VAL B 403 15.20 -37.20 -30.94
N PRO B 404 16.31 -37.32 -30.20
CA PRO B 404 17.64 -37.16 -30.81
C PRO B 404 17.83 -37.95 -32.11
N GLY B 405 18.44 -37.31 -33.11
CA GLY B 405 18.62 -37.84 -34.46
C GLY B 405 17.49 -37.56 -35.45
N ASP B 406 16.33 -37.13 -34.97
CA ASP B 406 15.25 -36.77 -35.85
C ASP B 406 15.52 -35.50 -36.64
N GLU B 407 15.19 -35.55 -37.94
CA GLU B 407 15.20 -34.41 -38.83
C GLU B 407 13.78 -33.89 -38.92
N VAL B 408 13.58 -32.65 -38.52
CA VAL B 408 12.27 -32.03 -38.49
C VAL B 408 12.25 -30.90 -39.50
N VAL B 409 11.31 -30.95 -40.43
CA VAL B 409 11.25 -29.98 -41.50
C VAL B 409 9.88 -29.35 -41.42
N VAL B 410 9.83 -28.03 -41.24
CA VAL B 410 8.58 -27.30 -41.34
C VAL B 410 8.54 -26.53 -42.64
N GLU B 411 7.34 -26.43 -43.20
CA GLU B 411 7.10 -25.86 -44.53
C GLU B 411 5.87 -24.98 -44.48
N VAL B 412 5.93 -23.76 -45.03
CA VAL B 412 4.72 -22.99 -45.27
C VAL B 412 4.68 -22.62 -46.75
N GLU B 413 3.54 -22.89 -47.38
CA GLU B 413 3.34 -22.79 -48.83
C GLU B 413 3.73 -21.42 -49.32
N GLY B 414 4.67 -21.35 -50.26
CA GLY B 414 5.15 -20.09 -50.84
C GLY B 414 6.04 -19.19 -49.99
N VAL B 415 6.23 -19.55 -48.72
CA VAL B 415 6.99 -18.77 -47.78
C VAL B 415 8.36 -19.38 -47.57
N GLY B 416 8.41 -20.66 -47.18
CA GLY B 416 9.65 -21.36 -47.05
C GLY B 416 9.66 -22.75 -46.45
N ARG B 417 10.84 -23.33 -46.47
CA ARG B 417 11.18 -24.66 -45.96
C ARG B 417 12.34 -24.53 -44.93
N LEU B 418 12.12 -25.05 -43.71
CA LEU B 418 13.01 -24.86 -42.56
C LEU B 418 13.32 -26.19 -41.91
N VAL B 419 14.59 -26.54 -41.92
CA VAL B 419 15.09 -27.81 -41.46
C VAL B 419 15.82 -27.65 -40.11
N ASN B 420 15.62 -28.63 -39.25
CA ASN B 420 16.25 -28.66 -37.93
C ASN B 420 16.49 -30.12 -37.58
N ARG B 421 17.51 -30.37 -36.78
CA ARG B 421 17.87 -31.71 -36.29
C ARG B 421 17.89 -31.74 -34.75
N ILE B 422 17.21 -32.69 -34.13
CA ILE B 422 17.22 -32.80 -32.70
C ILE B 422 18.48 -33.51 -32.25
N VAL B 423 19.11 -33.01 -31.20
CA VAL B 423 20.22 -33.69 -30.55
C VAL B 423 19.99 -33.83 -29.03
N SER B 424 20.75 -34.73 -28.40
CA SER B 424 20.75 -34.84 -26.95
C SER B 424 21.60 -33.80 -26.29
N GLU B 425 21.41 -33.63 -24.98
CA GLU B 425 22.30 -32.78 -24.18
C GLU B 425 23.75 -33.25 -24.33
N GLU B 426 23.99 -34.57 -24.31
CA GLU B 426 25.35 -35.15 -24.44
C GLU B 426 26.02 -34.77 -25.78
N THR B 427 25.24 -34.83 -26.86
CA THR B 427 25.74 -34.54 -28.20
C THR B 427 26.10 -33.06 -28.32
N ALA B 428 25.27 -32.19 -27.75
CA ALA B 428 25.47 -30.74 -27.91
C ALA B 428 26.66 -30.18 -27.12
N LYS B 429 27.17 -30.88 -26.12
CA LYS B 429 28.13 -30.21 -25.23
C LYS B 429 29.53 -29.99 -25.85
N MET C 1 27.97 17.49 -9.34
CA MET C 1 27.73 16.06 -9.02
C MET C 1 27.68 15.80 -7.49
N LYS C 2 27.52 16.88 -6.72
CA LYS C 2 27.92 16.98 -5.29
C LYS C 2 29.45 17.26 -5.13
N GLY C 3 30.13 17.45 -6.27
CA GLY C 3 31.45 18.05 -6.32
C GLY C 3 31.13 19.52 -6.45
N THR C 4 32.11 20.43 -6.52
CA THR C 4 31.84 21.83 -6.85
C THR C 4 31.64 21.97 -8.37
N ILE C 5 30.63 22.71 -8.80
CA ILE C 5 30.34 22.91 -10.21
C ILE C 5 30.86 24.29 -10.59
N PHE C 6 31.97 24.28 -11.34
CA PHE C 6 32.48 25.49 -11.94
C PHE C 6 31.92 25.65 -13.36
N ALA C 7 32.02 26.85 -13.94
CA ALA C 7 31.52 27.10 -15.29
C ALA C 7 32.22 28.31 -15.93
N VAL C 8 32.39 28.27 -17.25
CA VAL C 8 32.91 29.43 -17.97
C VAL C 8 31.83 30.20 -18.71
N ALA C 9 31.94 31.52 -18.65
CA ALA C 9 31.08 32.38 -19.41
C ALA C 9 31.96 33.01 -20.48
N LEU C 10 31.28 33.50 -21.49
CA LEU C 10 31.90 34.27 -22.58
C LEU C 10 32.93 33.37 -23.27
N ASN C 11 32.59 32.11 -23.42
CA ASN C 11 33.51 31.14 -24.03
C ASN C 11 33.08 30.73 -25.45
N HIS C 12 31.93 31.20 -25.92
CA HIS C 12 31.46 30.86 -27.28
C HIS C 12 31.66 32.05 -28.20
N ARG C 13 32.20 31.79 -29.39
CA ARG C 13 32.70 32.89 -30.24
C ARG C 13 31.57 33.79 -30.71
N SER C 14 30.36 33.27 -30.82
CA SER C 14 29.18 34.06 -31.20
C SER C 14 28.80 35.08 -30.14
N GLN C 15 29.08 34.77 -28.87
CA GLN C 15 28.84 35.71 -27.79
C GLN C 15 29.90 36.77 -27.73
N LEU C 16 31.15 36.37 -27.93
CA LEU C 16 32.27 37.29 -27.96
C LEU C 16 32.04 38.31 -29.09
N ASP C 17 31.53 37.81 -30.22
CA ASP C 17 31.27 38.59 -31.44
C ASP C 17 30.19 39.64 -31.15
N ALA C 18 29.07 39.15 -30.62
CA ALA C 18 27.94 39.99 -30.30
C ALA C 18 28.22 41.06 -29.25
N TRP C 19 29.23 40.85 -28.41
CA TRP C 19 29.56 41.77 -27.31
C TRP C 19 30.79 42.63 -27.57
N GLN C 20 31.47 42.35 -28.69
CA GLN C 20 32.73 43.02 -29.07
C GLN C 20 32.67 44.53 -28.84
N GLU C 21 31.60 45.15 -29.32
CA GLU C 21 31.49 46.60 -29.28
C GLU C 21 31.32 47.09 -27.83
N ALA C 22 30.44 46.42 -27.10
CA ALA C 22 30.23 46.69 -25.66
C ALA C 22 31.48 46.51 -24.80
N PHE C 23 32.38 45.58 -25.14
CA PHE C 23 33.58 45.29 -24.32
C PHE C 23 34.69 46.34 -24.45
N GLN C 24 34.46 47.32 -25.31
CA GLN C 24 35.43 48.38 -25.58
C GLN C 24 35.08 49.61 -24.75
N GLN C 25 33.89 49.57 -24.14
CA GLN C 25 33.36 50.69 -23.39
C GLN C 25 33.17 50.33 -21.92
N SER C 26 32.80 51.33 -21.11
CA SER C 26 32.49 51.10 -19.71
C SER C 26 31.25 50.24 -19.63
N PRO C 27 31.12 49.43 -18.59
CA PRO C 27 32.13 49.29 -17.52
C PRO C 27 33.30 48.36 -17.87
N TYR C 28 33.27 47.74 -19.04
CA TYR C 28 34.24 46.69 -19.39
C TYR C 28 35.65 47.13 -19.72
N LYS C 29 35.81 48.31 -20.31
CA LYS C 29 37.14 48.90 -20.63
C LYS C 29 37.92 48.16 -21.74
N ALA C 30 38.26 46.90 -21.47
CA ALA C 30 38.98 46.03 -22.40
C ALA C 30 38.32 44.64 -22.40
N PRO C 31 38.22 43.95 -23.54
CA PRO C 31 37.70 42.58 -23.53
C PRO C 31 38.46 41.65 -22.57
N PRO C 32 37.89 40.47 -22.35
CA PRO C 32 38.42 39.56 -21.34
C PRO C 32 39.75 39.01 -21.79
N LYS C 33 40.74 39.08 -20.90
CA LYS C 33 42.07 38.53 -21.14
C LYS C 33 41.91 37.08 -20.74
N THR C 34 41.64 36.85 -19.47
CA THR C 34 41.58 35.49 -18.95
C THR C 34 40.13 34.96 -18.93
N ALA C 35 39.98 33.66 -18.74
CA ALA C 35 38.66 33.04 -18.63
C ALA C 35 37.81 33.69 -17.55
N VAL C 36 36.52 33.72 -17.83
CA VAL C 36 35.49 34.37 -17.02
C VAL C 36 34.68 33.22 -16.35
N TRP C 37 34.87 33.08 -15.05
CA TRP C 37 34.32 31.96 -14.29
C TRP C 37 33.09 32.30 -13.43
N PHE C 38 32.24 31.29 -13.26
CA PHE C 38 31.19 31.33 -12.25
C PHE C 38 31.06 29.96 -11.64
N ILE C 39 30.17 29.88 -10.62
CA ILE C 39 29.94 28.66 -9.83
C ILE C 39 28.45 28.44 -9.82
N LYS C 40 28.03 27.18 -10.02
CA LYS C 40 26.63 26.76 -9.79
C LYS C 40 26.59 26.07 -8.42
N PRO C 41 26.12 26.78 -7.39
CA PRO C 41 26.17 26.20 -6.04
C PRO C 41 25.19 25.05 -5.82
N ARG C 42 25.33 24.42 -4.65
CA ARG C 42 24.68 23.13 -4.37
C ARG C 42 23.14 23.16 -4.48
N ASN C 43 22.50 24.29 -4.19
CA ASN C 43 21.04 24.41 -4.35
C ASN C 43 20.59 24.31 -5.80
N THR C 44 21.50 24.59 -6.75
CA THR C 44 21.13 24.48 -8.16
C THR C 44 21.26 23.09 -8.75
N VAL C 45 22.09 22.25 -8.18
CA VAL C 45 22.52 21.04 -8.83
C VAL C 45 21.44 19.94 -8.64
N ILE C 46 20.92 19.47 -9.76
CA ILE C 46 19.92 18.39 -9.78
C ILE C 46 20.33 17.37 -10.83
N GLY C 47 19.73 16.20 -10.74
CA GLY C 47 20.03 15.13 -11.65
C GLY C 47 18.99 15.02 -12.69
N CYS C 48 19.11 13.95 -13.43
CA CYS C 48 18.23 13.79 -14.53
C CYS C 48 16.83 13.45 -14.02
N GLY C 49 15.83 14.01 -14.70
CA GLY C 49 14.45 13.85 -14.36
C GLY C 49 13.94 14.76 -13.26
N GLU C 50 14.83 15.40 -12.50
CA GLU C 50 14.36 16.31 -11.45
C GLU C 50 13.75 17.58 -12.04
N PRO C 51 12.75 18.15 -11.41
CA PRO C 51 12.14 19.36 -11.95
C PRO C 51 13.02 20.60 -11.87
N ILE C 52 12.99 21.40 -12.94
CA ILE C 52 13.50 22.76 -12.91
C ILE C 52 12.35 23.62 -12.34
N PRO C 53 12.50 24.17 -11.14
CA PRO C 53 11.44 25.02 -10.60
C PRO C 53 11.44 26.35 -11.28
N PHE C 54 10.29 26.74 -11.80
CA PHE C 54 10.22 27.95 -12.62
C PHE C 54 9.83 29.18 -11.80
N PRO C 55 10.63 30.24 -11.75
CA PRO C 55 10.21 31.37 -10.93
C PRO C 55 9.18 32.25 -11.63
N GLN C 56 8.09 32.51 -10.95
CA GLN C 56 7.06 33.29 -11.58
C GLN C 56 7.57 34.71 -11.86
N GLY C 57 7.19 35.23 -13.01
CA GLY C 57 7.48 36.59 -13.35
C GLY C 57 8.81 36.77 -14.01
N GLU C 58 9.47 35.65 -14.33
CA GLU C 58 10.78 35.74 -14.91
C GLU C 58 10.86 35.15 -16.34
N LYS C 59 11.83 35.63 -17.11
CA LYS C 59 12.20 34.97 -18.38
C LYS C 59 13.36 34.00 -18.11
N VAL C 60 13.12 32.74 -18.45
CA VAL C 60 14.04 31.66 -18.09
C VAL C 60 14.45 30.97 -19.39
N LEU C 61 15.78 30.85 -19.54
CA LEU C 61 16.45 30.28 -20.69
C LEU C 61 17.10 28.94 -20.41
N SER C 62 16.89 27.97 -21.30
CA SER C 62 17.68 26.75 -21.25
C SER C 62 19.13 27.06 -21.65
N GLY C 63 20.06 26.22 -21.17
CA GLY C 63 21.49 26.42 -21.39
C GLY C 63 22.28 25.13 -21.55
N ALA C 64 21.80 24.29 -22.46
CA ALA C 64 22.43 23.01 -22.78
C ALA C 64 23.91 23.15 -23.06
N THR C 65 24.70 22.34 -22.38
CA THR C 65 26.15 22.34 -22.50
C THR C 65 26.69 20.97 -22.07
N VAL C 66 28.00 20.88 -21.94
CA VAL C 66 28.64 19.69 -21.45
C VAL C 66 29.57 20.06 -20.33
N ALA C 67 29.72 19.17 -19.35
CA ALA C 67 30.66 19.35 -18.23
C ALA C 67 31.79 18.35 -18.26
N LEU C 68 33.05 18.80 -18.14
CA LEU C 68 34.10 17.85 -17.81
C LEU C 68 34.01 17.53 -16.33
N ILE C 69 34.27 16.27 -16.01
CA ILE C 69 34.20 15.77 -14.65
C ILE C 69 35.60 15.35 -14.26
N VAL C 70 36.08 15.93 -13.16
CA VAL C 70 37.46 15.74 -12.71
C VAL C 70 37.61 14.34 -12.08
N GLY C 71 38.67 13.64 -12.51
CA GLY C 71 38.94 12.29 -12.09
C GLY C 71 39.95 12.16 -10.97
N LYS C 72 40.85 13.13 -10.86
CA LYS C 72 41.81 13.13 -9.75
C LYS C 72 42.26 14.54 -9.41
N THR C 73 42.84 14.71 -8.23
CA THR C 73 43.25 16.03 -7.77
C THR C 73 44.07 16.74 -8.84
N ALA C 74 43.59 17.94 -9.17
CA ALA C 74 44.10 18.74 -10.26
C ALA C 74 44.62 20.11 -9.78
N THR C 75 45.95 20.24 -9.67
CA THR C 75 46.61 21.48 -9.27
C THR C 75 47.70 21.76 -10.31
N LYS C 76 47.61 22.93 -10.93
CA LYS C 76 48.53 23.44 -11.94
C LYS C 76 48.74 22.44 -13.06
N VAL C 77 47.64 21.88 -13.56
CA VAL C 77 47.72 20.93 -14.69
C VAL C 77 48.07 21.64 -15.99
N ARG C 78 49.06 21.07 -16.66
CA ARG C 78 49.45 21.54 -17.96
C ARG C 78 48.37 21.12 -18.95
N GLU C 79 48.13 21.98 -19.93
CA GLU C 79 47.08 21.75 -20.91
C GLU C 79 47.24 20.40 -21.59
N GLU C 80 48.48 20.05 -21.97
CA GLU C 80 48.77 18.82 -22.71
C GLU C 80 48.48 17.55 -21.90
N ASP C 81 48.45 17.69 -20.56
CA ASP C 81 48.16 16.60 -19.63
C ASP C 81 46.71 16.52 -19.12
N ALA C 82 45.85 17.42 -19.58
CA ALA C 82 44.51 17.55 -18.98
C ALA C 82 43.71 16.24 -19.00
N ALA C 83 43.79 15.48 -20.11
CA ALA C 83 43.00 14.27 -20.26
C ALA C 83 43.19 13.27 -19.11
N GLU C 84 44.41 13.13 -18.59
CA GLU C 84 44.60 12.16 -17.51
C GLU C 84 43.90 12.56 -16.18
N TYR C 85 43.51 13.85 -16.06
CA TYR C 85 42.83 14.41 -14.85
C TYR C 85 41.30 14.48 -15.03
N ILE C 86 40.83 14.14 -16.23
CA ILE C 86 39.40 14.17 -16.57
C ILE C 86 38.93 12.74 -16.60
N ALA C 87 37.98 12.42 -15.74
CA ALA C 87 37.37 11.09 -15.69
C ALA C 87 36.39 10.83 -16.84
N GLY C 88 35.78 11.89 -17.36
CA GLY C 88 34.78 11.83 -18.40
C GLY C 88 34.01 13.11 -18.50
N TYR C 89 32.88 13.03 -19.17
CA TYR C 89 32.07 14.19 -19.49
C TYR C 89 30.62 13.88 -19.22
N ALA C 90 29.82 14.92 -18.96
CA ALA C 90 28.38 14.76 -18.72
C ALA C 90 27.63 15.93 -19.35
N LEU C 91 26.52 15.64 -20.01
CA LEU C 91 25.57 16.70 -20.39
C LEU C 91 25.11 17.47 -19.15
N ALA C 92 24.88 18.75 -19.35
CA ALA C 92 24.45 19.60 -18.29
C ALA C 92 23.63 20.75 -18.87
N ASN C 93 23.01 21.53 -18.00
CA ASN C 93 22.19 22.63 -18.46
C ASN C 93 22.35 23.82 -17.54
N ASP C 94 23.04 24.83 -18.01
CA ASP C 94 23.15 26.12 -17.34
C ASP C 94 21.82 26.89 -17.50
N VAL C 95 20.85 26.52 -16.72
CA VAL C 95 19.58 27.26 -16.78
C VAL C 95 19.87 28.66 -16.21
N SER C 96 19.25 29.69 -16.79
CA SER C 96 19.62 31.03 -16.47
C SER C 96 18.54 32.02 -16.86
N LEU C 97 18.54 33.17 -16.19
CA LEU C 97 17.72 34.29 -16.62
C LEU C 97 18.62 34.93 -17.66
N PRO C 98 18.13 35.90 -18.42
CA PRO C 98 18.95 36.47 -19.51
C PRO C 98 20.26 37.03 -19.07
N GLU C 99 21.25 36.87 -19.95
CA GLU C 99 22.58 37.38 -19.74
C GLU C 99 22.66 38.79 -20.32
N GLU C 100 22.21 39.78 -19.54
CA GLU C 100 22.10 41.20 -19.97
C GLU C 100 23.30 42.04 -19.54
N SER C 101 24.01 41.56 -18.51
CA SER C 101 25.28 42.18 -18.13
C SER C 101 26.23 41.08 -17.78
N PHE C 102 27.51 41.35 -18.02
CA PHE C 102 28.58 40.47 -17.58
C PHE C 102 29.50 41.16 -16.59
N TYR C 103 29.13 42.34 -16.10
CA TYR C 103 30.02 43.11 -15.20
C TYR C 103 30.09 42.57 -13.77
N ARG C 104 28.95 42.49 -13.09
CA ARG C 104 28.94 41.93 -11.71
C ARG C 104 28.48 40.49 -11.78
N PRO C 105 28.75 39.68 -10.76
CA PRO C 105 28.33 38.29 -10.79
C PRO C 105 26.83 38.16 -11.01
N ALA C 106 26.45 37.19 -11.81
CA ALA C 106 25.06 36.92 -12.18
C ALA C 106 24.38 35.89 -11.23
N ILE C 107 24.27 36.29 -9.96
CA ILE C 107 23.82 35.40 -8.89
C ILE C 107 22.34 35.14 -8.99
N LYS C 108 21.50 36.17 -9.10
CA LYS C 108 20.08 35.90 -9.30
C LYS C 108 19.77 35.17 -10.62
N ALA C 109 20.61 35.35 -11.63
CA ALA C 109 20.32 34.80 -12.94
C ALA C 109 20.62 33.32 -12.96
N LYS C 110 21.71 32.92 -12.31
CA LYS C 110 22.25 31.56 -12.48
C LYS C 110 22.18 30.67 -11.25
N CYS C 111 21.95 31.26 -10.06
CA CYS C 111 22.01 30.46 -8.82
C CYS C 111 20.68 30.09 -8.17
N ARG C 112 19.59 30.13 -8.94
CA ARG C 112 18.27 29.79 -8.46
C ARG C 112 18.15 28.30 -8.22
N ASP C 113 17.28 27.89 -7.32
CA ASP C 113 17.16 26.51 -7.07
C ASP C 113 16.93 25.67 -8.38
N GLY C 114 17.56 24.49 -8.48
CA GLY C 114 17.34 23.62 -9.58
C GLY C 114 17.83 24.17 -10.90
N PHE C 115 18.67 25.20 -10.91
CA PHE C 115 19.13 25.77 -12.18
C PHE C 115 20.36 25.07 -12.79
N CYS C 116 20.77 23.93 -12.26
CA CYS C 116 21.86 23.18 -12.87
C CYS C 116 21.66 21.63 -12.97
N PRO C 117 20.79 21.19 -13.87
CA PRO C 117 20.73 19.78 -14.26
C PRO C 117 22.10 19.29 -14.71
N ILE C 118 22.48 18.13 -14.24
CA ILE C 118 23.67 17.48 -14.77
C ILE C 118 23.37 15.98 -14.94
N GLY C 119 23.79 15.45 -16.08
CA GLY C 119 23.51 14.05 -16.41
C GLY C 119 24.58 13.04 -15.98
N GLU C 120 24.53 11.87 -16.63
CA GLU C 120 25.38 10.73 -16.31
C GLU C 120 26.76 10.99 -16.94
N THR C 121 27.83 10.59 -16.26
CA THR C 121 29.18 10.75 -16.77
C THR C 121 29.50 9.61 -17.76
N VAL C 122 30.20 9.95 -18.84
CA VAL C 122 30.66 8.96 -19.80
C VAL C 122 32.13 9.24 -20.08
N ALA C 123 32.91 8.17 -20.25
CA ALA C 123 34.37 8.25 -20.33
C ALA C 123 34.84 8.44 -21.79
N LEU C 124 34.57 9.61 -22.37
CA LEU C 124 35.01 9.93 -23.72
C LEU C 124 36.39 10.57 -23.75
N SER C 125 37.09 10.31 -24.83
CA SER C 125 38.43 10.84 -25.03
C SER C 125 38.42 12.36 -25.11
N ASN C 126 37.33 12.91 -25.64
CA ASN C 126 37.20 14.35 -25.89
C ASN C 126 35.75 14.73 -26.28
N VAL C 127 35.50 16.03 -26.35
CA VAL C 127 34.22 16.55 -26.83
C VAL C 127 34.56 17.62 -27.87
N ASP C 128 35.60 17.34 -28.66
CA ASP C 128 35.96 18.17 -29.79
C ASP C 128 34.83 18.09 -30.80
N ASN C 129 34.54 19.21 -31.42
CA ASN C 129 33.63 19.22 -32.56
C ASN C 129 32.31 18.53 -32.27
N LEU C 130 31.74 18.71 -31.07
CA LEU C 130 30.53 17.97 -30.68
C LEU C 130 29.28 18.85 -30.83
N THR C 131 28.23 18.32 -31.45
CA THR C 131 26.96 19.04 -31.57
C THR C 131 26.04 18.69 -30.41
N ILE C 132 25.60 19.75 -29.72
CA ILE C 132 24.85 19.65 -28.48
C ILE C 132 23.44 20.15 -28.82
N TYR C 133 22.47 19.24 -28.70
CA TYR C 133 21.09 19.49 -29.09
C TYR C 133 20.20 19.70 -27.88
N THR C 134 19.26 20.61 -28.07
CA THR C 134 18.15 20.79 -27.19
C THR C 134 16.83 20.46 -27.91
N GLU C 135 16.03 19.63 -27.28
CA GLU C 135 14.68 19.34 -27.71
C GLU C 135 13.75 19.80 -26.61
N ILE C 136 12.71 20.54 -26.99
CA ILE C 136 11.66 20.92 -26.08
C ILE C 136 10.37 20.21 -26.47
N ASN C 137 9.78 19.48 -25.53
CA ASN C 137 8.58 18.69 -25.83
C ASN C 137 8.76 17.76 -27.03
N GLY C 138 9.98 17.23 -27.12
CA GLY C 138 10.32 16.28 -28.14
C GLY C 138 10.49 16.87 -29.53
N ARG C 139 10.44 18.19 -29.65
CA ARG C 139 10.74 18.84 -30.93
C ARG C 139 12.14 19.46 -30.82
N PRO C 140 12.91 19.42 -31.91
CA PRO C 140 14.17 20.16 -31.98
C PRO C 140 13.94 21.64 -31.74
N ALA C 141 14.87 22.28 -31.02
CA ALA C 141 14.78 23.69 -30.64
C ALA C 141 16.12 24.47 -30.76
N ASP C 142 17.24 23.77 -30.52
CA ASP C 142 18.54 24.40 -30.56
C ASP C 142 19.61 23.36 -30.87
N HIS C 143 20.69 23.83 -31.47
CA HIS C 143 21.91 23.03 -31.54
C HIS C 143 23.08 23.98 -31.70
N TRP C 144 24.21 23.60 -31.12
CA TRP C 144 25.44 24.35 -31.20
C TRP C 144 26.65 23.41 -31.10
N ASN C 145 27.83 23.94 -31.38
CA ASN C 145 29.01 23.10 -31.51
C ASN C 145 30.19 23.56 -30.69
N THR C 146 30.82 22.62 -29.98
CA THR C 146 31.97 22.94 -29.11
C THR C 146 33.15 23.52 -29.88
N ALA C 147 33.25 23.22 -31.18
CA ALA C 147 34.35 23.74 -31.97
C ALA C 147 34.29 25.25 -32.00
N ASP C 148 33.11 25.83 -31.70
CA ASP C 148 32.97 27.30 -31.68
C ASP C 148 33.34 27.96 -30.33
N LEU C 149 33.86 27.18 -29.40
CA LEU C 149 34.33 27.68 -28.15
C LEU C 149 35.74 28.16 -28.29
N GLN C 150 36.03 29.24 -27.59
CA GLN C 150 37.37 29.80 -27.53
C GLN C 150 38.33 28.85 -26.81
N ARG C 151 38.04 28.55 -25.54
CA ARG C 151 38.85 27.63 -24.77
C ARG C 151 38.20 26.24 -24.75
N ASN C 152 39.01 25.22 -25.04
CA ASN C 152 38.52 23.84 -24.99
C ASN C 152 38.67 23.31 -23.58
N ALA C 153 38.20 22.08 -23.37
CA ALA C 153 38.24 21.45 -22.06
C ALA C 153 39.61 21.42 -21.36
N ALA C 154 40.65 20.97 -22.07
CA ALA C 154 41.98 21.01 -21.51
C ALA C 154 42.42 22.40 -21.10
N GLN C 155 42.12 23.39 -21.92
CA GLN C 155 42.53 24.75 -21.65
C GLN C 155 41.83 25.30 -20.42
N LEU C 156 40.56 24.95 -20.26
CA LEU C 156 39.79 25.37 -19.06
C LEU C 156 40.24 24.66 -17.79
N LEU C 157 40.45 23.36 -17.83
CA LEU C 157 40.98 22.67 -16.69
C LEU C 157 42.34 23.27 -16.27
N SER C 158 43.22 23.47 -17.24
CA SER C 158 44.53 24.05 -16.96
C SER C 158 44.44 25.47 -16.37
N ALA C 159 43.60 26.32 -16.98
CA ALA C 159 43.44 27.72 -16.55
C ALA C 159 42.88 27.80 -15.13
N LEU C 160 41.88 26.97 -14.82
CA LEU C 160 41.25 26.98 -13.47
C LEU C 160 42.15 26.35 -12.42
N SER C 161 42.73 25.20 -12.71
CA SER C 161 43.59 24.50 -11.77
C SER C 161 44.88 25.31 -11.48
N GLU C 162 45.20 26.28 -12.32
CA GLU C 162 46.37 27.16 -12.10
C GLU C 162 46.30 27.91 -10.77
N PHE C 163 45.08 28.19 -10.27
CA PHE C 163 44.93 28.83 -8.94
C PHE C 163 43.93 28.15 -8.00
N ALA C 164 43.09 27.28 -8.57
CA ALA C 164 42.03 26.60 -7.82
C ALA C 164 42.13 25.09 -8.00
N THR C 165 42.49 24.43 -6.93
CA THR C 165 42.62 23.01 -6.89
C THR C 165 41.22 22.44 -7.05
N LEU C 166 41.10 21.48 -7.95
CA LEU C 166 39.86 20.72 -8.15
C LEU C 166 40.07 19.29 -7.74
N ASN C 167 39.03 18.73 -7.14
CA ASN C 167 39.01 17.42 -6.54
C ASN C 167 38.18 16.47 -7.41
N PRO C 168 38.37 15.15 -7.22
CA PRO C 168 37.56 14.20 -7.99
C PRO C 168 36.11 14.50 -7.82
N GLY C 169 35.40 14.55 -8.92
CA GLY C 169 33.96 14.81 -8.91
C GLY C 169 33.59 16.27 -9.16
N ASP C 170 34.49 17.22 -8.94
CA ASP C 170 34.25 18.60 -9.39
C ASP C 170 33.98 18.63 -10.88
N ALA C 171 33.29 19.65 -11.34
CA ALA C 171 32.98 19.79 -12.75
C ALA C 171 33.26 21.18 -13.26
N ILE C 172 33.54 21.26 -14.57
CA ILE C 172 33.55 22.50 -15.31
C ILE C 172 32.61 22.44 -16.52
N LEU C 173 31.66 23.37 -16.56
CA LEU C 173 30.76 23.52 -17.70
C LEU C 173 31.59 24.25 -18.79
N LEU C 174 31.46 23.81 -20.03
CA LEU C 174 32.40 24.17 -21.09
C LEU C 174 32.04 25.42 -21.84
N GLY C 175 30.81 25.88 -21.66
CA GLY C 175 30.30 27.12 -22.21
C GLY C 175 28.91 27.03 -22.78
N THR C 176 28.35 28.15 -23.20
CA THR C 176 27.05 28.24 -23.89
C THR C 176 27.06 29.37 -24.91
N PRO C 177 26.30 29.26 -25.98
CA PRO C 177 26.25 30.26 -27.03
C PRO C 177 25.41 31.47 -26.67
N GLN C 178 25.53 32.50 -27.48
CA GLN C 178 24.80 33.74 -27.28
C GLN C 178 23.32 33.46 -27.32
N ALA C 179 22.91 32.62 -28.27
CA ALA C 179 21.51 32.37 -28.53
C ALA C 179 21.03 31.18 -27.75
N ARG C 180 19.92 31.37 -27.06
CA ARG C 180 19.33 30.36 -26.19
C ARG C 180 17.85 30.26 -26.37
N VAL C 181 17.31 29.10 -26.04
CA VAL C 181 15.89 28.89 -26.11
C VAL C 181 15.21 29.09 -24.75
N GLU C 182 14.07 29.75 -24.77
CA GLU C 182 13.23 30.04 -23.59
C GLU C 182 12.39 28.83 -23.24
N ILE C 183 12.21 28.59 -21.93
CA ILE C 183 11.44 27.49 -21.46
C ILE C 183 10.33 28.06 -20.62
N GLN C 184 9.29 27.28 -20.43
CA GLN C 184 8.18 27.74 -19.63
C GLN C 184 7.61 26.52 -18.90
N PRO C 185 6.84 26.75 -17.84
CA PRO C 185 6.21 25.63 -17.12
C PRO C 185 5.49 24.63 -18.03
N GLY C 186 5.59 23.34 -17.70
CA GLY C 186 5.09 22.25 -18.53
C GLY C 186 6.05 21.67 -19.56
N ASP C 187 7.05 22.44 -19.95
CA ASP C 187 8.08 22.01 -20.90
C ASP C 187 8.90 20.81 -20.39
N ARG C 188 9.25 19.88 -21.28
CA ARG C 188 10.22 18.85 -20.97
C ARG C 188 11.44 19.16 -21.78
N VAL C 189 12.56 19.43 -21.11
CA VAL C 189 13.75 19.95 -21.78
C VAL C 189 14.81 18.86 -21.84
N ARG C 190 15.12 18.43 -23.07
CA ARG C 190 16.02 17.34 -23.35
C ARG C 190 17.28 17.83 -24.01
N VAL C 191 18.39 17.33 -23.49
CA VAL C 191 19.71 17.64 -24.01
C VAL C 191 20.27 16.33 -24.57
N LEU C 192 20.86 16.42 -25.76
CA LEU C 192 21.38 15.25 -26.44
C LEU C 192 22.66 15.58 -27.11
N ALA C 193 23.55 14.57 -27.16
CA ALA C 193 24.75 14.65 -27.97
C ALA C 193 25.32 13.27 -28.22
N GLU C 194 26.00 13.14 -29.35
CA GLU C 194 26.51 11.85 -29.77
C GLU C 194 27.43 11.29 -28.69
N GLY C 195 27.20 10.04 -28.30
CA GLY C 195 28.03 9.39 -27.31
C GLY C 195 27.58 9.52 -25.85
N PHE C 196 26.54 10.32 -25.59
CA PHE C 196 26.07 10.61 -24.21
C PHE C 196 24.66 10.07 -23.98
N PRO C 197 24.32 9.62 -22.77
CA PRO C 197 22.89 9.40 -22.50
C PRO C 197 22.22 10.71 -22.32
N PRO C 198 21.04 10.84 -22.89
CA PRO C 198 20.30 12.09 -22.87
C PRO C 198 20.02 12.54 -21.44
N LEU C 199 19.95 13.83 -21.27
CA LEU C 199 19.56 14.49 -20.03
C LEU C 199 18.25 15.15 -20.25
N GLU C 200 17.26 14.81 -19.44
CA GLU C 200 15.94 15.42 -19.61
C GLU C 200 15.38 15.82 -18.26
N ASN C 201 14.85 17.03 -18.21
CA ASN C 201 14.17 17.57 -17.03
C ASN C 201 12.87 18.30 -17.33
N PRO C 202 11.82 18.03 -16.56
CA PRO C 202 10.59 18.80 -16.72
C PRO C 202 10.70 20.15 -16.03
N VAL C 203 10.06 21.15 -16.59
CA VAL C 203 10.01 22.50 -16.06
C VAL C 203 8.65 22.56 -15.34
N VAL C 204 8.69 22.97 -14.08
CA VAL C 204 7.48 23.03 -13.20
C VAL C 204 7.44 24.37 -12.45
N ASP C 205 6.26 25.00 -12.40
CA ASP C 205 6.01 26.18 -11.54
C ASP C 205 6.60 25.99 -10.16
N GLU C 206 7.47 26.89 -9.73
CA GLU C 206 8.09 26.81 -8.40
C GLU C 206 7.04 26.61 -7.29
N ARG C 207 5.82 27.16 -7.46
CA ARG C 207 4.77 27.03 -6.44
C ARG C 207 4.30 25.59 -6.29
N GLU C 208 4.58 24.75 -7.29
CA GLU C 208 4.23 23.34 -7.21
C GLU C 208 5.36 22.40 -6.81
N VAL C 209 6.61 22.85 -6.78
CA VAL C 209 7.72 22.00 -6.32
C VAL C 209 7.73 21.87 -4.81
N THR C 210 7.68 21.44 -4.17
CA THR C 210 7.77 20.59 -2.77
C THR C 210 8.95 21.09 -1.83
N THR C 211 9.66 20.39 -1.17
CA THR C 211 10.28 20.56 0.15
C THR C 211 11.61 21.26 0.18
N ARG C 212 12.17 21.21 -0.93
CA ARG C 212 13.54 21.70 -1.10
C ARG C 212 14.55 20.65 -0.63
N LYS C 213 15.65 20.50 -1.67
CA LYS C 213 16.77 19.59 -1.56
C LYS C 213 17.45 20.05 -0.29
N SER C 214 17.57 19.07 0.60
CA SER C 214 18.34 19.14 1.83
C SER C 214 19.56 18.25 1.74
N PHE C 215 20.53 18.61 2.56
CA PHE C 215 21.83 18.09 2.36
C PHE C 215 22.27 17.50 3.69
N PRO C 216 23.03 16.45 3.63
CA PRO C 216 23.71 15.99 4.85
C PRO C 216 24.57 17.08 5.55
N THR C 217 24.53 17.18 6.88
CA THR C 217 25.42 18.07 7.64
C THR C 217 26.82 17.51 7.80
N LEU C 218 27.78 18.40 7.64
CA LEU C 218 29.15 18.16 7.97
C LEU C 218 29.59 19.28 8.89
N PRO C 219 30.66 19.04 9.65
CA PRO C 219 31.20 20.11 10.47
C PRO C 219 31.55 21.33 9.65
N HIS C 220 31.33 22.49 10.27
CA HIS C 220 31.70 23.75 9.67
C HIS C 220 33.25 23.81 9.48
N PRO C 221 33.72 24.40 8.39
CA PRO C 221 32.92 24.93 7.28
C PRO C 221 32.50 23.91 6.23
N HIS C 222 31.21 23.88 5.96
CA HIS C 222 30.67 23.07 4.86
C HIS C 222 29.34 23.65 4.41
N GLY C 223 29.36 24.32 3.27
CA GLY C 223 28.19 24.95 2.71
C GLY C 223 28.60 25.94 1.64
N THR C 224 27.63 26.57 1.02
CA THR C 224 27.86 27.64 0.07
C THR C 224 28.48 28.80 0.80
N LEU C 225 29.52 29.40 0.19
CA LEU C 225 30.19 30.56 0.76
C LEU C 225 29.84 31.81 -0.05
N PHE C 226 28.90 32.59 0.50
CA PHE C 226 28.53 33.88 -0.05
C PHE C 226 29.44 34.96 0.55
N ALA C 227 29.74 35.96 -0.27
CA ALA C 227 30.61 37.05 0.15
C ALA C 227 30.02 38.34 -0.40
N LEU C 228 30.10 39.41 0.41
CA LEU C 228 29.62 40.73 0.06
C LEU C 228 30.77 41.62 -0.36
N GLY C 229 30.54 42.43 -1.38
CA GLY C 229 31.50 43.48 -1.76
C GLY C 229 30.99 44.84 -1.24
N LEU C 230 31.89 45.72 -0.84
CA LEU C 230 31.57 47.05 -0.38
C LEU C 230 30.32 47.08 0.50
N ASN C 231 30.47 46.71 1.74
CA ASN C 231 29.31 46.69 2.61
C ASN C 231 29.59 47.40 3.93
N TYR C 232 30.53 48.33 3.93
CA TYR C 232 30.83 49.13 5.12
C TYR C 232 30.70 50.61 4.81
N ALA C 233 29.97 51.35 5.68
CA ALA C 233 29.55 52.74 5.40
C ALA C 233 30.78 53.61 5.35
N ASP C 234 31.66 53.41 6.30
CA ASP C 234 33.02 53.97 6.22
C ASP C 234 33.23 55.20 5.30
N HIS C 235 33.06 56.00 6.38
CA HIS C 235 32.25 57.14 6.03
C HIS C 235 32.70 58.00 4.84
N PRO C 244 25.15 50.31 -1.57
CA PRO C 244 24.82 50.92 -2.87
C PRO C 244 23.31 50.80 -3.12
N GLU C 245 22.89 50.34 -4.30
CA GLU C 245 21.46 50.11 -4.56
C GLU C 245 21.07 48.77 -3.96
N GLU C 246 21.58 47.68 -4.54
CA GLU C 246 21.37 46.34 -3.95
C GLU C 246 22.71 45.68 -3.60
N PRO C 247 22.69 44.63 -2.80
CA PRO C 247 23.95 44.01 -2.38
C PRO C 247 24.73 43.42 -3.54
N LEU C 248 26.02 43.59 -3.47
CA LEU C 248 26.98 42.92 -4.36
C LEU C 248 27.42 41.61 -3.73
N VAL C 249 26.85 40.51 -4.22
CA VAL C 249 27.12 39.19 -3.69
C VAL C 249 27.93 38.39 -4.69
N PHE C 250 28.92 37.67 -4.21
CA PHE C 250 29.67 36.73 -5.05
C PHE C 250 29.93 35.44 -4.29
N LEU C 251 30.26 34.36 -4.99
CA LEU C 251 30.46 33.05 -4.37
C LEU C 251 31.94 32.72 -4.39
N LYS C 252 32.38 31.98 -3.41
CA LYS C 252 33.76 31.54 -3.25
C LYS C 252 33.74 30.05 -3.23
N ALA C 253 34.57 29.43 -4.05
CA ALA C 253 34.68 27.99 -4.07
C ALA C 253 35.38 27.45 -2.83
N PRO C 254 35.00 26.26 -2.33
CA PRO C 254 35.57 25.75 -1.08
C PRO C 254 37.06 25.55 -1.02
N ASN C 255 37.75 25.35 -2.15
CA ASN C 255 39.18 25.16 -1.99
C ASN C 255 39.93 26.45 -1.60
N THR C 256 39.24 27.57 -1.53
CA THR C 256 39.88 28.80 -1.02
C THR C 256 40.08 28.77 0.49
N LEU C 257 39.23 27.98 1.17
CA LEU C 257 39.23 27.94 2.60
C LEU C 257 40.47 27.30 3.16
N THR C 258 40.95 27.84 4.27
CA THR C 258 41.94 27.16 5.08
C THR C 258 41.65 27.49 6.54
N GLY C 259 42.25 26.73 7.47
CA GLY C 259 42.03 26.86 8.89
C GLY C 259 42.86 27.91 9.59
N ASP C 260 42.79 27.88 10.90
CA ASP C 260 43.54 28.79 11.74
C ASP C 260 45.02 28.39 11.80
N ASN C 261 45.88 29.40 11.89
CA ASN C 261 47.34 29.25 11.98
C ASN C 261 47.95 28.43 10.83
N GLN C 262 47.51 28.74 9.61
CA GLN C 262 48.04 28.13 8.40
C GLN C 262 48.74 29.20 7.58
N THR C 263 49.05 28.88 6.33
CA THR C 263 49.73 29.85 5.47
C THR C 263 48.87 30.26 4.29
N SER C 264 49.13 31.42 3.70
CA SER C 264 48.44 31.89 2.49
C SER C 264 49.54 32.41 1.53
N VAL C 265 49.51 31.96 0.27
CA VAL C 265 50.57 32.28 -0.68
C VAL C 265 50.37 33.63 -1.32
N ARG C 266 51.38 34.52 -1.25
CA ARG C 266 51.44 35.67 -2.16
C ARG C 266 52.09 35.22 -3.49
N PRO C 267 51.39 35.40 -4.62
CA PRO C 267 51.98 35.08 -5.92
C PRO C 267 53.28 35.89 -6.22
N ASN C 268 54.26 35.28 -6.86
CA ASN C 268 55.46 36.02 -7.31
C ASN C 268 55.08 37.20 -8.19
N ASN C 269 55.83 38.31 -8.07
CA ASN C 269 55.72 39.39 -9.06
C ASN C 269 54.41 40.14 -9.10
N ILE C 270 53.75 40.33 -7.97
CA ILE C 270 52.55 41.18 -7.98
C ILE C 270 52.68 42.41 -7.09
N GLU C 271 51.89 43.43 -7.37
CA GLU C 271 52.04 44.69 -6.67
C GLU C 271 51.35 44.67 -5.30
N TYR C 272 50.10 44.17 -5.22
CA TYR C 272 49.26 44.43 -4.02
C TYR C 272 48.40 43.22 -3.59
N MET C 273 48.72 42.64 -2.45
CA MET C 273 47.83 41.65 -1.79
C MET C 273 47.37 42.22 -0.44
N HIS C 274 46.08 42.10 -0.14
CA HIS C 274 45.57 42.64 1.15
C HIS C 274 44.59 41.66 1.83
N TYR C 275 44.67 41.65 3.17
CA TYR C 275 43.74 41.01 4.10
C TYR C 275 42.35 41.66 4.02
N GLU C 276 41.29 41.01 4.50
CA GLU C 276 40.00 41.67 4.63
C GLU C 276 39.36 40.96 5.83
N ALA C 277 39.39 41.60 7.00
CA ALA C 277 38.72 41.05 8.19
C ALA C 277 37.21 41.07 8.01
N GLU C 278 36.52 39.94 8.27
CA GLU C 278 35.05 39.88 8.11
C GLU C 278 34.31 39.03 9.15
N LEU C 279 33.11 39.50 9.53
CA LEU C 279 32.19 38.70 10.35
C LEU C 279 31.49 37.76 9.35
N VAL C 280 31.47 36.48 9.66
CA VAL C 280 30.82 35.51 8.81
C VAL C 280 29.61 34.99 9.58
N VAL C 281 28.49 35.00 8.93
CA VAL C 281 27.24 34.44 9.47
C VAL C 281 27.01 33.05 8.91
N VAL C 282 26.62 32.14 9.79
CA VAL C 282 26.45 30.74 9.41
C VAL C 282 24.99 30.34 9.57
N ILE C 283 24.41 29.85 8.49
CA ILE C 283 22.98 29.50 8.49
C ILE C 283 22.79 28.20 9.30
N GLY C 284 21.76 28.21 10.15
CA GLY C 284 21.40 26.99 10.92
C GLY C 284 20.10 26.29 10.56
N LYS C 285 19.23 26.99 9.82
CA LYS C 285 17.97 26.42 9.36
C LYS C 285 17.64 26.83 7.93
N GLN C 286 17.13 25.88 7.18
CA GLN C 286 16.82 26.09 5.80
C GLN C 286 15.84 27.26 5.58
N ALA C 287 16.27 28.20 4.74
CA ALA C 287 15.56 29.43 4.54
C ALA C 287 15.26 29.75 3.07
N ARG C 288 13.98 30.03 2.82
CA ARG C 288 13.51 30.48 1.54
C ARG C 288 12.34 31.43 1.83
N ASN C 289 12.39 32.60 1.20
CA ASN C 289 11.36 33.62 1.35
C ASN C 289 11.07 33.97 2.80
N VAL C 290 12.16 34.22 3.52
CA VAL C 290 12.13 34.67 4.88
C VAL C 290 12.19 36.18 4.85
N SER C 291 11.38 36.81 5.70
CA SER C 291 11.33 38.26 5.82
C SER C 291 12.48 38.73 6.66
N GLU C 292 12.79 40.01 6.60
CA GLU C 292 13.82 40.55 7.43
C GLU C 292 13.48 40.34 8.91
N ALA C 293 12.26 40.63 9.27
CA ALA C 293 11.82 40.49 10.65
C ALA C 293 12.06 39.08 11.25
N ASP C 294 11.98 38.04 10.45
CA ASP C 294 12.20 36.67 10.92
C ASP C 294 13.64 36.11 10.66
N ALA C 295 14.48 36.85 9.95
CA ALA C 295 15.72 36.30 9.39
C ALA C 295 16.63 35.73 10.44
N MET C 296 16.69 36.39 11.60
CA MET C 296 17.60 35.96 12.64
C MET C 296 17.31 34.59 13.17
N ASP C 297 16.09 34.09 13.00
CA ASP C 297 15.73 32.75 13.43
C ASP C 297 16.45 31.63 12.66
N TYR C 298 17.01 31.98 11.50
CA TYR C 298 17.66 31.04 10.60
C TYR C 298 19.20 31.08 10.71
N VAL C 299 19.74 31.90 11.59
CA VAL C 299 21.18 31.94 11.89
C VAL C 299 21.54 30.90 12.96
N ALA C 300 22.58 30.10 12.72
CA ALA C 300 23.13 29.29 13.78
C ALA C 300 24.09 30.09 14.61
N GLY C 301 24.94 30.89 13.98
CA GLY C 301 25.78 31.72 14.78
C GLY C 301 26.88 32.33 13.92
N TYR C 302 27.98 32.71 14.53
CA TYR C 302 28.98 33.61 13.91
C TYR C 302 30.38 33.10 13.91
N THR C 303 31.14 33.50 12.90
CA THR C 303 32.55 33.16 12.87
C THR C 303 33.34 34.24 12.13
N VAL C 304 34.60 33.99 11.84
CA VAL C 304 35.50 35.02 11.30
C VAL C 304 36.26 34.48 10.08
N CYS C 305 36.42 35.30 9.07
CA CYS C 305 37.36 34.99 8.00
C CYS C 305 38.26 36.16 7.62
N ASN C 306 39.28 35.82 6.86
CA ASN C 306 40.15 36.80 6.24
C ASN C 306 40.03 36.61 4.73
N ASP C 307 39.32 37.51 4.07
CA ASP C 307 39.00 37.40 2.68
C ASP C 307 40.05 38.11 1.76
N TYR C 308 41.20 37.48 1.60
CA TYR C 308 42.29 38.07 0.83
C TYR C 308 41.92 38.42 -0.58
N ALA C 309 42.56 39.45 -1.13
CA ALA C 309 42.41 39.86 -2.51
C ALA C 309 43.83 40.10 -3.08
N ILE C 310 44.02 39.66 -4.33
CA ILE C 310 45.17 40.05 -5.14
C ILE C 310 44.60 41.07 -6.08
N ARG C 311 44.89 42.34 -5.88
CA ARG C 311 44.30 43.39 -6.70
C ARG C 311 44.65 43.29 -8.20
N ASP C 312 45.87 42.83 -8.47
CA ASP C 312 46.44 42.79 -9.84
C ASP C 312 45.59 41.96 -10.76
N TYR C 313 44.94 40.94 -10.23
CA TYR C 313 44.18 40.02 -11.08
C TYR C 313 42.71 40.37 -11.27
N LEU C 314 42.24 41.48 -10.72
CA LEU C 314 40.89 41.94 -11.00
C LEU C 314 40.68 42.22 -12.48
N GLU C 315 39.53 41.84 -12.98
CA GLU C 315 39.12 42.24 -14.32
C GLU C 315 37.68 42.70 -14.26
N ASN C 316 37.11 43.10 -15.38
CA ASN C 316 35.75 43.66 -15.36
C ASN C 316 34.69 42.71 -15.85
N TYR C 317 34.93 41.43 -15.54
CA TYR C 317 33.98 40.40 -15.87
C TYR C 317 33.64 39.55 -14.65
N TYR C 318 32.36 39.58 -14.28
CA TYR C 318 31.90 38.87 -13.07
C TYR C 318 32.78 39.25 -11.87
N ARG C 319 32.94 40.57 -11.67
CA ARG C 319 33.85 41.16 -10.68
C ARG C 319 33.23 41.20 -9.26
N PRO C 320 33.93 40.79 -8.21
CA PRO C 320 35.29 40.27 -8.30
C PRO C 320 35.37 38.77 -8.58
N ASN C 321 36.26 38.43 -9.49
CA ASN C 321 36.28 37.11 -10.08
C ASN C 321 37.09 36.06 -9.34
N LEU C 322 36.99 34.81 -9.78
CA LEU C 322 37.62 33.68 -9.06
C LEU C 322 39.14 33.75 -8.96
N ARG C 323 39.81 34.32 -9.97
CA ARG C 323 41.29 34.34 -9.91
C ARG C 323 41.79 35.29 -8.80
N VAL C 324 40.88 36.17 -8.34
CA VAL C 324 41.09 37.07 -7.18
C VAL C 324 40.63 36.42 -5.85
N LYS C 325 39.48 35.79 -5.88
CA LYS C 325 38.72 35.47 -4.65
C LYS C 325 38.49 33.99 -4.33
N SER C 326 38.85 33.07 -5.22
CA SER C 326 38.72 31.64 -4.93
C SER C 326 40.03 30.92 -5.09
N ARG C 327 41.12 31.63 -4.78
CA ARG C 327 42.48 31.04 -4.75
C ARG C 327 42.70 30.11 -3.56
N ASP C 328 43.41 29.00 -3.84
CA ASP C 328 43.77 28.01 -2.86
C ASP C 328 44.31 28.65 -1.60
N GLY C 329 43.71 28.30 -0.48
CA GLY C 329 44.23 28.74 0.81
C GLY C 329 44.22 30.23 1.02
N LEU C 330 43.54 31.04 0.20
CA LEU C 330 43.49 32.48 0.49
C LEU C 330 42.27 32.96 1.27
N THR C 331 41.54 32.05 1.91
CA THR C 331 40.45 32.45 2.81
C THR C 331 40.54 31.73 4.15
N PRO C 332 41.46 32.16 5.01
CA PRO C 332 41.47 31.65 6.37
C PRO C 332 40.07 31.85 6.96
N MET C 333 39.61 30.84 7.67
CA MET C 333 38.28 30.86 8.31
C MET C 333 38.35 30.00 9.55
N LEU C 334 37.85 30.55 10.64
CA LEU C 334 37.78 29.78 11.87
C LEU C 334 36.81 28.62 11.78
N SER C 335 37.17 27.50 12.41
CA SER C 335 36.34 26.34 12.39
C SER C 335 35.36 26.42 13.55
N THR C 336 35.50 27.42 14.41
CA THR C 336 34.55 27.59 15.54
C THR C 336 33.34 28.42 15.11
N ILE C 337 32.20 28.15 15.75
CA ILE C 337 30.98 28.97 15.61
C ILE C 337 30.54 29.43 16.99
N VAL C 338 30.34 30.73 17.14
CA VAL C 338 29.77 31.24 18.38
C VAL C 338 28.27 31.23 18.20
N PRO C 339 27.53 30.57 19.06
CA PRO C 339 26.09 30.50 18.81
C PRO C 339 25.39 31.84 18.94
N LYS C 340 24.35 32.04 18.14
CA LYS C 340 23.72 33.35 18.07
C LYS C 340 23.13 33.82 19.41
N GLU C 341 22.70 32.89 20.27
CA GLU C 341 22.26 33.25 21.64
C GLU C 341 23.35 33.97 22.46
N ALA C 342 24.63 33.68 22.22
CA ALA C 342 25.74 34.36 22.87
C ALA C 342 26.05 35.81 22.43
N ILE C 343 25.56 36.13 21.24
CA ILE C 343 25.75 37.43 20.63
C ILE C 343 24.35 38.04 20.35
N PRO C 344 23.80 38.80 21.30
CA PRO C 344 22.49 39.45 21.14
C PRO C 344 22.62 40.66 20.19
N ASP C 345 23.86 41.11 20.03
CA ASP C 345 24.20 42.33 19.33
C ASP C 345 25.23 42.25 18.22
N PRO C 346 24.86 41.54 17.18
CA PRO C 346 25.80 41.25 16.09
C PRO C 346 26.19 42.49 15.31
N HIS C 347 25.41 43.57 15.41
CA HIS C 347 25.77 44.84 14.78
C HIS C 347 26.46 45.81 15.76
N ASN C 348 27.22 45.25 16.71
CA ASN C 348 27.94 45.98 17.74
C ASN C 348 29.38 45.46 17.89
N LEU C 349 29.86 44.71 16.88
CA LEU C 349 31.09 43.94 16.97
C LEU C 349 32.27 44.64 16.34
N THR C 350 33.38 44.63 17.08
CA THR C 350 34.63 45.23 16.59
C THR C 350 35.44 44.26 15.76
N LEU C 351 35.84 44.70 14.58
CA LEU C 351 36.77 43.94 13.78
C LEU C 351 38.12 44.66 13.78
N ARG C 352 39.20 43.91 13.97
CA ARG C 352 40.57 44.45 13.84
C ARG C 352 41.51 43.51 13.05
N THR C 353 42.46 44.07 12.28
CA THR C 353 43.49 43.27 11.63
C THR C 353 44.84 43.84 12.10
N PHE C 354 45.70 42.96 12.57
CA PHE C 354 47.06 43.28 12.95
C PHE C 354 48.00 42.65 11.93
N VAL C 355 49.11 43.33 11.62
CA VAL C 355 50.17 42.74 10.78
C VAL C 355 51.47 42.92 11.52
N ASN C 356 52.05 41.80 11.91
CA ASN C 356 53.21 41.74 12.82
C ASN C 356 53.00 42.57 14.10
N GLY C 357 51.89 42.36 14.83
CA GLY C 357 51.53 43.19 15.98
C GLY C 357 51.02 44.60 15.73
N GLU C 358 51.28 45.17 14.56
CA GLU C 358 50.81 46.53 14.27
C GLU C 358 49.31 46.49 13.93
N LEU C 359 48.50 47.40 14.50
CA LEU C 359 47.11 47.57 14.13
C LEU C 359 47.00 48.28 12.78
N ARG C 360 46.26 47.64 11.88
CA ARG C 360 46.19 48.10 10.51
C ARG C 360 44.80 48.28 10.02
N GLN C 361 43.81 47.62 10.60
CA GLN C 361 42.44 47.77 10.14
C GLN C 361 41.53 47.76 11.36
N GLN C 362 40.59 48.69 11.40
CA GLN C 362 39.58 48.70 12.46
C GLN C 362 38.24 49.14 11.94
N GLY C 363 37.21 48.45 12.39
CA GLY C 363 35.87 48.78 12.06
C GLY C 363 34.93 48.19 13.09
N THR C 364 33.68 48.45 12.84
CA THR C 364 32.62 47.97 13.67
C THR C 364 31.49 47.48 12.77
N THR C 365 30.90 46.34 13.12
CA THR C 365 29.72 45.91 12.41
C THR C 365 28.52 46.85 12.52
N ALA C 366 28.58 47.90 13.38
CA ALA C 366 27.58 48.96 13.32
C ALA C 366 27.54 49.73 11.98
N ASP C 367 28.62 49.57 11.21
CA ASP C 367 28.82 50.22 9.90
C ASP C 367 28.47 49.32 8.70
N LEU C 368 28.04 48.08 8.93
CA LEU C 368 27.45 47.28 7.85
C LEU C 368 26.34 48.08 7.15
N ILE C 369 26.40 48.19 5.82
CA ILE C 369 25.39 48.91 5.05
C ILE C 369 24.12 48.09 4.94
N PHE C 370 24.24 46.85 4.42
CA PHE C 370 23.16 45.88 4.42
C PHE C 370 23.36 44.96 5.63
N SER C 371 22.33 44.87 6.47
CA SER C 371 22.43 44.22 7.76
C SER C 371 22.44 42.71 7.54
N VAL C 372 22.75 41.98 8.61
CA VAL C 372 22.61 40.52 8.62
C VAL C 372 21.22 40.03 8.26
N PRO C 373 20.14 40.46 8.91
CA PRO C 373 18.84 39.98 8.48
C PRO C 373 18.42 40.45 7.12
N PHE C 374 18.82 41.65 6.73
CA PHE C 374 18.54 42.11 5.38
C PHE C 374 19.14 41.16 4.31
N LEU C 375 20.40 40.82 4.50
CA LEU C 375 21.13 39.90 3.59
C LEU C 375 20.48 38.52 3.53
N ILE C 376 20.06 37.97 4.67
CA ILE C 376 19.43 36.65 4.66
C ILE C 376 18.08 36.70 3.91
N ALA C 377 17.32 37.77 4.13
CA ALA C 377 16.07 37.92 3.46
C ALA C 377 16.29 38.11 1.96
N TYR C 378 17.31 38.90 1.60
CA TYR C 378 17.62 39.21 0.23
C TYR C 378 17.91 37.91 -0.51
N LEU C 379 18.84 37.11 0.02
CA LEU C 379 19.28 35.90 -0.65
C LEU C 379 18.13 34.88 -0.69
N SER C 380 17.42 34.67 0.43
CA SER C 380 16.36 33.68 0.48
C SER C 380 15.18 34.00 -0.43
N GLU C 381 15.05 35.23 -0.87
CA GLU C 381 14.00 35.61 -1.81
C GLU C 381 14.14 34.94 -3.19
N PHE C 382 15.38 34.61 -3.57
CA PHE C 382 15.62 33.99 -4.87
C PHE C 382 16.29 32.62 -4.86
N MET C 383 16.80 32.20 -3.71
CA MET C 383 17.46 30.90 -3.58
C MET C 383 17.36 30.34 -2.19
N THR C 384 17.35 29.03 -2.06
CA THR C 384 17.31 28.39 -0.73
C THR C 384 18.67 28.45 -0.05
N LEU C 385 18.65 28.97 1.16
CA LEU C 385 19.81 28.92 2.05
C LEU C 385 19.70 27.65 2.87
N ASN C 386 20.78 26.92 3.00
CA ASN C 386 20.75 25.65 3.74
C ASN C 386 21.70 25.72 4.93
N PRO C 387 21.44 24.94 5.98
CA PRO C 387 22.39 24.89 7.10
C PRO C 387 23.83 24.61 6.66
N GLY C 388 24.75 25.38 7.21
CA GLY C 388 26.14 25.30 6.84
C GLY C 388 26.53 26.40 5.90
N ASP C 389 25.58 26.95 5.16
CA ASP C 389 25.90 28.09 4.27
C ASP C 389 26.48 29.25 5.10
N MET C 390 27.37 30.00 4.46
CA MET C 390 28.09 31.05 5.14
C MET C 390 28.00 32.35 4.37
N ILE C 391 27.80 33.44 5.10
CA ILE C 391 27.79 34.77 4.49
C ILE C 391 28.91 35.61 5.09
N ALA C 392 29.93 35.90 4.30
CA ALA C 392 30.94 36.86 4.68
C ALA C 392 30.44 38.26 4.39
N THR C 393 30.24 39.07 5.46
CA THR C 393 29.46 40.30 5.41
C THR C 393 30.21 41.55 4.94
N GLY C 394 31.49 41.40 4.64
CA GLY C 394 32.28 42.48 4.11
C GLY C 394 33.34 42.92 5.07
N THR C 395 34.04 43.99 4.71
CA THR C 395 35.20 44.45 5.44
C THR C 395 35.19 45.97 5.55
N PRO C 396 35.67 46.50 6.65
CA PRO C 396 35.81 47.98 6.79
C PRO C 396 36.99 48.50 6.00
N LYS C 397 37.15 49.83 6.01
CA LYS C 397 38.34 50.47 5.47
C LYS C 397 39.55 50.04 6.22
N GLY C 398 40.69 50.10 5.55
CA GLY C 398 41.94 49.94 6.25
C GLY C 398 42.71 48.82 5.64
N LEU C 399 42.78 48.85 4.32
CA LEU C 399 43.48 47.82 3.61
C LEU C 399 44.91 48.24 3.31
N SER C 400 45.79 47.28 3.43
CA SER C 400 47.20 47.52 3.14
C SER C 400 47.90 46.23 2.71
N ASP C 401 49.11 46.39 2.19
CA ASP C 401 49.84 45.31 1.55
C ASP C 401 50.44 44.33 2.55
N VAL C 402 50.40 43.04 2.21
CA VAL C 402 51.03 42.01 3.02
C VAL C 402 51.96 41.15 2.16
N VAL C 403 53.05 40.72 2.76
CA VAL C 403 54.18 40.10 2.03
C VAL C 403 54.66 38.92 2.84
N PRO C 404 55.39 37.99 2.22
CA PRO C 404 55.87 36.79 2.92
C PRO C 404 56.63 37.08 4.19
N GLY C 405 56.41 36.24 5.19
CA GLY C 405 56.93 36.46 6.55
C GLY C 405 55.92 37.16 7.47
N ASP C 406 54.97 37.87 6.89
CA ASP C 406 54.01 38.66 7.63
C ASP C 406 53.03 37.75 8.37
N GLU C 407 52.79 38.10 9.64
CA GLU C 407 51.72 37.50 10.44
C GLU C 407 50.49 38.42 10.48
N VAL C 408 49.41 37.95 9.83
CA VAL C 408 48.14 38.66 9.71
C VAL C 408 47.18 38.03 10.69
N VAL C 409 46.69 38.83 11.63
CA VAL C 409 45.78 38.34 12.64
C VAL C 409 44.49 39.11 12.53
N VAL C 410 43.36 38.41 12.37
CA VAL C 410 42.08 39.10 12.34
C VAL C 410 41.26 38.71 13.56
N GLU C 411 40.66 39.71 14.15
CA GLU C 411 40.00 39.54 15.41
C GLU C 411 38.61 40.16 15.36
N VAL C 412 37.57 39.40 15.71
CA VAL C 412 36.24 39.97 15.84
C VAL C 412 35.87 39.75 17.30
N GLU C 413 35.78 40.88 18.03
CA GLU C 413 35.30 40.98 19.43
C GLU C 413 34.21 40.01 19.80
N GLY C 414 34.48 39.03 20.65
CA GLY C 414 33.47 38.09 21.12
C GLY C 414 33.16 36.91 20.19
N VAL C 415 33.85 36.85 19.06
CA VAL C 415 33.61 35.82 18.05
C VAL C 415 34.88 35.00 17.83
N GLY C 416 36.02 35.66 17.63
CA GLY C 416 37.24 34.88 17.53
C GLY C 416 38.45 35.63 17.06
N ARG C 417 39.57 34.93 17.14
CA ARG C 417 40.85 35.43 16.70
C ARG C 417 41.41 34.44 15.68
N LEU C 418 41.75 34.92 14.49
CA LEU C 418 42.14 34.07 13.36
C LEU C 418 43.53 34.41 12.87
N VAL C 419 44.47 33.51 13.04
CA VAL C 419 45.89 33.80 12.64
C VAL C 419 46.24 33.13 11.31
N ASN C 420 46.95 33.88 10.48
CA ASN C 420 47.48 33.40 9.21
C ASN C 420 48.86 34.01 8.99
N ARG C 421 49.71 33.31 8.22
CA ARG C 421 51.08 33.74 7.87
C ARG C 421 51.26 33.76 6.36
N ILE C 422 51.76 34.85 5.81
CA ILE C 422 51.92 34.94 4.37
C ILE C 422 53.19 34.19 4.04
N VAL C 423 53.19 33.49 2.91
CA VAL C 423 54.40 32.81 2.39
C VAL C 423 54.60 33.04 0.89
N SER C 424 55.85 32.86 0.43
CA SER C 424 56.12 32.89 -0.99
C SER C 424 55.70 31.57 -1.67
N GLU C 425 55.63 31.63 -3.00
CA GLU C 425 55.39 30.45 -3.85
C GLU C 425 56.45 29.41 -3.56
N GLU C 426 57.70 29.86 -3.39
CA GLU C 426 58.79 28.94 -3.09
C GLU C 426 58.60 28.22 -1.74
N THR C 427 58.29 28.99 -0.71
CA THR C 427 58.14 28.46 0.62
C THR C 427 57.02 27.40 0.63
N ALA C 428 55.96 27.72 -0.09
CA ALA C 428 54.80 26.83 -0.15
C ALA C 428 55.07 25.53 -0.95
N LYS C 429 56.12 25.49 -1.77
CA LYS C 429 56.29 24.38 -2.72
C LYS C 429 56.97 23.17 -2.07
N MET D 1 -11.99 -1.72 21.25
CA MET D 1 -12.33 -3.11 21.64
C MET D 1 -12.57 -3.27 23.16
N LYS D 2 -12.72 -2.15 23.86
CA LYS D 2 -12.34 -2.04 25.29
C LYS D 2 -10.78 -1.94 25.46
N GLY D 3 -10.07 -1.74 24.35
CA GLY D 3 -8.70 -1.27 24.41
C GLY D 3 -8.84 0.23 24.17
N THR D 4 -7.76 1.00 24.31
CA THR D 4 -7.76 2.37 23.81
C THR D 4 -7.85 2.38 22.29
N ILE D 5 -8.73 3.23 21.76
CA ILE D 5 -8.94 3.41 20.34
C ILE D 5 -8.31 4.71 19.88
N PHE D 6 -7.17 4.57 19.23
CA PHE D 6 -6.51 5.68 18.65
C PHE D 6 -6.99 5.75 17.22
N ALA D 7 -6.73 6.87 16.57
CA ALA D 7 -7.15 7.10 15.21
C ALA D 7 -6.23 8.11 14.53
N VAL D 8 -6.06 7.97 13.24
CA VAL D 8 -5.30 8.97 12.48
C VAL D 8 -6.18 9.81 11.62
N ALA D 9 -5.86 11.10 11.69
CA ALA D 9 -6.51 12.12 10.91
C ALA D 9 -5.52 12.57 9.82
N LEU D 10 -6.07 13.16 8.77
CA LEU D 10 -5.32 13.62 7.60
C LEU D 10 -4.34 12.53 7.04
N ASN D 11 -4.85 11.30 6.87
CA ASN D 11 -4.00 10.19 6.41
C ASN D 11 -4.40 9.74 5.04
N HIS D 12 -5.36 10.43 4.42
CA HIS D 12 -5.88 9.97 3.16
C HIS D 12 -5.58 11.04 2.15
N ARG D 13 -4.93 10.65 1.05
CA ARG D 13 -4.43 11.65 0.10
C ARG D 13 -5.47 12.55 -0.52
N SER D 14 -6.73 12.14 -0.61
CA SER D 14 -7.80 13.03 -1.09
C SER D 14 -8.02 14.22 -0.17
N GLN D 15 -7.85 13.99 1.13
CA GLN D 15 -8.10 15.06 2.11
C GLN D 15 -6.92 16.00 2.17
N LEU D 16 -5.71 15.42 2.21
CA LEU D 16 -4.47 16.19 2.20
C LEU D 16 -4.50 17.11 0.98
N ASP D 17 -4.84 16.55 -0.18
CA ASP D 17 -5.01 17.35 -1.44
C ASP D 17 -6.01 18.49 -1.28
N ALA D 18 -7.19 18.20 -0.74
CA ALA D 18 -8.25 19.19 -0.61
C ALA D 18 -7.89 20.30 0.39
N TRP D 19 -7.03 19.99 1.35
CA TRP D 19 -6.60 20.94 2.41
C TRP D 19 -5.20 21.57 2.17
N GLN D 20 -4.62 21.28 1.01
CA GLN D 20 -3.30 21.80 0.65
C GLN D 20 -3.21 23.33 0.81
N GLU D 21 -4.16 24.04 0.21
CA GLU D 21 -4.20 25.52 0.23
C GLU D 21 -4.37 26.10 1.63
N ALA D 22 -5.31 25.53 2.39
CA ALA D 22 -5.61 25.98 3.75
C ALA D 22 -4.44 25.77 4.73
N PHE D 23 -3.65 24.71 4.51
CA PHE D 23 -2.50 24.39 5.38
C PHE D 23 -1.27 25.28 5.20
N GLN D 24 -1.36 26.25 4.28
CA GLN D 24 -0.33 27.28 4.06
C GLN D 24 -0.62 28.58 4.83
N GLN D 25 -1.86 28.73 5.30
CA GLN D 25 -2.30 29.92 5.99
C GLN D 25 -2.52 29.68 7.47
N SER D 26 -2.85 30.74 8.21
CA SER D 26 -3.32 30.64 9.59
C SER D 26 -4.67 29.92 9.65
N PRO D 27 -4.92 29.19 10.74
CA PRO D 27 -3.97 29.01 11.85
C PRO D 27 -2.96 27.89 11.64
N TYR D 28 -3.02 27.21 10.49
CA TYR D 28 -2.16 26.06 10.25
C TYR D 28 -0.72 26.51 10.05
N LYS D 29 -0.53 27.50 9.18
CA LYS D 29 0.79 28.09 8.81
C LYS D 29 1.55 27.15 7.84
N ALA D 30 1.88 25.94 8.31
CA ALA D 30 2.53 24.91 7.50
C ALA D 30 1.78 23.56 7.59
N PRO D 31 1.84 22.71 6.55
CA PRO D 31 1.17 21.39 6.58
C PRO D 31 1.70 20.46 7.67
N PRO D 32 0.97 19.38 7.97
CA PRO D 32 1.38 18.50 9.06
C PRO D 32 2.69 17.86 8.74
N LYS D 33 3.64 17.95 9.65
CA LYS D 33 4.89 17.24 9.45
C LYS D 33 4.54 15.80 9.80
N THR D 34 4.37 15.55 11.09
CA THR D 34 4.14 14.22 11.65
C THR D 34 2.67 13.73 11.60
N ALA D 35 2.41 12.52 12.09
CA ALA D 35 1.04 12.00 12.09
C ALA D 35 0.22 12.79 13.09
N VAL D 36 -1.02 13.05 12.71
CA VAL D 36 -2.04 13.78 13.48
C VAL D 36 -2.97 12.75 14.18
N TRP D 37 -2.92 12.65 15.52
CA TRP D 37 -3.66 11.61 16.24
C TRP D 37 -4.94 12.16 16.89
N PHE D 38 -5.99 11.34 16.92
CA PHE D 38 -7.08 11.56 17.89
C PHE D 38 -7.49 10.25 18.57
N ILE D 39 -8.37 10.37 19.57
CA ILE D 39 -8.76 9.24 20.41
C ILE D 39 -10.28 9.16 20.36
N LYS D 40 -10.78 7.92 20.24
CA LYS D 40 -12.24 7.65 20.36
C LYS D 40 -12.43 7.02 21.74
N PRO D 41 -12.88 7.80 22.72
CA PRO D 41 -12.87 7.36 24.12
C PRO D 41 -14.02 6.38 24.34
N ARG D 42 -14.01 5.75 25.49
CA ARG D 42 -14.81 4.56 25.77
C ARG D 42 -16.33 4.70 25.53
N ASN D 43 -16.85 5.88 25.77
CA ASN D 43 -18.29 6.18 25.49
C ASN D 43 -18.68 6.06 24.02
N THR D 44 -17.72 6.16 23.09
CA THR D 44 -18.01 6.07 21.67
C THR D 44 -18.05 4.65 21.15
N VAL D 45 -17.40 3.75 21.85
CA VAL D 45 -17.10 2.43 21.32
C VAL D 45 -18.26 1.47 21.52
N ILE D 46 -18.75 0.97 20.40
CA ILE D 46 -19.84 0.01 20.38
C ILE D 46 -19.56 -1.09 19.36
N GLY D 47 -20.30 -2.18 19.50
CA GLY D 47 -20.16 -3.31 18.61
C GLY D 47 -21.21 -3.34 17.54
N CYS D 48 -21.20 -4.45 16.82
CA CYS D 48 -22.12 -4.53 15.73
C CYS D 48 -23.53 -4.72 16.24
N GLY D 49 -24.47 -4.17 15.50
CA GLY D 49 -25.87 -4.14 15.91
C GLY D 49 -26.29 -3.11 16.95
N GLU D 50 -25.36 -2.46 17.63
CA GLU D 50 -25.69 -1.45 18.62
C GLU D 50 -26.00 -0.10 17.92
N PRO D 51 -26.89 0.72 18.46
CA PRO D 51 -27.26 1.95 17.79
C PRO D 51 -26.26 3.05 17.92
N ILE D 52 -26.15 3.82 16.84
CA ILE D 52 -25.51 5.13 16.82
C ILE D 52 -26.58 6.19 17.26
N PRO D 53 -26.48 6.73 18.48
CA PRO D 53 -27.44 7.75 18.92
C PRO D 53 -27.24 9.00 18.14
N PHE D 54 -28.29 9.48 17.48
CA PHE D 54 -28.16 10.63 16.64
C PHE D 54 -28.41 11.92 17.46
N PRO D 55 -27.50 12.87 17.53
CA PRO D 55 -27.80 14.11 18.28
C PRO D 55 -28.67 15.11 17.46
N GLN D 56 -29.86 15.45 17.95
CA GLN D 56 -30.76 16.31 17.19
C GLN D 56 -30.11 17.63 16.83
N GLY D 57 -30.40 18.12 15.62
CA GLY D 57 -29.93 19.42 15.18
C GLY D 57 -28.53 19.43 14.56
N GLU D 58 -27.97 18.24 14.43
CA GLU D 58 -26.59 18.14 14.03
C GLU D 58 -26.58 17.46 12.67
N LYS D 59 -25.52 17.71 11.91
CA LYS D 59 -25.28 16.93 10.72
C LYS D 59 -24.28 15.84 11.06
N VAL D 60 -24.64 14.60 10.78
CA VAL D 60 -23.81 13.45 11.12
C VAL D 60 -23.37 12.68 9.88
N LEU D 61 -22.08 12.36 9.82
CA LEU D 61 -21.44 11.66 8.69
C LEU D 61 -20.89 10.31 9.11
N SER D 62 -21.14 9.30 8.30
CA SER D 62 -20.53 8.00 8.48
C SER D 62 -19.05 8.12 8.13
N GLY D 63 -18.21 7.26 8.74
CA GLY D 63 -16.77 7.23 8.52
C GLY D 63 -16.17 5.82 8.50
N ALA D 64 -16.73 4.99 7.63
CA ALA D 64 -16.26 3.62 7.43
C ALA D 64 -14.73 3.59 7.25
N THR D 65 -14.05 2.66 7.91
CA THR D 65 -12.59 2.52 7.87
C THR D 65 -12.24 1.14 8.42
N VAL D 66 -10.98 0.91 8.67
CA VAL D 66 -10.48 -0.31 9.23
C VAL D 66 -9.44 0.05 10.28
N ALA D 67 -9.32 -0.76 11.30
CA ALA D 67 -8.40 -0.56 12.40
C ALA D 67 -7.43 -1.73 12.56
N LEU D 68 -6.15 -1.45 12.88
CA LEU D 68 -5.28 -2.51 13.37
C LEU D 68 -5.54 -2.77 14.82
N ILE D 69 -5.43 -4.00 15.21
CA ILE D 69 -5.57 -4.39 16.60
C ILE D 69 -4.22 -4.94 17.09
N VAL D 70 -3.74 -4.39 18.19
CA VAL D 70 -2.47 -4.78 18.77
C VAL D 70 -2.62 -6.10 19.52
N GLY D 71 -1.64 -6.98 19.29
CA GLY D 71 -1.59 -8.32 19.83
C GLY D 71 -0.57 -8.49 20.94
N LYS D 72 0.46 -7.65 20.95
CA LYS D 72 1.37 -7.61 22.10
C LYS D 72 1.98 -6.22 22.35
N THR D 73 2.41 -6.04 23.61
CA THR D 73 2.78 -4.71 24.11
C THR D 73 3.68 -4.07 23.09
N ALA D 74 3.33 -2.86 22.69
CA ALA D 74 4.02 -2.20 21.61
C ALA D 74 4.63 -0.94 22.16
N THR D 75 5.98 -0.92 22.18
CA THR D 75 6.79 0.22 22.65
C THR D 75 7.96 0.35 21.70
N LYS D 76 7.99 1.44 20.93
CA LYS D 76 9.03 1.68 19.95
C LYS D 76 9.27 0.53 19.02
N VAL D 77 8.16 0.07 18.44
CA VAL D 77 8.17 -0.95 17.40
C VAL D 77 8.77 -0.36 16.12
N ARG D 78 9.69 -1.12 15.52
CA ARG D 78 10.24 -0.76 14.24
C ARG D 78 9.19 -1.09 13.16
N GLU D 79 9.11 -0.30 12.11
CA GLU D 79 8.14 -0.56 11.03
C GLU D 79 8.12 -1.99 10.50
N GLU D 80 9.30 -2.48 10.13
CA GLU D 80 9.45 -3.80 9.50
C GLU D 80 9.13 -4.94 10.48
N ASP D 81 9.01 -4.63 11.77
CA ASP D 81 8.53 -5.61 12.75
C ASP D 81 7.06 -5.44 13.15
N ALA D 82 6.37 -4.50 12.52
CA ALA D 82 4.97 -4.17 12.85
C ALA D 82 4.10 -5.39 12.96
N ALA D 83 4.16 -6.25 11.96
CA ALA D 83 3.21 -7.34 11.83
C ALA D 83 3.18 -8.22 13.07
N GLU D 84 4.33 -8.41 13.71
CA GLU D 84 4.39 -9.35 14.85
C GLU D 84 3.67 -8.83 16.14
N TYR D 85 3.41 -7.53 16.19
CA TYR D 85 2.64 -6.85 17.26
C TYR D 85 1.17 -6.61 16.89
N ILE D 86 0.76 -6.94 15.66
CA ILE D 86 -0.63 -6.80 15.18
C ILE D 86 -1.36 -8.16 15.22
N ALA D 87 -2.38 -8.27 16.08
CA ALA D 87 -3.23 -9.47 16.18
C ALA D 87 -4.10 -9.67 14.95
N GLY D 88 -4.42 -8.58 14.27
CA GLY D 88 -5.33 -8.59 13.12
C GLY D 88 -6.00 -7.23 12.98
N TYR D 89 -7.14 -7.21 12.29
CA TYR D 89 -7.77 -5.98 11.82
C TYR D 89 -9.28 -6.09 12.06
N ALA D 90 -9.93 -4.95 12.27
CA ALA D 90 -11.40 -4.90 12.42
C ALA D 90 -11.95 -3.75 11.61
N LEU D 91 -13.14 -3.93 11.04
CA LEU D 91 -13.80 -2.82 10.40
C LEU D 91 -14.25 -1.90 11.54
N ALA D 92 -14.38 -0.64 11.20
CA ALA D 92 -14.79 0.38 12.16
C ALA D 92 -15.48 1.52 11.45
N ASN D 93 -16.10 2.39 12.25
CA ASN D 93 -16.77 3.53 11.69
C ASN D 93 -16.51 4.79 12.59
N ASP D 94 -15.68 5.70 12.10
CA ASP D 94 -15.43 6.98 12.79
C ASP D 94 -16.58 7.93 12.48
N VAL D 95 -17.70 7.70 13.12
CA VAL D 95 -18.88 8.56 12.95
C VAL D 95 -18.47 9.95 13.43
N SER D 96 -18.92 10.98 12.74
CA SER D 96 -18.41 12.31 12.98
C SER D 96 -19.35 13.42 12.54
N LEU D 97 -19.31 14.55 13.25
CA LEU D 97 -19.92 15.75 12.73
C LEU D 97 -18.91 16.23 11.69
N PRO D 98 -19.27 17.20 10.87
CA PRO D 98 -18.35 17.65 9.83
C PRO D 98 -16.97 18.09 10.28
N GLU D 99 -15.97 17.75 9.46
CA GLU D 99 -14.56 18.06 9.69
C GLU D 99 -14.28 19.42 9.04
N GLU D 100 -14.74 20.46 9.72
CA GLU D 100 -14.69 21.84 9.23
C GLU D 100 -13.35 22.53 9.59
N SER D 101 -12.74 22.14 10.70
CA SER D 101 -11.40 22.61 11.09
C SER D 101 -10.56 21.47 11.61
N PHE D 102 -9.25 21.53 11.39
CA PHE D 102 -8.28 20.62 12.02
C PHE D 102 -7.31 21.25 13.02
N TYR D 103 -7.55 22.51 13.36
CA TYR D 103 -6.71 23.23 14.32
C TYR D 103 -6.85 22.76 15.78
N ARG D 104 -8.06 22.88 16.32
CA ARG D 104 -8.37 22.47 17.70
C ARG D 104 -8.92 21.04 17.70
N PRO D 105 -8.71 20.28 18.79
CA PRO D 105 -9.23 18.91 18.87
C PRO D 105 -10.70 18.88 18.63
N ALA D 106 -11.13 17.85 17.93
CA ALA D 106 -12.51 17.78 17.47
C ALA D 106 -13.36 16.89 18.41
N ILE D 107 -13.55 17.37 19.63
CA ILE D 107 -14.21 16.60 20.68
C ILE D 107 -15.69 16.46 20.46
N LYS D 108 -16.41 17.57 20.33
CA LYS D 108 -17.82 17.56 20.00
C LYS D 108 -18.11 16.82 18.70
N ALA D 109 -17.19 16.87 17.74
CA ALA D 109 -17.38 16.22 16.46
C ALA D 109 -17.28 14.69 16.50
N LYS D 110 -16.35 14.16 17.28
CA LYS D 110 -15.94 12.75 17.20
C LYS D 110 -16.15 11.88 18.48
N CYS D 111 -16.45 12.51 19.63
CA CYS D 111 -16.40 11.85 20.91
C CYS D 111 -17.82 11.65 21.48
N ARG D 112 -18.83 11.81 20.64
CA ARG D 112 -20.23 11.64 21.05
C ARG D 112 -20.59 10.14 21.33
N ASP D 113 -21.58 9.87 22.17
CA ASP D 113 -21.80 8.47 22.47
C ASP D 113 -22.07 7.63 21.19
N GLY D 114 -21.55 6.42 21.15
CA GLY D 114 -21.81 5.51 20.07
C GLY D 114 -21.20 5.92 18.74
N PHE D 115 -20.27 6.88 18.75
CA PHE D 115 -19.70 7.37 17.51
C PHE D 115 -18.51 6.48 17.03
N CYS D 116 -18.30 5.30 17.61
CA CYS D 116 -17.22 4.43 17.11
C CYS D 116 -17.59 2.94 17.14
N PRO D 117 -18.51 2.58 16.25
CA PRO D 117 -18.70 1.17 15.93
C PRO D 117 -17.38 0.51 15.53
N ILE D 118 -17.15 -0.67 16.08
CA ILE D 118 -15.99 -1.47 15.70
C ILE D 118 -16.38 -2.95 15.71
N GLY D 119 -15.90 -3.61 14.67
CA GLY D 119 -16.37 -4.95 14.36
C GLY D 119 -15.43 -6.00 14.90
N GLU D 120 -15.50 -7.13 14.21
CA GLU D 120 -14.78 -8.35 14.51
C GLU D 120 -13.27 -8.21 14.16
N THR D 121 -12.40 -8.62 15.08
CA THR D 121 -10.97 -8.78 14.79
C THR D 121 -10.81 -10.02 13.89
N VAL D 122 -10.32 -9.79 12.70
CA VAL D 122 -10.01 -10.83 11.73
C VAL D 122 -8.49 -10.96 11.70
N ALA D 123 -7.99 -12.18 11.73
CA ALA D 123 -6.54 -12.40 11.74
C ALA D 123 -5.88 -12.28 10.36
N LEU D 124 -6.07 -11.19 9.62
CA LEU D 124 -5.38 -11.01 8.32
C LEU D 124 -3.91 -10.52 8.45
N SER D 125 -3.11 -10.85 7.45
CA SER D 125 -1.70 -10.44 7.33
C SER D 125 -1.55 -8.93 7.18
N ASN D 126 -2.41 -8.37 6.36
CA ASN D 126 -2.37 -6.96 5.99
C ASN D 126 -3.76 -6.49 5.57
N VAL D 127 -3.87 -5.20 5.29
CA VAL D 127 -5.07 -4.64 4.69
C VAL D 127 -4.64 -3.76 3.54
N ASP D 128 -3.65 -4.23 2.77
CA ASP D 128 -3.21 -3.52 1.56
C ASP D 128 -4.28 -3.62 0.50
N ASN D 129 -4.40 -2.57 -0.31
CA ASN D 129 -5.32 -2.48 -1.42
C ASN D 129 -6.75 -2.88 -1.07
N LEU D 130 -7.19 -2.47 0.10
CA LEU D 130 -8.52 -2.87 0.55
C LEU D 130 -9.58 -1.79 0.27
N THR D 131 -10.56 -2.09 -0.59
CA THR D 131 -11.73 -1.22 -0.75
C THR D 131 -12.72 -1.42 0.40
N ILE D 132 -13.16 -0.32 0.97
CA ILE D 132 -13.98 -0.29 2.21
C ILE D 132 -15.25 0.34 1.74
N TYR D 133 -16.36 -0.44 1.77
CA TYR D 133 -17.66 0.01 1.28
C TYR D 133 -18.59 0.41 2.43
N THR D 134 -19.44 1.39 2.16
CA THR D 134 -20.56 1.76 3.03
C THR D 134 -21.87 1.54 2.29
N GLU D 135 -22.83 0.90 2.95
CA GLU D 135 -24.18 0.77 2.42
C GLU D 135 -25.18 1.41 3.36
N ILE D 136 -26.07 2.22 2.84
CA ILE D 136 -27.10 2.83 3.68
C ILE D 136 -28.47 2.27 3.32
N ASN D 137 -29.15 1.65 4.26
CA ASN D 137 -30.46 1.07 3.97
C ASN D 137 -30.42 0.07 2.81
N GLY D 138 -29.28 -0.61 2.70
CA GLY D 138 -29.10 -1.70 1.76
C GLY D 138 -28.66 -1.25 0.39
N ARG D 139 -28.49 0.05 0.16
CA ARG D 139 -28.05 0.55 -1.14
C ARG D 139 -26.62 1.00 -1.02
N PRO D 140 -25.80 0.83 -2.07
CA PRO D 140 -24.44 1.34 -2.05
C PRO D 140 -24.41 2.85 -1.86
N ALA D 141 -23.48 3.31 -1.03
CA ALA D 141 -23.39 4.73 -0.70
C ALA D 141 -21.99 5.30 -0.86
N ASP D 142 -20.94 4.50 -0.66
CA ASP D 142 -19.57 5.00 -0.68
C ASP D 142 -18.61 3.85 -0.78
N HIS D 143 -17.43 4.14 -1.31
CA HIS D 143 -16.29 3.23 -1.22
C HIS D 143 -15.00 4.02 -1.32
N TRP D 144 -13.96 3.49 -0.66
CA TRP D 144 -12.61 4.00 -0.83
C TRP D 144 -11.60 2.87 -0.61
N ASN D 145 -10.32 3.15 -0.82
CA ASN D 145 -9.28 2.12 -0.82
C ASN D 145 -8.09 2.50 0.08
N THR D 146 -7.59 1.54 0.85
CA THR D 146 -6.46 1.76 1.75
C THR D 146 -5.13 2.07 1.08
N ALA D 147 -5.00 1.72 -0.21
CA ALA D 147 -3.80 2.10 -0.96
C ALA D 147 -3.70 3.63 -1.06
N ASP D 148 -4.77 4.40 -0.76
CA ASP D 148 -4.65 5.87 -0.86
C ASP D 148 -4.33 6.53 0.47
N LEU D 149 -4.03 5.71 1.46
CA LEU D 149 -3.51 6.22 2.73
C LEU D 149 -1.98 6.51 2.65
N GLN D 150 -1.59 7.65 3.21
CA GLN D 150 -0.20 8.08 3.29
C GLN D 150 0.61 7.15 4.16
N ARG D 151 0.12 6.89 5.37
CA ARG D 151 0.75 5.94 6.25
C ARG D 151 -0.11 4.69 6.33
N ASN D 152 0.55 3.54 6.23
CA ASN D 152 -0.09 2.27 6.35
C ASN D 152 -0.04 1.80 7.80
N ALA D 153 -0.67 0.65 8.04
CA ALA D 153 -0.82 0.11 9.39
C ALA D 153 0.52 0.01 10.16
N ALA D 154 1.58 -0.48 9.50
CA ALA D 154 2.89 -0.64 10.14
C ALA D 154 3.52 0.70 10.42
N GLN D 155 3.35 1.62 9.49
CA GLN D 155 3.85 2.96 9.65
C GLN D 155 3.18 3.65 10.85
N LEU D 156 1.88 3.44 10.98
CA LEU D 156 1.10 4.08 12.04
C LEU D 156 1.43 3.48 13.37
N LEU D 157 1.59 2.15 13.45
CA LEU D 157 1.95 1.52 14.72
C LEU D 157 3.35 1.99 15.16
N SER D 158 4.32 1.96 14.24
CA SER D 158 5.67 2.47 14.56
C SER D 158 5.68 3.96 15.04
N ALA D 159 5.03 4.85 14.31
CA ALA D 159 4.99 6.26 14.65
C ALA D 159 4.36 6.55 16.03
N LEU D 160 3.27 5.86 16.36
CA LEU D 160 2.52 6.15 17.58
C LEU D 160 3.32 5.63 18.74
N SER D 161 3.73 4.35 18.63
CA SER D 161 4.44 3.63 19.69
C SER D 161 5.87 4.18 19.91
N GLU D 162 6.28 5.06 19.01
CA GLU D 162 7.52 5.77 19.17
C GLU D 162 7.47 6.56 20.49
N PHE D 163 6.29 7.07 20.85
CA PHE D 163 6.09 7.79 22.11
C PHE D 163 5.01 7.28 23.08
N ALA D 164 4.03 6.54 22.57
CA ALA D 164 2.88 6.07 23.39
C ALA D 164 2.81 4.55 23.36
N THR D 165 2.93 3.86 24.50
CA THR D 165 2.99 2.40 24.49
C THR D 165 1.60 1.90 24.16
N LEU D 166 1.51 0.87 23.29
CA LEU D 166 0.23 0.19 23.00
C LEU D 166 0.13 -1.21 23.64
N ASN D 167 -1.00 -1.50 24.30
CA ASN D 167 -1.19 -2.77 25.00
C ASN D 167 -1.99 -3.69 24.09
N PRO D 168 -1.95 -5.00 24.37
CA PRO D 168 -2.77 -5.90 23.58
C PRO D 168 -4.20 -5.37 23.72
N GLY D 169 -4.84 -5.18 22.58
CA GLY D 169 -6.25 -4.90 22.51
C GLY D 169 -6.53 -3.46 22.11
N ASP D 170 -5.51 -2.60 22.23
CA ASP D 170 -5.57 -1.25 21.70
C ASP D 170 -5.68 -1.33 20.21
N ALA D 171 -6.25 -0.28 19.60
CA ALA D 171 -6.45 -0.17 18.17
C ALA D 171 -6.01 1.15 17.63
N ILE D 172 -5.78 1.19 16.33
CA ILE D 172 -5.60 2.41 15.59
C ILE D 172 -6.43 2.40 14.35
N LEU D 173 -7.35 3.34 14.22
CA LEU D 173 -8.09 3.51 12.99
C LEU D 173 -7.10 4.04 11.95
N LEU D 174 -7.22 3.48 10.74
CA LEU D 174 -6.32 3.79 9.62
C LEU D 174 -6.58 5.08 8.86
N GLY D 175 -7.74 5.69 9.05
CA GLY D 175 -8.08 6.89 8.33
C GLY D 175 -9.41 6.88 7.63
N THR D 176 -9.78 8.04 7.13
CA THR D 176 -10.96 8.24 6.35
C THR D 176 -10.68 9.28 5.26
N PRO D 177 -11.37 9.14 4.14
CA PRO D 177 -11.27 10.09 3.04
C PRO D 177 -12.03 11.37 3.22
N GLN D 178 -11.70 12.37 2.40
CA GLN D 178 -12.36 13.67 2.45
C GLN D 178 -13.84 13.51 2.27
N ALA D 179 -14.22 12.74 1.29
CA ALA D 179 -15.62 12.66 1.03
C ALA D 179 -16.27 11.58 1.91
N ARG D 180 -17.41 11.94 2.50
CA ARG D 180 -18.16 11.13 3.46
C ARG D 180 -19.65 11.21 3.14
N VAL D 181 -20.41 10.22 3.57
CA VAL D 181 -21.85 10.21 3.37
C VAL D 181 -22.61 10.48 4.67
N GLU D 182 -23.69 11.22 4.53
CA GLU D 182 -24.47 11.70 5.65
C GLU D 182 -25.48 10.65 6.07
N ILE D 183 -25.68 10.49 7.38
CA ILE D 183 -26.65 9.54 7.88
C ILE D 183 -27.74 10.26 8.65
N GLN D 184 -28.87 9.61 8.85
CA GLN D 184 -30.03 10.21 9.52
C GLN D 184 -30.75 9.19 10.40
N PRO D 185 -31.51 9.60 11.44
CA PRO D 185 -32.29 8.63 12.20
C PRO D 185 -33.10 7.73 11.34
N GLY D 186 -33.15 6.45 11.70
CA GLY D 186 -33.80 5.45 10.91
C GLY D 186 -32.86 4.71 9.95
N ASP D 187 -31.71 5.30 9.57
CA ASP D 187 -30.79 4.58 8.67
C ASP D 187 -30.22 3.27 9.27
N ARG D 188 -29.87 2.33 8.39
CA ARG D 188 -29.03 1.20 8.77
C ARG D 188 -27.76 1.38 8.00
N VAL D 189 -26.64 1.43 8.73
CA VAL D 189 -25.38 1.81 8.13
C VAL D 189 -24.47 0.56 8.19
N ARG D 190 -24.06 0.08 7.02
CA ARG D 190 -23.31 -1.18 6.93
C ARG D 190 -21.92 -0.87 6.36
N VAL D 191 -20.88 -1.37 7.00
CA VAL D 191 -19.53 -1.26 6.44
C VAL D 191 -19.15 -2.66 5.97
N LEU D 192 -18.56 -2.74 4.79
CA LEU D 192 -18.19 -4.03 4.17
C LEU D 192 -16.80 -3.97 3.57
N ALA D 193 -16.05 -5.07 3.68
CA ALA D 193 -14.83 -5.21 2.89
C ALA D 193 -14.41 -6.67 2.77
N GLU D 194 -13.63 -6.96 1.74
CA GLU D 194 -13.21 -8.33 1.46
C GLU D 194 -12.46 -8.91 2.66
N GLY D 195 -12.91 -10.06 3.16
CA GLY D 195 -12.26 -10.73 4.27
C GLY D 195 -12.84 -10.48 5.64
N PHE D 196 -13.79 -9.54 5.73
CA PHE D 196 -14.35 -9.18 7.05
C PHE D 196 -15.81 -9.47 7.06
N PRO D 197 -16.36 -9.81 8.22
CA PRO D 197 -17.80 -9.86 8.38
C PRO D 197 -18.25 -8.42 8.34
N PRO D 198 -19.37 -8.12 7.67
CA PRO D 198 -19.91 -6.76 7.69
C PRO D 198 -20.16 -6.22 9.08
N LEU D 199 -20.03 -4.91 9.19
CA LEU D 199 -20.27 -4.19 10.42
C LEU D 199 -21.54 -3.38 10.19
N GLU D 200 -22.62 -3.70 10.90
CA GLU D 200 -23.88 -2.98 10.68
C GLU D 200 -24.36 -2.32 11.99
N ASN D 201 -24.87 -1.11 11.90
CA ASN D 201 -25.46 -0.37 13.03
C ASN D 201 -26.65 0.47 12.65
N PRO D 202 -27.72 0.42 13.43
CA PRO D 202 -28.84 1.35 13.20
C PRO D 202 -28.62 2.77 13.79
N VAL D 203 -29.13 3.80 13.11
CA VAL D 203 -29.02 5.18 13.54
C VAL D 203 -30.37 5.47 14.23
N VAL D 204 -30.30 5.83 15.52
CA VAL D 204 -31.50 6.02 16.36
C VAL D 204 -31.47 7.41 17.00
N ASP D 205 -32.58 8.15 16.93
CA ASP D 205 -32.76 9.35 17.70
C ASP D 205 -32.25 9.13 19.13
N GLU D 206 -31.32 9.98 19.57
CA GLU D 206 -30.65 9.79 20.86
C GLU D 206 -31.66 9.77 22.02
N ARG D 207 -32.79 10.48 21.89
CA ARG D 207 -33.83 10.46 22.93
C ARG D 207 -34.44 9.09 23.08
N GLU D 208 -34.32 8.25 22.06
CA GLU D 208 -34.91 6.91 22.07
C GLU D 208 -34.01 5.80 22.61
N VAL D 209 -32.72 6.10 22.80
CA VAL D 209 -31.73 5.06 23.18
C VAL D 209 -31.69 4.84 24.69
N THR D 210 -31.57 4.03 25.24
CA THR D 210 -31.82 3.78 26.64
C THR D 210 -30.95 4.31 27.80
N THR D 211 -30.16 3.41 28.34
CA THR D 211 -29.58 3.57 29.66
C THR D 211 -28.19 4.12 29.77
N ARG D 212 -27.49 4.00 28.78
CA ARG D 212 -26.10 4.47 28.65
C ARG D 212 -25.09 3.41 29.12
N LYS D 213 -24.32 2.88 28.18
CA LYS D 213 -23.35 1.83 28.47
C LYS D 213 -22.58 2.23 29.71
N SER D 214 -22.45 1.26 30.61
CA SER D 214 -21.75 1.41 31.89
C SER D 214 -20.61 0.45 31.97
N PHE D 215 -19.57 0.80 32.72
CA PHE D 215 -18.32 0.08 32.72
C PHE D 215 -18.02 -0.46 34.14
N PRO D 216 -17.35 -1.58 34.24
CA PRO D 216 -16.97 -2.13 35.54
C PRO D 216 -16.02 -1.14 36.13
N THR D 217 -16.11 -0.94 37.44
CA THR D 217 -15.15 -0.14 38.15
C THR D 217 -13.83 -0.81 38.35
N LEU D 218 -12.84 0.02 38.13
CA LEU D 218 -11.48 -0.28 38.39
C LEU D 218 -10.87 0.85 39.22
N PRO D 219 -9.76 0.53 39.90
CA PRO D 219 -9.08 1.53 40.73
C PRO D 219 -8.65 2.75 39.94
N HIS D 220 -8.84 3.91 40.55
CA HIS D 220 -8.39 5.13 39.95
C HIS D 220 -6.90 4.97 39.85
N PRO D 221 -6.26 5.44 38.79
CA PRO D 221 -6.88 6.05 37.61
C PRO D 221 -7.33 5.11 36.53
N HIS D 222 -8.59 5.20 36.15
CA HIS D 222 -9.12 4.43 35.03
C HIS D 222 -10.37 5.10 34.54
N GLY D 223 -10.30 5.62 33.32
CA GLY D 223 -11.40 6.32 32.69
C GLY D 223 -10.86 7.23 31.64
N THR D 224 -11.74 7.94 30.94
CA THR D 224 -11.30 8.93 29.97
C THR D 224 -10.62 10.08 30.71
N LEU D 225 -9.52 10.57 30.17
CA LEU D 225 -8.81 11.69 30.76
C LEU D 225 -8.93 12.90 29.88
N PHE D 226 -9.84 13.76 30.30
CA PHE D 226 -10.06 15.04 29.70
C PHE D 226 -9.01 16.00 30.28
N ALA D 227 -8.57 16.90 29.47
CA ALA D 227 -7.65 17.97 29.93
C ALA D 227 -8.01 19.31 29.33
N LEU D 228 -7.97 20.37 30.14
CA LEU D 228 -8.27 21.72 29.68
C LEU D 228 -7.02 22.44 29.18
N GLY D 229 -7.22 23.28 28.17
CA GLY D 229 -6.21 24.22 27.74
C GLY D 229 -6.63 25.58 28.23
N LEU D 230 -5.66 26.41 28.61
CA LEU D 230 -5.87 27.77 29.04
C LEU D 230 -7.15 27.97 29.86
N ASN D 231 -7.05 27.77 31.16
CA ASN D 231 -8.23 27.91 32.00
C ASN D 231 -7.92 28.64 33.29
N TYR D 232 -6.86 29.44 33.30
CA TYR D 232 -6.53 30.28 34.47
C TYR D 232 -6.55 31.77 34.06
N ALA D 233 -7.24 32.61 34.83
CA ALA D 233 -7.45 34.02 34.46
C ALA D 233 -6.21 34.85 34.70
N ASP D 234 -5.34 34.38 35.58
CA ASP D 234 -3.94 34.80 35.59
C ASP D 234 -3.60 36.05 34.77
N HIS D 235 -3.55 36.76 35.53
CA HIS D 235 -4.21 37.91 35.08
C HIS D 235 -3.64 38.67 33.91
N PRO D 244 -11.67 31.62 27.54
CA PRO D 244 -11.96 32.07 26.17
C PRO D 244 -13.46 32.12 25.86
N GLU D 245 -13.88 31.71 24.66
CA GLU D 245 -15.30 31.72 24.29
C GLU D 245 -16.00 30.44 24.78
N GLU D 246 -15.42 29.29 24.44
CA GLU D 246 -15.72 28.01 25.11
C GLU D 246 -14.42 27.26 25.49
N PRO D 247 -14.53 26.26 26.37
CA PRO D 247 -13.34 25.60 26.89
C PRO D 247 -12.60 24.85 25.80
N LEU D 248 -11.28 24.86 25.85
CA LEU D 248 -10.49 24.04 24.96
C LEU D 248 -10.19 22.75 25.66
N VAL D 249 -10.82 21.67 25.20
CA VAL D 249 -10.68 20.39 25.85
C VAL D 249 -10.00 19.42 24.91
N PHE D 250 -9.05 18.64 25.44
CA PHE D 250 -8.43 17.55 24.71
C PHE D 250 -8.36 16.30 25.54
N LEU D 251 -8.09 15.17 24.88
CA LEU D 251 -7.99 13.87 25.56
C LEU D 251 -6.54 13.39 25.65
N LYS D 252 -6.24 12.66 26.70
CA LYS D 252 -4.95 12.04 26.89
C LYS D 252 -5.15 10.52 27.02
N ALA D 253 -4.29 9.72 26.39
CA ALA D 253 -4.29 8.24 26.55
C ALA D 253 -3.72 7.74 27.86
N PRO D 254 -4.19 6.61 28.35
CA PRO D 254 -3.84 6.21 29.70
C PRO D 254 -2.37 5.88 29.91
N ASN D 255 -1.67 5.49 28.86
CA ASN D 255 -0.26 5.14 29.06
C ASN D 255 0.61 6.38 29.36
N THR D 256 0.06 7.59 29.25
CA THR D 256 0.77 8.77 29.75
C THR D 256 0.79 8.82 31.27
N LEU D 257 -0.16 8.17 31.96
CA LEU D 257 -0.16 8.17 33.42
C LEU D 257 1.00 7.39 34.07
N THR D 258 1.57 7.97 35.12
CA THR D 258 2.42 7.22 36.05
C THR D 258 2.08 7.65 37.47
N GLY D 259 2.59 6.90 38.43
CA GLY D 259 2.24 7.05 39.83
C GLY D 259 3.15 8.03 40.56
N ASP D 260 3.04 8.05 41.88
CA ASP D 260 3.79 8.97 42.73
C ASP D 260 5.20 8.44 42.93
N ASN D 261 6.17 9.36 42.95
CA ASN D 261 7.61 9.06 43.15
C ASN D 261 8.16 8.10 42.10
N GLN D 262 7.84 8.42 40.84
CA GLN D 262 8.35 7.74 39.67
C GLN D 262 9.12 8.75 38.85
N THR D 263 9.57 8.36 37.65
CA THR D 263 10.40 9.21 36.80
C THR D 263 9.72 9.44 35.52
N SER D 264 9.96 10.59 34.93
CA SER D 264 9.44 10.92 33.64
C SER D 264 10.60 11.26 32.75
N VAL D 265 10.58 10.71 31.54
CA VAL D 265 11.65 10.89 30.56
C VAL D 265 11.61 12.24 29.83
N ARG D 266 12.69 13.00 29.94
CA ARG D 266 12.93 14.14 29.05
C ARG D 266 13.57 13.54 27.81
N PRO D 267 13.04 13.84 26.63
CA PRO D 267 13.62 13.39 25.37
C PRO D 267 15.01 13.98 25.11
N ASN D 268 15.90 13.21 24.46
CA ASN D 268 17.21 13.74 24.01
C ASN D 268 16.93 14.88 23.03
N ASN D 269 17.81 15.88 23.05
CA ASN D 269 17.84 16.97 22.06
C ASN D 269 16.60 17.83 21.89
N ILE D 270 15.96 18.22 23.00
CA ILE D 270 14.90 19.22 22.96
C ILE D 270 15.20 20.39 23.87
N GLU D 271 14.64 21.53 23.54
CA GLU D 271 14.83 22.76 24.29
C GLU D 271 14.04 22.94 25.60
N TYR D 272 12.75 22.60 25.62
CA TYR D 272 11.82 23.10 26.64
C TYR D 272 10.76 22.05 27.02
N MET D 273 10.98 21.36 28.14
CA MET D 273 10.01 20.45 28.80
C MET D 273 9.59 21.10 30.14
N HIS D 274 8.28 21.24 30.37
CA HIS D 274 7.76 21.90 31.56
C HIS D 274 6.66 21.12 32.33
N TYR D 275 6.69 21.25 33.67
CA TYR D 275 5.64 20.72 34.58
C TYR D 275 4.35 21.49 34.33
N GLU D 276 3.23 20.97 34.78
CA GLU D 276 2.03 21.78 34.86
C GLU D 276 1.20 21.24 35.99
N ALA D 277 1.21 21.95 37.10
CA ALA D 277 0.43 21.53 38.27
C ALA D 277 -1.03 21.70 37.94
N GLU D 278 -1.85 20.70 38.25
CA GLU D 278 -3.30 20.81 37.95
C GLU D 278 -4.13 20.09 38.99
N LEU D 279 -5.30 20.64 39.24
CA LEU D 279 -6.32 19.95 40.03
C LEU D 279 -7.08 19.07 39.05
N VAL D 280 -7.31 17.84 39.47
CA VAL D 280 -8.03 16.85 38.67
C VAL D 280 -9.32 16.49 39.37
N VAL D 281 -10.42 16.55 38.61
CA VAL D 281 -11.74 16.15 39.15
C VAL D 281 -12.00 14.73 38.69
N VAL D 282 -12.50 13.86 39.59
CA VAL D 282 -12.81 12.48 39.22
C VAL D 282 -14.31 12.28 39.34
N ILE D 283 -14.90 11.76 38.28
CA ILE D 283 -16.34 11.56 38.21
C ILE D 283 -16.67 10.32 39.05
N GLY D 284 -17.76 10.41 39.82
CA GLY D 284 -18.27 9.31 40.64
C GLY D 284 -19.64 8.72 40.25
N LYS D 285 -20.37 9.40 39.39
CA LYS D 285 -21.70 8.93 38.97
C LYS D 285 -21.91 9.25 37.52
N GLN D 286 -22.51 8.29 36.79
CA GLN D 286 -22.76 8.46 35.38
C GLN D 286 -23.56 9.75 35.14
N ALA D 287 -23.02 10.63 34.30
CA ALA D 287 -23.62 11.94 34.05
C ALA D 287 -23.85 12.23 32.57
N ARG D 288 -25.09 12.57 32.22
CA ARG D 288 -25.46 12.95 30.86
C ARG D 288 -26.53 14.05 30.95
N ASN D 289 -26.30 15.17 30.27
CA ASN D 289 -27.16 16.37 30.32
C ASN D 289 -27.42 16.85 31.75
N VAL D 290 -26.35 17.07 32.51
CA VAL D 290 -26.44 17.52 33.90
C VAL D 290 -26.24 19.01 33.95
N SER D 291 -27.09 19.69 34.73
CA SER D 291 -27.05 21.12 34.83
C SER D 291 -25.86 21.55 35.66
N GLU D 292 -25.48 22.79 35.53
CA GLU D 292 -24.34 23.24 36.29
C GLU D 292 -24.69 23.12 37.79
N ALA D 293 -25.95 23.43 38.14
CA ALA D 293 -26.41 23.45 39.53
C ALA D 293 -26.40 22.06 40.18
N ASP D 294 -26.55 20.98 39.41
CA ASP D 294 -26.49 19.61 39.93
C ASP D 294 -25.12 18.88 39.78
N ALA D 295 -24.17 19.48 39.03
CA ALA D 295 -22.93 18.80 38.58
C ALA D 295 -22.13 18.22 39.71
N MET D 296 -22.07 18.93 40.83
CA MET D 296 -21.27 18.47 41.96
C MET D 296 -21.74 17.11 42.50
N ASP D 297 -23.00 16.77 42.29
CA ASP D 297 -23.52 15.48 42.74
C ASP D 297 -22.90 14.33 41.99
N TYR D 298 -22.25 14.64 40.87
CA TYR D 298 -21.68 13.62 40.07
C TYR D 298 -20.20 13.51 40.28
N VAL D 299 -19.62 14.21 41.26
CA VAL D 299 -18.19 14.11 41.54
C VAL D 299 -17.92 13.11 42.68
N ALA D 300 -16.91 12.26 42.56
CA ALA D 300 -16.43 11.41 43.67
C ALA D 300 -15.39 12.20 44.47
N GLY D 301 -14.49 12.90 43.78
CA GLY D 301 -13.47 13.61 44.54
C GLY D 301 -12.40 14.15 43.66
N TYR D 302 -11.23 14.43 44.24
CA TYR D 302 -10.20 15.22 43.62
C TYR D 302 -8.84 14.56 43.79
N THR D 303 -7.98 14.78 42.82
CA THR D 303 -6.62 14.32 42.91
C THR D 303 -5.75 15.37 42.22
N VAL D 304 -4.45 15.11 42.12
CA VAL D 304 -3.54 16.07 41.51
C VAL D 304 -2.73 15.37 40.42
N CYS D 305 -2.43 16.11 39.35
CA CYS D 305 -1.59 15.58 38.30
C CYS D 305 -0.55 16.63 37.92
N ASN D 306 0.47 16.16 37.21
CA ASN D 306 1.55 16.99 36.65
C ASN D 306 1.49 16.77 35.15
N ASP D 307 0.92 17.72 34.45
CA ASP D 307 0.60 17.61 33.03
C ASP D 307 1.73 18.19 32.18
N TYR D 308 2.83 17.44 32.13
CA TYR D 308 4.04 17.93 31.51
C TYR D 308 3.76 18.25 30.04
N ALA D 309 4.60 19.09 29.44
CA ALA D 309 4.58 19.31 28.00
C ALA D 309 6.04 19.37 27.44
N ILE D 310 6.24 18.74 26.28
CA ILE D 310 7.42 18.97 25.42
C ILE D 310 7.00 20.02 24.37
N ARG D 311 7.29 21.29 24.66
CA ARG D 311 6.83 22.42 23.82
C ARG D 311 7.30 22.32 22.34
N ASP D 312 8.47 21.73 22.17
CA ASP D 312 9.18 21.57 20.86
C ASP D 312 8.28 20.87 19.85
N TYR D 313 7.61 19.82 20.34
CA TYR D 313 6.84 18.90 19.49
C TYR D 313 5.45 19.42 19.09
N LEU D 314 5.11 20.66 19.46
CA LEU D 314 3.80 21.25 19.19
C LEU D 314 3.59 21.56 17.72
N GLU D 315 2.37 21.33 17.24
CA GLU D 315 2.00 21.65 15.87
C GLU D 315 0.62 22.24 15.82
N ASN D 316 0.15 22.62 14.64
CA ASN D 316 -1.14 23.27 14.55
C ASN D 316 -2.20 22.30 14.03
N TYR D 317 -2.08 21.03 14.44
CA TYR D 317 -3.06 20.02 14.07
C TYR D 317 -3.53 19.25 15.32
N TYR D 318 -4.82 19.40 15.62
CA TYR D 318 -5.46 18.87 16.83
C TYR D 318 -4.57 19.16 18.07
N ARG D 319 -4.34 20.48 18.24
CA ARG D 319 -3.35 21.08 19.16
C ARG D 319 -3.97 21.39 20.51
N PRO D 320 -3.30 21.09 21.64
CA PRO D 320 -2.04 20.39 21.65
C PRO D 320 -2.25 18.91 21.35
N ASN D 321 -1.31 18.32 20.61
CA ASN D 321 -1.38 16.95 20.07
C ASN D 321 -0.75 15.85 20.92
N LEU D 322 -1.01 14.58 20.56
CA LEU D 322 -0.66 13.44 21.39
C LEU D 322 0.82 13.29 21.70
N ARG D 323 1.67 13.68 20.74
CA ARG D 323 3.13 13.57 20.88
C ARG D 323 3.72 14.54 21.94
N VAL D 324 2.93 15.56 22.23
CA VAL D 324 3.15 16.52 23.31
C VAL D 324 2.52 15.97 24.62
N LYS D 325 1.26 15.52 24.48
CA LYS D 325 0.43 15.28 25.66
C LYS D 325 0.08 13.85 26.04
N SER D 326 0.31 12.86 25.18
CA SER D 326 0.24 11.47 25.66
C SER D 326 1.55 10.70 25.50
N ARG D 327 2.61 11.16 26.19
CA ARG D 327 3.87 10.43 26.10
C ARG D 327 3.89 9.54 27.29
N ASP D 328 4.54 8.40 27.13
CA ASP D 328 4.61 7.46 28.22
C ASP D 328 5.22 8.09 29.50
N GLY D 329 4.52 7.89 30.60
CA GLY D 329 4.99 8.33 31.91
C GLY D 329 5.08 9.82 32.20
N LEU D 330 4.60 10.66 31.28
CA LEU D 330 4.63 12.13 31.38
C LEU D 330 3.41 12.79 31.99
N THR D 331 2.59 12.01 32.65
CA THR D 331 1.51 12.60 33.43
C THR D 331 1.47 11.91 34.76
N PRO D 332 2.41 12.20 35.65
CA PRO D 332 2.28 11.66 37.00
C PRO D 332 0.93 12.09 37.56
N MET D 333 0.31 11.19 38.28
CA MET D 333 -0.96 11.42 38.92
C MET D 333 -1.05 10.59 40.17
N LEU D 334 -1.53 11.25 41.22
CA LEU D 334 -1.74 10.56 42.46
C LEU D 334 -2.80 9.51 42.19
N SER D 335 -2.55 8.34 42.75
CA SER D 335 -3.40 7.18 42.64
C SER D 335 -4.45 7.16 43.75
N THR D 336 -4.50 8.19 44.60
CA THR D 336 -5.51 8.33 45.66
C THR D 336 -6.48 9.41 45.20
N ILE D 337 -7.67 9.39 45.76
CA ILE D 337 -8.59 10.50 45.58
C ILE D 337 -9.00 11.02 46.92
N VAL D 338 -9.09 12.33 47.07
CA VAL D 338 -9.67 12.87 48.28
C VAL D 338 -11.15 12.95 48.00
N PRO D 339 -11.98 12.37 48.84
CA PRO D 339 -13.42 12.39 48.55
C PRO D 339 -13.94 13.84 48.56
N LYS D 340 -14.98 14.08 47.78
CA LYS D 340 -15.44 15.46 47.62
C LYS D 340 -15.94 16.05 48.94
N GLU D 341 -16.39 15.22 49.87
CA GLU D 341 -16.84 15.74 51.17
C GLU D 341 -15.72 16.39 51.96
N ALA D 342 -14.47 16.00 51.72
CA ALA D 342 -13.34 16.60 52.46
C ALA D 342 -12.97 17.97 52.01
N ILE D 343 -13.26 18.27 50.76
CA ILE D 343 -12.88 19.50 50.08
C ILE D 343 -14.12 20.28 49.91
N PRO D 344 -14.47 21.05 50.90
CA PRO D 344 -15.75 21.67 50.76
C PRO D 344 -15.69 22.83 49.74
N ASP D 345 -14.50 23.26 49.33
CA ASP D 345 -14.27 24.51 48.60
C ASP D 345 -13.27 24.35 47.45
N PRO D 346 -13.66 23.64 46.39
CA PRO D 346 -12.70 23.29 45.32
C PRO D 346 -12.22 24.46 44.47
N HIS D 347 -12.90 25.59 44.49
CA HIS D 347 -12.46 26.82 43.83
C HIS D 347 -11.68 27.76 44.78
N ASN D 348 -11.11 27.17 45.82
CA ASN D 348 -10.34 27.87 46.87
C ASN D 348 -8.95 27.28 47.11
N LEU D 349 -8.43 26.48 46.18
CA LEU D 349 -7.28 25.62 46.44
C LEU D 349 -6.04 26.23 45.82
N THR D 350 -4.96 26.15 46.57
CA THR D 350 -3.68 26.66 46.09
C THR D 350 -2.93 25.56 45.38
N LEU D 351 -2.39 25.86 44.20
CA LEU D 351 -1.44 24.97 43.53
C LEU D 351 -0.05 25.57 43.61
N ARG D 352 0.93 24.70 43.84
CA ARG D 352 2.34 25.04 43.72
C ARG D 352 3.16 23.92 43.06
N THR D 353 4.19 24.30 42.31
CA THR D 353 5.20 23.35 41.89
C THR D 353 6.57 23.75 42.43
N PHE D 354 7.29 22.80 43.00
CA PHE D 354 8.67 23.02 43.41
C PHE D 354 9.58 22.32 42.42
N VAL D 355 10.76 22.91 42.19
CA VAL D 355 11.84 22.19 41.50
C VAL D 355 13.11 22.17 42.35
N ASN D 356 13.48 20.99 42.84
CA ASN D 356 14.61 20.80 43.75
C ASN D 356 14.47 21.62 45.07
N GLY D 357 13.23 21.89 45.50
CA GLY D 357 12.94 22.70 46.68
C GLY D 357 12.65 24.18 46.46
N GLU D 358 12.91 24.68 45.25
CA GLU D 358 12.64 26.07 44.92
C GLU D 358 11.16 26.12 44.60
N LEU D 359 10.51 27.26 44.85
CA LEU D 359 9.13 27.45 44.50
C LEU D 359 9.12 28.12 43.16
N ARG D 360 8.48 27.47 42.20
CA ARG D 360 8.54 27.92 40.81
C ARG D 360 7.21 28.21 40.15
N GLN D 361 6.15 27.62 40.66
CA GLN D 361 4.82 27.90 40.15
C GLN D 361 3.86 27.97 41.32
N GLN D 362 2.94 28.92 41.25
CA GLN D 362 1.94 29.14 42.29
C GLN D 362 0.65 29.77 41.72
N GLY D 363 -0.49 29.32 42.22
CA GLY D 363 -1.77 29.83 41.78
C GLY D 363 -2.94 29.38 42.66
N THR D 364 -4.11 29.79 42.29
CA THR D 364 -5.33 29.35 43.01
C THR D 364 -6.46 28.96 42.09
N THR D 365 -7.23 27.95 42.47
CA THR D 365 -8.39 27.55 41.69
C THR D 365 -9.53 28.57 41.70
N ALA D 366 -9.41 29.61 42.52
CA ALA D 366 -10.27 30.78 42.41
C ALA D 366 -10.14 31.50 41.09
N ASP D 367 -9.05 31.22 40.34
CA ASP D 367 -8.84 31.80 39.02
C ASP D 367 -9.17 30.85 37.89
N LEU D 368 -9.75 29.68 38.15
CA LEU D 368 -10.34 28.90 37.03
C LEU D 368 -11.31 29.72 36.22
N ILE D 369 -11.13 29.75 34.90
CA ILE D 369 -12.06 30.47 34.04
C ILE D 369 -13.40 29.73 33.93
N PHE D 370 -13.31 28.50 33.46
CA PHE D 370 -14.42 27.56 33.46
C PHE D 370 -14.40 26.70 34.74
N SER D 371 -15.45 26.84 35.57
CA SER D 371 -15.46 26.18 36.88
C SER D 371 -15.66 24.67 36.71
N VAL D 372 -15.47 23.93 37.81
CA VAL D 372 -15.68 22.52 37.85
C VAL D 372 -17.10 22.16 37.40
N PRO D 373 -18.17 22.69 38.03
CA PRO D 373 -19.51 22.34 37.59
C PRO D 373 -19.84 22.83 36.19
N PHE D 374 -19.30 23.95 35.74
CA PHE D 374 -19.49 24.35 34.35
C PHE D 374 -18.89 23.33 33.37
N LEU D 375 -17.68 22.86 33.66
CA LEU D 375 -17.03 21.83 32.82
C LEU D 375 -17.83 20.54 32.74
N ILE D 376 -18.36 20.08 33.89
CA ILE D 376 -19.12 18.83 33.94
C ILE D 376 -20.41 18.94 33.15
N ALA D 377 -21.12 20.03 33.39
CA ALA D 377 -22.33 20.35 32.62
C ALA D 377 -22.01 20.45 31.12
N TYR D 378 -20.88 21.09 30.77
CA TYR D 378 -20.50 21.36 29.39
C TYR D 378 -20.20 20.05 28.60
N LEU D 379 -19.33 19.23 29.20
CA LEU D 379 -19.00 17.90 28.64
C LEU D 379 -20.21 17.01 28.55
N SER D 380 -21.03 16.98 29.61
CA SER D 380 -22.13 16.00 29.69
C SER D 380 -23.28 16.38 28.79
N GLU D 381 -23.23 17.57 28.26
CA GLU D 381 -24.22 18.05 27.30
C GLU D 381 -24.09 17.28 25.96
N PHE D 382 -22.88 16.81 25.65
CA PHE D 382 -22.65 16.12 24.37
C PHE D 382 -22.03 14.72 24.46
N MET D 383 -21.64 14.28 25.64
CA MET D 383 -21.14 12.91 25.84
C MET D 383 -21.37 12.44 27.29
N THR D 384 -21.58 11.15 27.47
CA THR D 384 -21.70 10.57 28.77
C THR D 384 -20.38 10.51 29.50
N LEU D 385 -20.40 11.08 30.72
CA LEU D 385 -19.31 10.94 31.66
C LEU D 385 -19.59 9.74 32.52
N ASN D 386 -18.58 8.93 32.73
CA ASN D 386 -18.71 7.71 33.54
C ASN D 386 -17.79 7.69 34.74
N PRO D 387 -18.14 6.98 35.80
CA PRO D 387 -17.27 6.88 36.94
C PRO D 387 -15.87 6.48 36.57
N GLY D 388 -14.91 7.22 37.12
CA GLY D 388 -13.52 6.98 36.83
C GLY D 388 -13.04 8.01 35.86
N ASP D 389 -13.91 8.64 35.07
CA ASP D 389 -13.42 9.71 34.17
C ASP D 389 -12.81 10.84 35.00
N MET D 390 -11.85 11.50 34.40
CA MET D 390 -11.00 12.53 35.07
C MET D 390 -10.96 13.79 34.19
N ILE D 391 -11.03 14.95 34.84
CA ILE D 391 -10.91 16.24 34.20
C ILE D 391 -9.76 17.01 34.85
N ALA D 392 -8.69 17.21 34.08
CA ALA D 392 -7.58 18.02 34.48
C ALA D 392 -7.88 19.45 34.12
N THR D 393 -8.00 20.29 35.16
CA THR D 393 -8.71 21.55 35.01
C THR D 393 -7.81 22.71 34.57
N GLY D 394 -6.55 22.39 34.36
CA GLY D 394 -5.65 23.34 33.72
C GLY D 394 -4.62 23.79 34.72
N THR D 395 -3.75 24.75 34.32
CA THR D 395 -2.61 25.15 35.14
C THR D 395 -2.43 26.69 35.12
N PRO D 396 -2.00 27.23 36.26
CA PRO D 396 -1.78 28.68 36.36
C PRO D 396 -0.45 29.06 35.70
N LYS D 397 -0.19 30.36 35.64
CA LYS D 397 1.11 30.86 35.15
C LYS D 397 2.25 30.29 35.92
N GLY D 398 3.42 30.29 35.31
CA GLY D 398 4.61 29.99 36.07
C GLY D 398 5.34 28.76 35.64
N LEU D 399 5.51 28.67 34.34
CA LEU D 399 6.10 27.50 33.71
C LEU D 399 7.58 27.70 33.48
N SER D 400 8.35 26.64 33.67
CA SER D 400 9.80 26.67 33.44
C SER D 400 10.38 25.29 33.14
N ASP D 401 11.58 25.27 32.55
CA ASP D 401 12.24 24.06 32.04
C ASP D 401 12.74 23.14 33.14
N VAL D 402 12.70 21.83 32.89
CA VAL D 402 13.17 20.83 33.87
C VAL D 402 14.03 19.74 33.19
N VAL D 403 15.06 19.24 33.89
CA VAL D 403 16.10 18.40 33.28
C VAL D 403 16.43 17.20 34.16
N PRO D 404 17.08 16.18 33.59
CA PRO D 404 17.37 14.94 34.33
C PRO D 404 18.10 15.17 35.63
N GLY D 405 17.71 14.43 36.67
CA GLY D 405 18.16 14.68 38.04
C GLY D 405 17.21 15.56 38.85
N ASP D 406 16.50 16.46 38.18
CA ASP D 406 15.48 17.33 38.80
C ASP D 406 14.39 16.57 39.60
N GLU D 407 14.10 17.07 40.82
CA GLU D 407 12.93 16.62 41.58
C GLU D 407 11.80 17.69 41.48
N VAL D 408 10.72 17.31 40.76
CA VAL D 408 9.52 18.15 40.58
C VAL D 408 8.39 17.68 41.52
N VAL D 409 7.93 18.59 42.38
CA VAL D 409 6.86 18.28 43.32
C VAL D 409 5.68 19.21 43.00
N VAL D 410 4.54 18.62 42.66
CA VAL D 410 3.31 19.41 42.53
C VAL D 410 2.46 19.17 43.75
N GLU D 411 1.88 20.26 44.22
CA GLU D 411 1.17 20.28 45.48
C GLU D 411 -0.12 21.05 45.32
N VAL D 412 -1.22 20.45 45.76
CA VAL D 412 -2.52 21.14 45.87
C VAL D 412 -2.98 21.00 47.32
N GLU D 413 -2.91 22.13 48.04
CA GLU D 413 -3.50 22.36 49.37
C GLU D 413 -4.69 21.47 49.66
N GLY D 414 -4.53 20.50 50.56
CA GLY D 414 -5.62 19.64 51.00
C GLY D 414 -6.01 18.50 50.09
N VAL D 415 -5.34 18.37 48.96
CA VAL D 415 -5.63 17.33 47.99
C VAL D 415 -4.46 16.33 47.91
N GLY D 416 -3.25 16.83 47.63
CA GLY D 416 -2.11 15.95 47.72
C GLY D 416 -0.79 16.51 47.28
N ARG D 417 0.25 15.69 47.47
CA ARG D 417 1.62 16.07 47.13
C ARG D 417 2.14 15.02 46.16
N LEU D 418 2.61 15.45 44.99
CA LEU D 418 2.94 14.51 43.93
C LEU D 418 4.36 14.72 43.48
N VAL D 419 5.21 13.75 43.82
CA VAL D 419 6.64 13.80 43.57
C VAL D 419 6.93 13.07 42.24
N ASN D 420 7.76 13.71 41.43
CA ASN D 420 8.26 13.15 40.18
C ASN D 420 9.76 13.49 40.10
N ARG D 421 10.51 12.60 39.46
CA ARG D 421 11.95 12.79 39.24
C ARG D 421 12.10 12.70 37.72
N ILE D 422 12.71 13.70 37.10
CA ILE D 422 13.04 13.67 35.67
C ILE D 422 14.27 12.74 35.47
N VAL D 423 14.28 12.03 34.33
CA VAL D 423 15.43 11.22 33.91
C VAL D 423 15.69 11.41 32.41
N SER D 424 16.85 10.94 31.99
CA SER D 424 17.24 11.00 30.58
C SER D 424 16.70 9.72 29.92
N GLU D 425 16.66 9.71 28.58
CA GLU D 425 16.41 8.47 27.82
C GLU D 425 17.37 7.33 28.19
N GLU D 426 18.65 7.68 28.38
CA GLU D 426 19.72 6.73 28.69
C GLU D 426 19.51 6.06 30.06
N THR D 427 19.14 6.86 31.06
CA THR D 427 18.95 6.35 32.42
C THR D 427 17.73 5.41 32.48
N ALA D 428 16.73 5.71 31.66
CA ALA D 428 15.47 4.98 31.62
C ALA D 428 15.57 3.66 30.83
N LYS D 429 16.51 3.57 29.87
CA LYS D 429 16.48 2.44 28.91
C LYS D 429 16.87 1.12 29.55
CA CA E . -37.02 -40.06 -0.63
CA CA F . 3.25 -21.74 -30.86
CA CA G . 35.38 40.78 1.02
CA CA H . -2.58 21.22 30.99
#